data_1WG4
#
_entry.id   1WG4
#
_entity_poly.entity_id   1
_entity_poly.type   'polypeptide(L)'
_entity_poly.pdbx_seq_one_letter_code
;GSSGSSGGPPTRRSDFRVLVSGLPPSGSWQDLKDHMREAGDVCYADVQKDGMGMVEYLRKEDMEYALRKLDDTKFRSHEG
ETSYIRVYPERSSGPSSG
;
_entity_poly.pdbx_strand_id   A
#
# COMPACT_ATOMS: atom_id res chain seq x y z
N GLY A 1 12.47 0.63 -14.96
CA GLY A 1 11.10 0.97 -14.63
C GLY A 1 10.97 2.44 -14.24
N SER A 2 9.92 3.06 -14.73
CA SER A 2 9.67 4.47 -14.44
C SER A 2 8.17 4.76 -14.52
N SER A 3 7.60 4.46 -15.68
CA SER A 3 6.18 4.69 -15.90
C SER A 3 5.86 6.19 -15.79
N GLY A 4 5.13 6.68 -16.77
CA GLY A 4 4.76 8.08 -16.81
C GLY A 4 3.78 8.37 -17.94
N SER A 5 2.53 8.58 -17.56
CA SER A 5 1.49 8.85 -18.54
C SER A 5 0.50 9.88 -17.97
N SER A 6 -0.13 10.60 -18.89
CA SER A 6 -1.10 11.62 -18.50
C SER A 6 -2.33 10.96 -17.87
N GLY A 7 -2.96 10.10 -18.65
CA GLY A 7 -4.15 9.39 -18.18
C GLY A 7 -3.92 8.78 -16.81
N GLY A 8 -3.36 7.58 -16.80
CA GLY A 8 -3.08 6.88 -15.56
C GLY A 8 -4.38 6.46 -14.87
N PRO A 9 -5.08 5.49 -15.50
CA PRO A 9 -6.34 5.00 -14.95
C PRO A 9 -6.09 4.07 -13.75
N PRO A 10 -7.20 3.70 -13.08
CA PRO A 10 -7.12 2.83 -11.92
C PRO A 10 -6.84 1.38 -12.34
N THR A 11 -5.58 1.13 -12.70
CA THR A 11 -5.18 -0.19 -13.11
C THR A 11 -4.62 -0.98 -11.93
N ARG A 12 -4.81 -2.29 -11.99
CA ARG A 12 -4.34 -3.16 -10.93
C ARG A 12 -3.32 -4.17 -11.48
N ARG A 13 -2.06 -3.75 -11.49
CA ARG A 13 -0.99 -4.60 -11.98
C ARG A 13 -1.02 -5.95 -11.28
N SER A 14 -1.57 -5.95 -10.08
CA SER A 14 -1.66 -7.17 -9.30
C SER A 14 -2.98 -7.19 -8.51
N ASP A 15 -3.22 -8.31 -7.85
CA ASP A 15 -4.43 -8.47 -7.06
C ASP A 15 -4.08 -8.36 -5.58
N PHE A 16 -2.97 -8.99 -5.21
CA PHE A 16 -2.53 -8.97 -3.83
C PHE A 16 -1.91 -7.61 -3.47
N ARG A 17 -2.68 -6.84 -2.72
CA ARG A 17 -2.23 -5.52 -2.29
C ARG A 17 -2.36 -5.38 -0.77
N VAL A 18 -1.94 -4.22 -0.28
CA VAL A 18 -1.99 -3.94 1.14
C VAL A 18 -2.45 -2.50 1.36
N LEU A 19 -3.54 -2.37 2.11
CA LEU A 19 -4.08 -1.05 2.39
C LEU A 19 -3.34 -0.44 3.59
N VAL A 20 -2.83 0.77 3.38
CA VAL A 20 -2.10 1.46 4.42
C VAL A 20 -2.89 2.70 4.84
N SER A 21 -3.09 2.82 6.15
CA SER A 21 -3.83 3.95 6.69
C SER A 21 -3.10 4.49 7.93
N GLY A 22 -3.23 5.79 8.13
CA GLY A 22 -2.61 6.43 9.27
C GLY A 22 -1.24 7.02 8.88
N LEU A 23 -1.15 7.44 7.62
CA LEU A 23 0.08 8.03 7.12
C LEU A 23 0.19 9.47 7.61
N PRO A 24 1.45 9.97 7.63
CA PRO A 24 1.71 11.34 8.08
C PRO A 24 1.28 12.35 7.01
N PRO A 25 1.29 13.64 7.42
CA PRO A 25 0.91 14.71 6.52
C PRO A 25 2.02 15.00 5.51
N SER A 26 3.19 14.46 5.80
CA SER A 26 4.34 14.65 4.93
C SER A 26 4.72 13.33 4.27
N GLY A 27 4.11 12.26 4.76
CA GLY A 27 4.36 10.94 4.22
C GLY A 27 4.19 10.92 2.70
N SER A 28 4.99 10.08 2.06
CA SER A 28 4.95 9.94 0.61
C SER A 28 4.77 8.47 0.22
N TRP A 29 4.76 8.24 -1.08
CA TRP A 29 4.61 6.89 -1.60
C TRP A 29 6.01 6.30 -1.80
N GLN A 30 6.95 7.18 -2.12
CA GLN A 30 8.32 6.76 -2.34
C GLN A 30 8.86 6.03 -1.12
N ASP A 31 8.94 6.77 -0.02
CA ASP A 31 9.44 6.20 1.23
C ASP A 31 8.53 5.04 1.65
N LEU A 32 7.23 5.26 1.52
CA LEU A 32 6.26 4.25 1.88
C LEU A 32 6.61 2.93 1.17
N LYS A 33 6.81 3.03 -0.13
CA LYS A 33 7.15 1.87 -0.93
C LYS A 33 8.41 1.21 -0.36
N ASP A 34 9.49 1.97 -0.38
CA ASP A 34 10.77 1.48 0.13
C ASP A 34 10.52 0.72 1.43
N HIS A 35 9.46 1.09 2.12
CA HIS A 35 9.11 0.44 3.37
C HIS A 35 8.29 -0.82 3.08
N MET A 36 7.14 -0.62 2.45
CA MET A 36 6.27 -1.73 2.12
C MET A 36 7.05 -2.83 1.38
N ARG A 37 7.95 -2.40 0.51
CA ARG A 37 8.75 -3.34 -0.25
C ARG A 37 9.26 -4.46 0.66
N GLU A 38 9.35 -4.15 1.94
CA GLU A 38 9.82 -5.12 2.91
C GLU A 38 9.42 -6.53 2.49
N ALA A 39 8.20 -6.64 1.98
CA ALA A 39 7.70 -7.93 1.54
C ALA A 39 8.53 -8.42 0.34
N GLY A 40 8.19 -7.90 -0.83
CA GLY A 40 8.89 -8.28 -2.04
C GLY A 40 9.06 -7.08 -2.97
N ASP A 41 8.47 -7.20 -4.16
CA ASP A 41 8.55 -6.14 -5.15
C ASP A 41 7.19 -5.45 -5.24
N VAL A 42 7.23 -4.13 -5.27
CA VAL A 42 6.01 -3.34 -5.36
C VAL A 42 5.82 -2.87 -6.80
N CYS A 43 4.72 -3.30 -7.39
CA CYS A 43 4.41 -2.93 -8.76
C CYS A 43 3.55 -1.66 -8.74
N TYR A 44 2.86 -1.48 -7.62
CA TYR A 44 2.01 -0.31 -7.46
C TYR A 44 2.27 0.38 -6.12
N ALA A 45 2.32 1.70 -6.17
CA ALA A 45 2.57 2.48 -4.97
C ALA A 45 1.93 3.86 -5.13
N ASP A 46 0.89 4.09 -4.34
CA ASP A 46 0.17 5.36 -4.39
C ASP A 46 -0.17 5.81 -2.96
N VAL A 47 -0.29 7.11 -2.79
CA VAL A 47 -0.62 7.67 -1.49
C VAL A 47 -1.57 8.85 -1.68
N GLN A 48 -2.50 8.98 -0.73
CA GLN A 48 -3.47 10.06 -0.78
C GLN A 48 -3.42 10.87 0.53
N LYS A 49 -4.13 11.99 0.51
CA LYS A 49 -4.18 12.86 1.67
C LYS A 49 -4.79 12.08 2.85
N ASP A 50 -5.05 12.81 3.93
CA ASP A 50 -5.63 12.22 5.11
C ASP A 50 -4.57 11.37 5.82
N GLY A 51 -4.07 10.39 5.10
CA GLY A 51 -3.06 9.49 5.65
C GLY A 51 -3.29 8.06 5.20
N MET A 52 -3.57 7.91 3.92
CA MET A 52 -3.81 6.58 3.35
C MET A 52 -2.80 6.27 2.25
N GLY A 53 -2.69 4.99 1.95
CA GLY A 53 -1.76 4.52 0.93
C GLY A 53 -2.21 3.19 0.33
N MET A 54 -1.51 2.78 -0.71
CA MET A 54 -1.82 1.53 -1.38
C MET A 54 -0.59 0.96 -2.09
N VAL A 55 -0.38 -0.34 -1.89
CA VAL A 55 0.75 -1.02 -2.50
C VAL A 55 0.31 -2.39 -3.00
N GLU A 56 0.83 -2.76 -4.16
CA GLU A 56 0.50 -4.05 -4.75
C GLU A 56 1.77 -4.88 -4.96
N TYR A 57 1.67 -6.15 -4.59
CA TYR A 57 2.79 -7.05 -4.72
C TYR A 57 2.59 -7.99 -5.92
N LEU A 58 3.67 -8.70 -6.26
CA LEU A 58 3.63 -9.63 -7.38
C LEU A 58 3.38 -11.04 -6.83
N ARG A 59 3.62 -11.20 -5.54
CA ARG A 59 3.43 -12.49 -4.89
C ARG A 59 2.43 -12.36 -3.75
N LYS A 60 1.66 -13.42 -3.56
CA LYS A 60 0.67 -13.44 -2.50
C LYS A 60 1.37 -13.34 -1.14
N GLU A 61 2.29 -14.27 -0.93
CA GLU A 61 3.04 -14.30 0.32
C GLU A 61 3.47 -12.89 0.72
N ASP A 62 4.07 -12.19 -0.23
CA ASP A 62 4.53 -10.83 0.00
C ASP A 62 3.44 -10.05 0.74
N MET A 63 2.24 -10.11 0.20
CA MET A 63 1.11 -9.41 0.79
C MET A 63 0.97 -9.77 2.27
N GLU A 64 0.63 -11.03 2.50
CA GLU A 64 0.46 -11.51 3.87
C GLU A 64 1.70 -11.21 4.70
N TYR A 65 2.85 -11.52 4.12
CA TYR A 65 4.11 -11.28 4.80
C TYR A 65 4.19 -9.86 5.34
N ALA A 66 4.22 -8.91 4.42
CA ALA A 66 4.28 -7.50 4.79
C ALA A 66 3.10 -7.16 5.69
N LEU A 67 1.96 -7.74 5.36
CA LEU A 67 0.75 -7.51 6.13
C LEU A 67 1.04 -7.73 7.61
N ARG A 68 1.50 -8.95 7.92
CA ARG A 68 1.81 -9.30 9.29
C ARG A 68 3.10 -8.61 9.73
N LYS A 69 4.19 -9.01 9.10
CA LYS A 69 5.49 -8.43 9.42
C LYS A 69 5.32 -6.95 9.76
N LEU A 70 4.83 -6.21 8.78
CA LEU A 70 4.61 -4.78 8.97
C LEU A 70 3.52 -4.57 10.00
N ASP A 71 2.32 -5.05 9.67
CA ASP A 71 1.19 -4.93 10.57
C ASP A 71 1.48 -3.82 11.59
N ASP A 72 1.13 -2.60 11.22
CA ASP A 72 1.33 -1.45 12.09
C ASP A 72 2.84 -1.25 12.31
N THR A 73 3.36 -0.22 11.66
CA THR A 73 4.78 0.09 11.78
C THR A 73 4.99 1.60 11.88
N LYS A 74 6.22 1.98 12.19
CA LYS A 74 6.56 3.38 12.30
C LYS A 74 7.16 3.87 10.99
N PHE A 75 6.32 4.54 10.20
CA PHE A 75 6.74 5.05 8.92
C PHE A 75 7.29 6.48 9.06
N ARG A 76 8.47 6.68 8.50
CA ARG A 76 9.11 7.99 8.56
C ARG A 76 8.88 8.74 7.26
N SER A 77 8.26 9.91 7.39
CA SER A 77 7.99 10.75 6.24
C SER A 77 9.27 11.38 5.71
N HIS A 78 9.14 12.14 4.64
CA HIS A 78 10.28 12.80 4.03
C HIS A 78 10.63 14.06 4.83
N GLU A 79 9.77 14.36 5.80
CA GLU A 79 9.97 15.53 6.64
C GLU A 79 10.48 15.11 8.02
N GLY A 80 10.87 13.85 8.11
CA GLY A 80 11.38 13.31 9.36
C GLY A 80 10.25 12.76 10.21
N GLU A 81 9.15 13.50 10.24
CA GLU A 81 7.99 13.09 11.01
C GLU A 81 7.73 11.60 10.83
N THR A 82 6.89 11.06 11.71
CA THR A 82 6.54 9.66 11.66
C THR A 82 5.07 9.46 12.00
N SER A 83 4.58 8.26 11.69
CA SER A 83 3.19 7.93 11.97
C SER A 83 3.00 6.41 11.95
N TYR A 84 1.99 5.96 12.67
CA TYR A 84 1.69 4.54 12.74
C TYR A 84 0.72 4.13 11.63
N ILE A 85 1.26 3.43 10.65
CA ILE A 85 0.47 2.97 9.52
C ILE A 85 0.22 1.46 9.65
N ARG A 86 -1.04 1.09 9.54
CA ARG A 86 -1.42 -0.32 9.65
C ARG A 86 -1.40 -0.97 8.26
N VAL A 87 -1.14 -2.27 8.26
CA VAL A 87 -1.09 -3.02 7.02
C VAL A 87 -2.19 -4.10 7.04
N TYR A 88 -3.15 -3.93 6.15
CA TYR A 88 -4.26 -4.87 6.05
C TYR A 88 -4.71 -5.04 4.60
N PRO A 89 -5.41 -6.17 4.34
CA PRO A 89 -5.90 -6.46 3.00
C PRO A 89 -7.12 -5.60 2.68
N GLU A 90 -7.62 -5.77 1.46
CA GLU A 90 -8.77 -5.02 1.01
C GLU A 90 -10.01 -5.91 0.98
N ARG A 91 -11.03 -5.49 1.72
CA ARG A 91 -12.26 -6.25 1.78
C ARG A 91 -13.43 -5.38 1.29
N SER A 92 -14.44 -6.06 0.76
CA SER A 92 -15.62 -5.37 0.26
C SER A 92 -16.64 -6.39 -0.25
N SER A 93 -17.58 -6.72 0.62
CA SER A 93 -18.62 -7.68 0.28
C SER A 93 -18.03 -8.83 -0.53
N GLY A 94 -17.39 -9.75 0.18
CA GLY A 94 -16.78 -10.90 -0.47
C GLY A 94 -17.83 -11.79 -1.13
N PRO A 95 -17.37 -12.61 -2.10
CA PRO A 95 -18.26 -13.52 -2.82
C PRO A 95 -18.64 -14.71 -1.94
N SER A 96 -17.62 -15.30 -1.31
CA SER A 96 -17.84 -16.45 -0.46
C SER A 96 -18.19 -17.68 -1.29
N SER A 97 -19.28 -17.56 -2.04
CA SER A 97 -19.73 -18.64 -2.89
C SER A 97 -20.66 -18.10 -3.98
N GLY A 98 -20.38 -18.52 -5.21
CA GLY A 98 -21.17 -18.08 -6.34
C GLY A 98 -22.41 -18.96 -6.51
N GLY A 1 -7.48 5.30 -4.85
CA GLY A 1 -8.56 5.85 -5.66
C GLY A 1 -8.47 5.36 -7.10
N SER A 2 -9.32 5.92 -7.94
CA SER A 2 -9.36 5.53 -9.35
C SER A 2 -9.98 6.66 -10.17
N SER A 3 -9.12 7.48 -10.75
CA SER A 3 -9.58 8.59 -11.57
C SER A 3 -8.87 8.57 -12.93
N GLY A 4 -9.53 7.97 -13.90
CA GLY A 4 -8.98 7.88 -15.23
C GLY A 4 -10.10 7.88 -16.29
N SER A 5 -10.82 6.79 -16.34
CA SER A 5 -11.91 6.66 -17.30
C SER A 5 -11.37 6.79 -18.72
N SER A 6 -11.11 5.64 -19.33
CA SER A 6 -10.60 5.63 -20.70
C SER A 6 -9.24 6.33 -20.75
N GLY A 7 -8.19 5.57 -20.46
CA GLY A 7 -6.85 6.10 -20.47
C GLY A 7 -5.93 5.32 -19.54
N GLY A 8 -5.16 4.43 -20.12
CA GLY A 8 -4.23 3.61 -19.35
C GLY A 8 -4.98 2.76 -18.33
N PRO A 9 -5.24 1.49 -18.72
CA PRO A 9 -5.95 0.56 -17.84
C PRO A 9 -5.04 0.07 -16.72
N PRO A 10 -5.68 -0.28 -15.57
CA PRO A 10 -4.95 -0.76 -14.42
C PRO A 10 -4.48 -2.21 -14.62
N THR A 11 -3.29 -2.49 -14.12
CA THR A 11 -2.72 -3.82 -14.24
C THR A 11 -3.47 -4.81 -13.35
N ARG A 12 -3.49 -6.06 -13.79
CA ARG A 12 -4.17 -7.11 -13.04
C ARG A 12 -3.37 -8.41 -13.13
N ARG A 13 -2.06 -8.26 -13.17
CA ARG A 13 -1.18 -9.42 -13.25
C ARG A 13 -1.34 -10.29 -12.00
N SER A 14 -1.94 -9.70 -10.98
CA SER A 14 -2.17 -10.42 -9.73
C SER A 14 -3.24 -9.71 -8.91
N ASP A 15 -3.63 -10.35 -7.82
CA ASP A 15 -4.64 -9.79 -6.95
C ASP A 15 -4.17 -9.88 -5.49
N PHE A 16 -3.15 -9.10 -5.19
CA PHE A 16 -2.58 -9.08 -3.86
C PHE A 16 -1.97 -7.71 -3.53
N ARG A 17 -2.65 -7.00 -2.63
CA ARG A 17 -2.19 -5.68 -2.23
C ARG A 17 -2.36 -5.50 -0.72
N VAL A 18 -1.93 -4.35 -0.24
CA VAL A 18 -2.03 -4.03 1.17
C VAL A 18 -2.53 -2.60 1.34
N LEU A 19 -3.60 -2.46 2.12
CA LEU A 19 -4.18 -1.14 2.36
C LEU A 19 -3.44 -0.48 3.52
N VAL A 20 -2.92 0.70 3.25
CA VAL A 20 -2.19 1.46 4.26
C VAL A 20 -3.05 2.64 4.73
N SER A 21 -3.05 2.84 6.04
CA SER A 21 -3.81 3.92 6.63
C SER A 21 -3.08 4.48 7.86
N GLY A 22 -3.33 5.75 8.13
CA GLY A 22 -2.71 6.41 9.26
C GLY A 22 -1.36 7.00 8.87
N LEU A 23 -1.28 7.48 7.64
CA LEU A 23 -0.06 8.07 7.13
C LEU A 23 0.05 9.51 7.63
N PRO A 24 1.31 10.02 7.65
CA PRO A 24 1.55 11.39 8.09
C PRO A 24 1.12 12.40 7.02
N PRO A 25 1.13 13.70 7.42
CA PRO A 25 0.75 14.77 6.52
C PRO A 25 1.85 15.04 5.50
N SER A 26 3.02 14.46 5.76
CA SER A 26 4.16 14.63 4.87
C SER A 26 4.52 13.30 4.22
N GLY A 27 3.86 12.25 4.70
CA GLY A 27 4.11 10.91 4.18
C GLY A 27 4.02 10.90 2.65
N SER A 28 4.84 10.06 2.05
CA SER A 28 4.87 9.94 0.59
C SER A 28 4.72 8.47 0.18
N TRP A 29 4.78 8.24 -1.12
CA TRP A 29 4.66 6.90 -1.65
C TRP A 29 6.06 6.30 -1.75
N GLN A 30 6.99 7.13 -2.20
CA GLN A 30 8.37 6.69 -2.35
C GLN A 30 8.84 5.99 -1.08
N ASP A 31 9.03 6.79 -0.03
CA ASP A 31 9.48 6.26 1.24
C ASP A 31 8.56 5.12 1.66
N LEU A 32 7.27 5.34 1.49
CA LEU A 32 6.29 4.34 1.84
C LEU A 32 6.65 3.00 1.19
N LYS A 33 6.83 3.06 -0.12
CA LYS A 33 7.19 1.86 -0.87
C LYS A 33 8.46 1.24 -0.27
N ASP A 34 9.52 2.02 -0.27
CA ASP A 34 10.79 1.58 0.26
C ASP A 34 10.54 0.81 1.57
N HIS A 35 9.45 1.17 2.22
CA HIS A 35 9.09 0.53 3.48
C HIS A 35 8.27 -0.73 3.20
N MET A 36 7.18 -0.53 2.48
CA MET A 36 6.31 -1.65 2.14
C MET A 36 7.09 -2.75 1.41
N ARG A 37 7.98 -2.32 0.54
CA ARG A 37 8.79 -3.26 -0.23
C ARG A 37 9.25 -4.41 0.67
N GLU A 38 9.34 -4.11 1.96
CA GLU A 38 9.77 -5.11 2.92
C GLU A 38 9.33 -6.50 2.48
N ALA A 39 8.11 -6.56 1.96
CA ALA A 39 7.55 -7.83 1.50
C ALA A 39 8.42 -8.38 0.38
N GLY A 40 8.22 -7.85 -0.81
CA GLY A 40 8.98 -8.29 -1.97
C GLY A 40 9.20 -7.12 -2.96
N ASP A 41 8.51 -7.22 -4.08
CA ASP A 41 8.61 -6.19 -5.10
C ASP A 41 7.26 -5.48 -5.24
N VAL A 42 7.32 -4.15 -5.20
CA VAL A 42 6.12 -3.34 -5.33
C VAL A 42 6.03 -2.80 -6.75
N CYS A 43 4.94 -3.16 -7.43
CA CYS A 43 4.73 -2.71 -8.79
C CYS A 43 3.82 -1.47 -8.74
N TYR A 44 2.99 -1.42 -7.72
CA TYR A 44 2.08 -0.30 -7.55
C TYR A 44 2.23 0.32 -6.16
N ALA A 45 2.35 1.65 -6.16
CA ALA A 45 2.49 2.38 -4.91
C ALA A 45 1.91 3.79 -5.07
N ASP A 46 0.84 4.05 -4.34
CA ASP A 46 0.18 5.33 -4.39
C ASP A 46 -0.15 5.80 -2.96
N VAL A 47 -0.27 7.10 -2.81
CA VAL A 47 -0.58 7.68 -1.52
C VAL A 47 -1.54 8.87 -1.71
N GLN A 48 -2.49 8.97 -0.80
CA GLN A 48 -3.46 10.04 -0.85
C GLN A 48 -3.44 10.84 0.45
N LYS A 49 -4.16 11.96 0.43
CA LYS A 49 -4.23 12.83 1.60
C LYS A 49 -4.87 12.05 2.76
N ASP A 50 -5.13 12.78 3.84
CA ASP A 50 -5.75 12.19 5.02
C ASP A 50 -4.71 11.32 5.74
N GLY A 51 -4.19 10.35 5.02
CA GLY A 51 -3.19 9.45 5.58
C GLY A 51 -3.44 8.01 5.13
N MET A 52 -3.71 7.86 3.84
CA MET A 52 -3.96 6.55 3.27
C MET A 52 -2.92 6.19 2.22
N GLY A 53 -2.82 4.91 1.93
CA GLY A 53 -1.87 4.42 0.94
C GLY A 53 -2.32 3.10 0.34
N MET A 54 -1.63 2.70 -0.72
CA MET A 54 -1.95 1.45 -1.40
C MET A 54 -0.73 0.88 -2.12
N VAL A 55 -0.44 -0.37 -1.84
CA VAL A 55 0.69 -1.04 -2.46
C VAL A 55 0.27 -2.44 -2.91
N GLU A 56 0.73 -2.80 -4.09
CA GLU A 56 0.42 -4.11 -4.65
C GLU A 56 1.67 -4.98 -4.71
N TYR A 57 1.46 -6.29 -4.58
CA TYR A 57 2.56 -7.22 -4.62
C TYR A 57 2.36 -8.25 -5.74
N LEU A 58 3.48 -8.66 -6.33
CA LEU A 58 3.45 -9.63 -7.40
C LEU A 58 3.38 -11.04 -6.82
N ARG A 59 3.46 -11.10 -5.50
CA ARG A 59 3.41 -12.38 -4.81
C ARG A 59 2.38 -12.33 -3.67
N LYS A 60 1.54 -13.36 -3.61
CA LYS A 60 0.52 -13.44 -2.59
C LYS A 60 1.18 -13.36 -1.21
N GLU A 61 2.15 -14.24 -1.01
CA GLU A 61 2.86 -14.29 0.26
C GLU A 61 3.32 -12.89 0.67
N ASP A 62 4.05 -12.25 -0.23
CA ASP A 62 4.54 -10.91 0.03
C ASP A 62 3.45 -10.09 0.73
N MET A 63 2.28 -10.08 0.12
CA MET A 63 1.15 -9.35 0.67
C MET A 63 0.96 -9.68 2.15
N GLU A 64 0.68 -10.94 2.42
CA GLU A 64 0.47 -11.41 3.77
C GLU A 64 1.72 -11.14 4.62
N TYR A 65 2.87 -11.46 4.05
CA TYR A 65 4.13 -11.26 4.75
C TYR A 65 4.23 -9.84 5.29
N ALA A 66 4.21 -8.88 4.37
CA ALA A 66 4.31 -7.48 4.74
C ALA A 66 3.13 -7.12 5.66
N LEU A 67 1.98 -7.70 5.34
CA LEU A 67 0.78 -7.44 6.13
C LEU A 67 1.08 -7.70 7.60
N ARG A 68 1.55 -8.91 7.88
CA ARG A 68 1.88 -9.29 9.24
C ARG A 68 3.17 -8.59 9.69
N LYS A 69 4.26 -8.97 9.06
CA LYS A 69 5.56 -8.39 9.38
C LYS A 69 5.38 -6.92 9.73
N LEU A 70 4.87 -6.17 8.75
CA LEU A 70 4.65 -4.75 8.94
C LEU A 70 3.55 -4.54 9.99
N ASP A 71 2.36 -5.04 9.68
CA ASP A 71 1.23 -4.91 10.58
C ASP A 71 1.53 -3.81 11.61
N ASP A 72 1.12 -2.60 11.25
CA ASP A 72 1.34 -1.46 12.13
C ASP A 72 2.84 -1.27 12.37
N THR A 73 3.38 -0.25 11.73
CA THR A 73 4.80 0.05 11.86
C THR A 73 5.01 1.56 12.01
N LYS A 74 6.28 1.93 12.18
CA LYS A 74 6.63 3.33 12.33
C LYS A 74 7.19 3.85 11.01
N PHE A 75 6.34 4.53 10.26
CA PHE A 75 6.74 5.09 8.98
C PHE A 75 7.42 6.45 9.17
N ARG A 76 8.34 6.73 8.26
CA ARG A 76 9.08 7.98 8.31
C ARG A 76 8.92 8.75 6.99
N SER A 77 8.27 9.90 7.09
CA SER A 77 8.04 10.73 5.92
C SER A 77 9.35 11.38 5.47
N HIS A 78 9.29 12.06 4.33
CA HIS A 78 10.45 12.72 3.79
C HIS A 78 10.77 13.96 4.63
N GLU A 79 9.81 14.36 5.45
CA GLU A 79 9.98 15.52 6.30
C GLU A 79 10.41 15.07 7.70
N GLY A 80 10.67 13.78 7.83
CA GLY A 80 11.09 13.22 9.11
C GLY A 80 9.89 12.73 9.92
N GLU A 81 8.82 13.52 9.88
CA GLU A 81 7.61 13.17 10.61
C GLU A 81 7.36 11.67 10.51
N THR A 82 6.92 11.10 11.63
CA THR A 82 6.64 9.68 11.69
C THR A 82 5.20 9.45 12.16
N SER A 83 4.67 8.30 11.77
CA SER A 83 3.31 7.94 12.15
C SER A 83 3.13 6.42 12.11
N TYR A 84 2.06 5.97 12.75
CA TYR A 84 1.77 4.54 12.80
C TYR A 84 0.76 4.14 11.71
N ILE A 85 1.27 3.43 10.72
CA ILE A 85 0.44 2.99 9.61
C ILE A 85 0.20 1.48 9.73
N ARG A 86 -1.06 1.10 9.64
CA ARG A 86 -1.43 -0.30 9.72
C ARG A 86 -1.43 -0.95 8.34
N VAL A 87 -1.18 -2.24 8.32
CA VAL A 87 -1.15 -2.98 7.07
C VAL A 87 -2.25 -4.04 7.08
N TYR A 88 -3.19 -3.88 6.17
CA TYR A 88 -4.30 -4.81 6.06
C TYR A 88 -4.75 -4.97 4.60
N PRO A 89 -5.43 -6.11 4.32
CA PRO A 89 -5.91 -6.39 2.98
C PRO A 89 -7.14 -5.55 2.66
N GLU A 90 -7.63 -5.72 1.45
CA GLU A 90 -8.80 -4.98 1.00
C GLU A 90 -10.05 -5.87 1.05
N ARG A 91 -10.60 -5.99 2.24
CA ARG A 91 -11.78 -6.80 2.45
C ARG A 91 -12.15 -6.84 3.93
N SER A 92 -13.36 -7.32 4.20
CA SER A 92 -13.85 -7.42 5.56
C SER A 92 -13.90 -8.88 6.00
N SER A 93 -13.22 -9.17 7.10
CA SER A 93 -13.18 -10.52 7.63
C SER A 93 -12.47 -11.45 6.64
N GLY A 94 -11.47 -12.14 7.14
CA GLY A 94 -10.70 -13.06 6.32
C GLY A 94 -11.61 -14.12 5.70
N PRO A 95 -11.51 -14.24 4.34
CA PRO A 95 -12.31 -15.20 3.62
C PRO A 95 -11.77 -16.62 3.81
N SER A 96 -11.82 -17.08 5.06
CA SER A 96 -11.34 -18.41 5.39
C SER A 96 -10.04 -18.70 4.63
N SER A 97 -8.93 -18.38 5.28
CA SER A 97 -7.64 -18.60 4.68
C SER A 97 -7.36 -20.11 4.58
N GLY A 98 -6.46 -20.45 3.66
CA GLY A 98 -6.09 -21.84 3.46
C GLY A 98 -5.52 -22.05 2.05
N GLY A 1 4.90 16.36 -21.41
CA GLY A 1 3.91 16.85 -20.47
C GLY A 1 4.06 16.19 -19.11
N SER A 2 2.96 16.20 -18.35
CA SER A 2 2.96 15.61 -17.03
C SER A 2 1.82 14.59 -16.92
N SER A 3 0.61 15.09 -17.13
CA SER A 3 -0.57 14.24 -17.06
C SER A 3 -0.97 13.76 -18.46
N GLY A 4 -1.83 12.76 -18.48
CA GLY A 4 -2.29 12.21 -19.74
C GLY A 4 -1.43 11.01 -20.17
N SER A 5 -1.65 9.89 -19.48
CA SER A 5 -0.90 8.68 -19.78
C SER A 5 -1.86 7.53 -20.08
N SER A 6 -2.73 7.26 -19.10
CA SER A 6 -3.71 6.19 -19.25
C SER A 6 -4.96 6.52 -18.46
N GLY A 7 -6.10 6.11 -18.99
CA GLY A 7 -7.37 6.35 -18.34
C GLY A 7 -7.76 5.18 -17.44
N GLY A 8 -8.18 4.10 -18.08
CA GLY A 8 -8.59 2.91 -17.35
C GLY A 8 -8.40 1.65 -18.20
N PRO A 9 -7.11 1.24 -18.34
CA PRO A 9 -6.79 0.06 -19.12
C PRO A 9 -7.15 -1.22 -18.37
N PRO A 10 -7.19 -2.35 -19.13
CA PRO A 10 -7.53 -3.64 -18.54
C PRO A 10 -6.35 -4.18 -17.72
N THR A 11 -6.28 -3.72 -16.48
CA THR A 11 -5.21 -4.16 -15.59
C THR A 11 -5.41 -5.63 -15.21
N ARG A 12 -4.68 -6.49 -15.91
CA ARG A 12 -4.76 -7.92 -15.66
C ARG A 12 -3.47 -8.42 -15.02
N ARG A 13 -3.38 -8.22 -13.71
CA ARG A 13 -2.21 -8.64 -12.97
C ARG A 13 -2.62 -9.24 -11.62
N SER A 14 -1.62 -9.73 -10.90
CA SER A 14 -1.86 -10.33 -9.60
C SER A 14 -2.88 -9.49 -8.82
N ASP A 15 -3.58 -10.17 -7.91
CA ASP A 15 -4.58 -9.50 -7.10
C ASP A 15 -4.18 -9.60 -5.62
N PHE A 16 -3.13 -8.87 -5.28
CA PHE A 16 -2.64 -8.86 -3.91
C PHE A 16 -2.03 -7.50 -3.55
N ARG A 17 -2.76 -6.77 -2.73
CA ARG A 17 -2.31 -5.46 -2.31
C ARG A 17 -2.43 -5.31 -0.78
N VAL A 18 -2.01 -4.16 -0.29
CA VAL A 18 -2.06 -3.90 1.13
C VAL A 18 -2.53 -2.46 1.36
N LEU A 19 -3.59 -2.33 2.14
CA LEU A 19 -4.15 -1.02 2.44
C LEU A 19 -3.38 -0.40 3.60
N VAL A 20 -2.93 0.82 3.39
CA VAL A 20 -2.17 1.55 4.40
C VAL A 20 -3.00 2.73 4.89
N SER A 21 -3.01 2.89 6.21
CA SER A 21 -3.75 3.98 6.83
C SER A 21 -2.98 4.52 8.03
N GLY A 22 -2.98 5.85 8.15
CA GLY A 22 -2.29 6.51 9.24
C GLY A 22 -0.93 7.04 8.79
N LEU A 23 -0.96 7.78 7.69
CA LEU A 23 0.26 8.35 7.15
C LEU A 23 0.35 9.82 7.55
N PRO A 24 1.62 10.34 7.54
CA PRO A 24 1.85 11.72 7.91
C PRO A 24 1.42 12.67 6.78
N PRO A 25 1.36 13.98 7.13
CA PRO A 25 0.98 15.00 6.17
C PRO A 25 2.10 15.27 5.15
N SER A 26 3.28 14.76 5.49
CA SER A 26 4.43 14.94 4.63
C SER A 26 4.82 13.60 3.98
N GLY A 27 4.26 12.54 4.54
CA GLY A 27 4.53 11.20 4.03
C GLY A 27 4.40 11.17 2.50
N SER A 28 5.10 10.19 1.92
CA SER A 28 5.07 10.04 0.47
C SER A 28 4.88 8.56 0.11
N TRP A 29 4.74 8.32 -1.18
CA TRP A 29 4.55 6.95 -1.67
C TRP A 29 5.92 6.29 -1.76
N GLN A 30 6.89 7.06 -2.27
CA GLN A 30 8.24 6.55 -2.41
C GLN A 30 8.70 5.90 -1.11
N ASP A 31 8.97 6.75 -0.11
CA ASP A 31 9.42 6.27 1.18
C ASP A 31 8.48 5.17 1.67
N LEU A 32 7.19 5.41 1.47
CA LEU A 32 6.17 4.46 1.89
C LEU A 32 6.50 3.09 1.30
N LYS A 33 6.77 3.09 0.00
CA LYS A 33 7.10 1.86 -0.70
C LYS A 33 8.33 1.23 -0.06
N ASP A 34 9.42 1.98 -0.07
CA ASP A 34 10.67 1.52 0.49
C ASP A 34 10.38 0.76 1.78
N HIS A 35 9.30 1.16 2.45
CA HIS A 35 8.90 0.53 3.70
C HIS A 35 8.11 -0.74 3.39
N MET A 36 7.14 -0.60 2.50
CA MET A 36 6.30 -1.72 2.12
C MET A 36 7.13 -2.83 1.46
N ARG A 37 8.06 -2.41 0.61
CA ARG A 37 8.93 -3.35 -0.08
C ARG A 37 9.36 -4.47 0.86
N GLU A 38 9.38 -4.14 2.15
CA GLU A 38 9.78 -5.11 3.15
C GLU A 38 9.38 -6.53 2.72
N ALA A 39 8.20 -6.62 2.14
CA ALA A 39 7.69 -7.90 1.67
C ALA A 39 8.60 -8.42 0.56
N GLY A 40 8.36 -7.92 -0.65
CA GLY A 40 9.15 -8.33 -1.80
C GLY A 40 9.31 -7.18 -2.79
N ASP A 41 8.74 -7.38 -3.98
CA ASP A 41 8.80 -6.37 -5.01
C ASP A 41 7.45 -5.69 -5.14
N VAL A 42 7.49 -4.36 -5.24
CA VAL A 42 6.27 -3.58 -5.37
C VAL A 42 6.12 -3.11 -6.81
N CYS A 43 4.97 -3.42 -7.38
CA CYS A 43 4.69 -3.03 -8.76
C CYS A 43 3.83 -1.76 -8.73
N TYR A 44 2.99 -1.66 -7.71
CA TYR A 44 2.12 -0.51 -7.56
C TYR A 44 2.38 0.21 -6.24
N ALA A 45 2.35 1.53 -6.30
CA ALA A 45 2.58 2.34 -5.13
C ALA A 45 1.84 3.67 -5.28
N ASP A 46 0.84 3.85 -4.42
CA ASP A 46 0.04 5.06 -4.45
C ASP A 46 -0.28 5.48 -3.01
N VAL A 47 -0.39 6.80 -2.83
CA VAL A 47 -0.70 7.34 -1.51
C VAL A 47 -1.84 8.34 -1.64
N GLN A 48 -2.75 8.27 -0.68
CA GLN A 48 -3.90 9.17 -0.67
C GLN A 48 -3.73 10.23 0.42
N LYS A 49 -4.54 11.28 0.31
CA LYS A 49 -4.49 12.36 1.28
C LYS A 49 -5.00 11.85 2.63
N ASP A 50 -4.92 12.73 3.62
CA ASP A 50 -5.37 12.38 4.96
C ASP A 50 -4.28 11.55 5.65
N GLY A 51 -3.94 10.44 5.03
CA GLY A 51 -2.93 9.56 5.58
C GLY A 51 -3.18 8.10 5.16
N MET A 52 -3.49 7.93 3.88
CA MET A 52 -3.76 6.61 3.35
C MET A 52 -2.66 6.20 2.36
N GLY A 53 -2.56 4.89 2.16
CA GLY A 53 -1.57 4.34 1.26
C GLY A 53 -2.06 3.05 0.60
N MET A 54 -1.47 2.74 -0.53
CA MET A 54 -1.83 1.54 -1.27
C MET A 54 -0.65 0.98 -2.05
N VAL A 55 -0.45 -0.32 -1.91
CA VAL A 55 0.64 -0.99 -2.59
C VAL A 55 0.18 -2.36 -3.09
N GLU A 56 0.58 -2.70 -4.30
CA GLU A 56 0.21 -3.97 -4.90
C GLU A 56 1.46 -4.81 -5.16
N TYR A 57 1.46 -6.01 -4.59
CA TYR A 57 2.58 -6.91 -4.76
C TYR A 57 2.37 -7.84 -5.97
N LEU A 58 3.46 -8.43 -6.42
CA LEU A 58 3.40 -9.32 -7.56
C LEU A 58 2.97 -10.72 -7.09
N ARG A 59 3.49 -11.10 -5.94
CA ARG A 59 3.17 -12.40 -5.35
C ARG A 59 2.08 -12.25 -4.29
N LYS A 60 1.80 -13.36 -3.63
CA LYS A 60 0.79 -13.38 -2.58
C LYS A 60 1.48 -13.29 -1.21
N GLU A 61 2.35 -14.26 -0.96
CA GLU A 61 3.07 -14.30 0.29
C GLU A 61 3.58 -12.90 0.67
N ASP A 62 4.23 -12.27 -0.29
CA ASP A 62 4.76 -10.93 -0.08
C ASP A 62 3.70 -10.06 0.60
N MET A 63 2.50 -10.10 0.04
CA MET A 63 1.39 -9.33 0.57
C MET A 63 1.16 -9.67 2.04
N GLU A 64 0.74 -10.90 2.28
CA GLU A 64 0.48 -11.36 3.63
C GLU A 64 1.68 -11.08 4.53
N TYR A 65 2.86 -11.41 4.02
CA TYR A 65 4.09 -11.19 4.76
C TYR A 65 4.17 -9.77 5.30
N ALA A 66 4.17 -8.82 4.38
CA ALA A 66 4.24 -7.41 4.75
C ALA A 66 3.03 -7.05 5.61
N LEU A 67 1.90 -7.63 5.25
CA LEU A 67 0.66 -7.37 5.98
C LEU A 67 0.90 -7.63 7.47
N ARG A 68 1.38 -8.83 7.76
CA ARG A 68 1.65 -9.22 9.14
C ARG A 68 2.92 -8.51 9.64
N LYS A 69 4.04 -8.90 9.06
CA LYS A 69 5.32 -8.33 9.44
C LYS A 69 5.13 -6.84 9.77
N LEU A 70 4.65 -6.11 8.77
CA LEU A 70 4.41 -4.69 8.95
C LEU A 70 3.28 -4.48 9.96
N ASP A 71 2.11 -5.00 9.62
CA ASP A 71 0.96 -4.88 10.48
C ASP A 71 1.22 -3.81 11.54
N ASP A 72 1.05 -2.55 11.13
CA ASP A 72 1.26 -1.44 12.03
C ASP A 72 2.77 -1.22 12.21
N THR A 73 3.28 -0.23 11.50
CA THR A 73 4.70 0.08 11.59
C THR A 73 4.91 1.58 11.73
N LYS A 74 6.13 1.96 12.05
CA LYS A 74 6.47 3.36 12.23
C LYS A 74 7.10 3.90 10.94
N PHE A 75 6.28 4.60 10.18
CA PHE A 75 6.73 5.18 8.93
C PHE A 75 7.32 6.58 9.14
N ARG A 76 8.54 6.75 8.65
CA ARG A 76 9.22 8.03 8.77
C ARG A 76 9.04 8.86 7.51
N SER A 77 8.32 9.97 7.66
CA SER A 77 8.06 10.86 6.54
C SER A 77 9.38 11.48 6.06
N HIS A 78 9.35 11.95 4.82
CA HIS A 78 10.52 12.57 4.23
C HIS A 78 10.89 13.82 5.02
N GLU A 79 9.94 14.27 5.83
CA GLU A 79 10.16 15.46 6.64
C GLU A 79 10.65 15.06 8.04
N GLY A 80 10.91 13.77 8.19
CA GLY A 80 11.38 13.25 9.47
C GLY A 80 10.22 12.75 10.33
N GLU A 81 9.13 13.51 10.28
CA GLU A 81 7.94 13.16 11.05
C GLU A 81 7.66 11.66 10.93
N THR A 82 7.33 11.06 12.07
CA THR A 82 7.04 9.64 12.12
C THR A 82 5.57 9.41 12.47
N SER A 83 5.00 8.38 11.85
CA SER A 83 3.61 8.05 12.10
C SER A 83 3.41 6.53 12.02
N TYR A 84 2.31 6.08 12.58
CA TYR A 84 2.00 4.65 12.58
C TYR A 84 1.02 4.31 11.46
N ILE A 85 1.47 3.42 10.57
CA ILE A 85 0.64 3.01 9.46
C ILE A 85 0.31 1.52 9.62
N ARG A 86 -0.97 1.23 9.48
CA ARG A 86 -1.45 -0.15 9.60
C ARG A 86 -1.50 -0.81 8.22
N VAL A 87 -1.19 -2.10 8.21
CA VAL A 87 -1.21 -2.87 6.97
C VAL A 87 -2.31 -3.92 7.04
N TYR A 88 -3.24 -3.82 6.11
CA TYR A 88 -4.35 -4.77 6.05
C TYR A 88 -4.85 -4.94 4.62
N PRO A 89 -5.51 -6.09 4.37
CA PRO A 89 -6.04 -6.40 3.06
C PRO A 89 -7.31 -5.58 2.78
N GLU A 90 -7.77 -5.66 1.54
CA GLU A 90 -8.96 -4.93 1.13
C GLU A 90 -10.21 -5.74 1.49
N ARG A 91 -11.04 -5.15 2.34
CA ARG A 91 -12.26 -5.81 2.77
C ARG A 91 -13.25 -4.78 3.30
N SER A 92 -14.53 -5.09 3.15
CA SER A 92 -15.59 -4.21 3.59
C SER A 92 -15.89 -4.46 5.08
N SER A 93 -16.31 -5.69 5.35
CA SER A 93 -16.63 -6.08 6.71
C SER A 93 -17.85 -5.29 7.21
N GLY A 94 -19.02 -5.76 6.82
CA GLY A 94 -20.26 -5.10 7.21
C GLY A 94 -21.14 -6.04 8.03
N PRO A 95 -22.36 -6.29 7.50
CA PRO A 95 -23.31 -7.18 8.17
C PRO A 95 -22.90 -8.64 8.01
N SER A 96 -22.73 -9.30 9.15
CA SER A 96 -22.34 -10.70 9.16
C SER A 96 -22.50 -11.28 10.56
N SER A 97 -22.69 -12.59 10.61
CA SER A 97 -22.86 -13.28 11.88
C SER A 97 -21.49 -13.48 12.54
N GLY A 98 -20.62 -14.18 11.84
CA GLY A 98 -19.28 -14.45 12.35
C GLY A 98 -18.23 -14.31 11.24
N GLY A 1 -7.50 17.70 -11.97
CA GLY A 1 -7.34 16.52 -11.14
C GLY A 1 -7.84 15.27 -11.87
N SER A 2 -9.09 15.32 -12.27
CA SER A 2 -9.70 14.19 -12.98
C SER A 2 -9.91 13.02 -12.02
N SER A 3 -8.81 12.55 -11.47
CA SER A 3 -8.85 11.42 -10.54
C SER A 3 -9.97 11.65 -9.51
N GLY A 4 -10.67 10.57 -9.21
CA GLY A 4 -11.76 10.64 -8.25
C GLY A 4 -12.43 9.27 -8.10
N SER A 5 -13.26 8.94 -9.08
CA SER A 5 -13.97 7.68 -9.07
C SER A 5 -12.99 6.51 -9.14
N SER A 6 -13.45 5.36 -8.71
CA SER A 6 -12.61 4.16 -8.73
C SER A 6 -13.38 2.99 -9.33
N GLY A 7 -13.03 2.66 -10.57
CA GLY A 7 -13.67 1.57 -11.27
C GLY A 7 -12.67 0.80 -12.12
N GLY A 8 -12.08 -0.22 -11.51
CA GLY A 8 -11.10 -1.05 -12.21
C GLY A 8 -9.89 -0.21 -12.63
N PRO A 9 -8.92 -0.07 -11.68
CA PRO A 9 -7.71 0.69 -11.94
C PRO A 9 -6.76 -0.09 -12.84
N PRO A 10 -5.79 0.65 -13.43
CA PRO A 10 -4.80 0.04 -14.32
C PRO A 10 -3.77 -0.75 -13.52
N THR A 11 -2.99 -1.55 -14.25
CA THR A 11 -1.97 -2.36 -13.63
C THR A 11 -2.59 -3.37 -12.68
N ARG A 12 -2.57 -4.64 -13.11
CA ARG A 12 -3.13 -5.71 -12.31
C ARG A 12 -2.26 -6.96 -12.41
N ARG A 13 -0.96 -6.75 -12.28
CA ARG A 13 -0.02 -7.85 -12.36
C ARG A 13 -0.38 -8.95 -11.35
N SER A 14 -1.15 -8.55 -10.36
CA SER A 14 -1.59 -9.48 -9.33
C SER A 14 -2.70 -8.85 -8.50
N ASP A 15 -3.47 -9.73 -7.84
CA ASP A 15 -4.57 -9.27 -7.01
C ASP A 15 -4.20 -9.45 -5.54
N PHE A 16 -3.11 -8.82 -5.15
CA PHE A 16 -2.65 -8.89 -3.78
C PHE A 16 -1.96 -7.59 -3.36
N ARG A 17 -2.76 -6.70 -2.80
CA ARG A 17 -2.25 -5.42 -2.35
C ARG A 17 -2.40 -5.28 -0.83
N VAL A 18 -1.93 -4.17 -0.31
CA VAL A 18 -2.01 -3.91 1.12
C VAL A 18 -2.47 -2.47 1.33
N LEU A 19 -3.55 -2.34 2.10
CA LEU A 19 -4.12 -1.03 2.39
C LEU A 19 -3.34 -0.41 3.57
N VAL A 20 -2.88 0.81 3.35
CA VAL A 20 -2.14 1.53 4.36
C VAL A 20 -2.93 2.75 4.81
N SER A 21 -2.99 2.92 6.13
CA SER A 21 -3.72 4.04 6.70
C SER A 21 -2.97 4.60 7.91
N GLY A 22 -3.18 5.87 8.17
CA GLY A 22 -2.54 6.53 9.29
C GLY A 22 -1.17 7.10 8.89
N LEU A 23 -1.14 7.67 7.69
CA LEU A 23 0.09 8.24 7.17
C LEU A 23 0.16 9.71 7.56
N PRO A 24 1.41 10.25 7.56
CA PRO A 24 1.63 11.64 7.92
C PRO A 24 1.18 12.58 6.78
N PRO A 25 1.17 13.90 7.11
CA PRO A 25 0.77 14.89 6.13
C PRO A 25 1.87 15.12 5.09
N SER A 26 3.09 14.77 5.48
CA SER A 26 4.23 14.92 4.59
C SER A 26 4.65 13.56 4.03
N GLY A 27 4.03 12.52 4.57
CA GLY A 27 4.32 11.16 4.13
C GLY A 27 4.08 11.01 2.63
N SER A 28 5.00 10.33 1.97
CA SER A 28 4.90 10.11 0.54
C SER A 28 4.72 8.62 0.25
N TRP A 29 4.55 8.31 -1.02
CA TRP A 29 4.37 6.93 -1.44
C TRP A 29 5.75 6.29 -1.59
N GLN A 30 6.69 7.10 -2.08
CA GLN A 30 8.05 6.63 -2.28
C GLN A 30 8.56 5.95 -1.01
N ASP A 31 8.86 6.77 -0.01
CA ASP A 31 9.35 6.26 1.26
C ASP A 31 8.45 5.12 1.74
N LEU A 32 7.16 5.30 1.53
CA LEU A 32 6.19 4.31 1.93
C LEU A 32 6.53 2.97 1.26
N LYS A 33 6.75 3.04 -0.04
CA LYS A 33 7.09 1.85 -0.81
C LYS A 33 8.34 1.21 -0.22
N ASP A 34 9.40 2.00 -0.14
CA ASP A 34 10.66 1.52 0.40
C ASP A 34 10.41 0.79 1.71
N HIS A 35 9.29 1.14 2.33
CA HIS A 35 8.92 0.52 3.59
C HIS A 35 8.10 -0.75 3.33
N MET A 36 7.10 -0.60 2.47
CA MET A 36 6.24 -1.71 2.12
C MET A 36 7.03 -2.81 1.42
N ARG A 37 7.93 -2.39 0.55
CA ARG A 37 8.76 -3.34 -0.19
C ARG A 37 9.24 -4.45 0.72
N GLU A 38 9.31 -4.14 2.01
CA GLU A 38 9.75 -5.11 3.00
C GLU A 38 9.35 -6.52 2.57
N ALA A 39 8.15 -6.63 2.04
CA ALA A 39 7.65 -7.91 1.58
C ALA A 39 8.52 -8.42 0.44
N GLY A 40 8.22 -7.94 -0.76
CA GLY A 40 8.97 -8.34 -1.94
C GLY A 40 9.21 -7.15 -2.87
N ASP A 41 8.75 -7.30 -4.10
CA ASP A 41 8.90 -6.26 -5.09
C ASP A 41 7.54 -5.60 -5.35
N VAL A 42 7.54 -4.27 -5.29
CA VAL A 42 6.32 -3.52 -5.51
C VAL A 42 6.19 -3.18 -7.00
N CYS A 43 5.01 -3.41 -7.53
CA CYS A 43 4.74 -3.13 -8.92
C CYS A 43 4.03 -1.77 -9.02
N TYR A 44 3.24 -1.48 -8.00
CA TYR A 44 2.50 -0.23 -7.96
C TYR A 44 2.49 0.35 -6.54
N ALA A 45 2.64 1.66 -6.47
CA ALA A 45 2.64 2.35 -5.19
C ALA A 45 1.96 3.70 -5.35
N ASP A 46 1.00 3.95 -4.47
CA ASP A 46 0.26 5.20 -4.50
C ASP A 46 -0.07 5.62 -3.06
N VAL A 47 -0.40 6.90 -2.92
CA VAL A 47 -0.73 7.45 -1.62
C VAL A 47 -2.00 8.29 -1.73
N GLN A 48 -2.73 8.37 -0.63
CA GLN A 48 -3.95 9.15 -0.59
C GLN A 48 -3.90 10.18 0.54
N LYS A 49 -4.78 11.16 0.44
CA LYS A 49 -4.84 12.21 1.44
C LYS A 49 -5.29 11.62 2.77
N ASP A 50 -5.34 12.47 3.78
CA ASP A 50 -5.76 12.05 5.11
C ASP A 50 -4.61 11.27 5.76
N GLY A 51 -4.20 10.20 5.08
CA GLY A 51 -3.13 9.36 5.59
C GLY A 51 -3.31 7.91 5.14
N MET A 52 -3.65 7.75 3.88
CA MET A 52 -3.87 6.43 3.32
C MET A 52 -2.81 6.10 2.27
N GLY A 53 -2.66 4.81 1.99
CA GLY A 53 -1.70 4.36 1.01
C GLY A 53 -2.15 3.03 0.38
N MET A 54 -1.47 2.69 -0.72
CA MET A 54 -1.79 1.46 -1.43
C MET A 54 -0.56 0.91 -2.15
N VAL A 55 -0.37 -0.40 -2.03
CA VAL A 55 0.76 -1.05 -2.67
C VAL A 55 0.31 -2.42 -3.21
N GLU A 56 0.66 -2.66 -4.47
CA GLU A 56 0.30 -3.92 -5.11
C GLU A 56 1.55 -4.76 -5.35
N TYR A 57 1.62 -5.88 -4.64
CA TYR A 57 2.73 -6.79 -4.76
C TYR A 57 2.58 -7.70 -5.98
N LEU A 58 3.61 -8.50 -6.22
CA LEU A 58 3.60 -9.42 -7.34
C LEU A 58 3.36 -10.85 -6.83
N ARG A 59 3.47 -11.00 -5.51
CA ARG A 59 3.26 -12.29 -4.89
C ARG A 59 2.26 -12.17 -3.73
N LYS A 60 1.47 -13.22 -3.58
CA LYS A 60 0.47 -13.25 -2.52
C LYS A 60 1.17 -13.31 -1.16
N GLU A 61 2.06 -14.29 -1.03
CA GLU A 61 2.80 -14.47 0.20
C GLU A 61 3.40 -13.14 0.66
N ASP A 62 3.86 -12.37 -0.31
CA ASP A 62 4.45 -11.08 -0.03
C ASP A 62 3.43 -10.19 0.68
N MET A 63 2.21 -10.20 0.16
CA MET A 63 1.14 -9.41 0.73
C MET A 63 0.95 -9.73 2.21
N GLU A 64 0.64 -11.00 2.48
CA GLU A 64 0.43 -11.44 3.85
C GLU A 64 1.68 -11.15 4.69
N TYR A 65 2.83 -11.48 4.12
CA TYR A 65 4.08 -11.26 4.81
C TYR A 65 4.19 -9.83 5.34
N ALA A 66 4.16 -8.89 4.40
CA ALA A 66 4.25 -7.49 4.76
C ALA A 66 3.08 -7.12 5.67
N LEU A 67 1.92 -7.67 5.35
CA LEU A 67 0.72 -7.42 6.12
C LEU A 67 1.02 -7.67 7.61
N ARG A 68 1.50 -8.87 7.89
CA ARG A 68 1.82 -9.25 9.25
C ARG A 68 3.10 -8.54 9.70
N LYS A 69 4.20 -8.94 9.09
CA LYS A 69 5.50 -8.37 9.42
C LYS A 69 5.31 -6.88 9.76
N LEU A 70 4.82 -6.14 8.77
CA LEU A 70 4.58 -4.72 8.94
C LEU A 70 3.50 -4.51 10.00
N ASP A 71 2.31 -5.01 9.69
CA ASP A 71 1.19 -4.88 10.59
C ASP A 71 1.50 -3.81 11.64
N ASP A 72 1.19 -2.57 11.27
CA ASP A 72 1.43 -1.44 12.16
C ASP A 72 2.93 -1.23 12.31
N THR A 73 3.43 -0.20 11.63
CA THR A 73 4.84 0.12 11.69
C THR A 73 5.04 1.63 11.84
N LYS A 74 6.29 2.01 12.08
CA LYS A 74 6.62 3.41 12.25
C LYS A 74 7.18 3.96 10.93
N PHE A 75 6.32 4.64 10.19
CA PHE A 75 6.72 5.22 8.92
C PHE A 75 7.32 6.61 9.11
N ARG A 76 8.50 6.80 8.54
CA ARG A 76 9.18 8.08 8.65
C ARG A 76 8.99 8.89 7.37
N SER A 77 8.25 9.97 7.49
CA SER A 77 7.98 10.84 6.36
C SER A 77 9.28 11.46 5.86
N HIS A 78 9.25 11.91 4.61
CA HIS A 78 10.41 12.54 4.01
C HIS A 78 10.80 13.79 4.80
N GLU A 79 9.85 14.27 5.58
CA GLU A 79 10.07 15.46 6.39
C GLU A 79 10.69 15.07 7.74
N GLY A 80 10.84 13.76 7.94
CA GLY A 80 11.41 13.26 9.17
C GLY A 80 10.31 12.80 10.14
N GLU A 81 9.17 13.46 10.03
CA GLU A 81 8.04 13.14 10.89
C GLU A 81 7.78 11.62 10.89
N THR A 82 7.16 11.16 11.95
CA THR A 82 6.85 9.75 12.09
C THR A 82 5.34 9.55 12.33
N SER A 83 4.89 8.35 12.01
CA SER A 83 3.48 8.02 12.19
C SER A 83 3.29 6.51 12.14
N TYR A 84 2.25 6.04 12.82
CA TYR A 84 1.95 4.63 12.86
C TYR A 84 0.93 4.25 11.78
N ILE A 85 1.40 3.50 10.79
CA ILE A 85 0.54 3.07 9.71
C ILE A 85 0.30 1.57 9.82
N ARG A 86 -0.97 1.19 9.69
CA ARG A 86 -1.36 -0.21 9.78
C ARG A 86 -1.36 -0.84 8.39
N VAL A 87 -1.13 -2.15 8.37
CA VAL A 87 -1.10 -2.89 7.11
C VAL A 87 -2.22 -3.93 7.12
N TYR A 88 -3.18 -3.74 6.23
CA TYR A 88 -4.29 -4.65 6.13
C TYR A 88 -4.75 -4.80 4.68
N PRO A 89 -5.41 -5.95 4.39
CA PRO A 89 -5.90 -6.23 3.05
C PRO A 89 -7.15 -5.40 2.73
N GLU A 90 -7.68 -5.63 1.55
CA GLU A 90 -8.88 -4.91 1.12
C GLU A 90 -10.14 -5.68 1.52
N ARG A 91 -10.59 -5.42 2.74
CA ARG A 91 -11.79 -6.07 3.25
C ARG A 91 -12.63 -5.08 4.05
N SER A 92 -13.92 -5.38 4.14
CA SER A 92 -14.83 -4.53 4.88
C SER A 92 -16.19 -5.22 5.00
N SER A 93 -16.89 -4.88 6.08
CA SER A 93 -18.20 -5.46 6.33
C SER A 93 -19.01 -5.50 5.03
N GLY A 94 -19.97 -6.42 5.01
CA GLY A 94 -20.82 -6.57 3.83
C GLY A 94 -21.59 -7.89 3.88
N PRO A 95 -21.97 -8.38 2.67
CA PRO A 95 -22.70 -9.64 2.56
C PRO A 95 -21.77 -10.83 2.78
N SER A 96 -22.38 -12.00 2.94
CA SER A 96 -21.64 -13.22 3.16
C SER A 96 -20.93 -13.15 4.52
N SER A 97 -21.70 -13.41 5.56
CA SER A 97 -21.16 -13.39 6.91
C SER A 97 -22.26 -13.74 7.92
N GLY A 98 -21.93 -14.66 8.81
CA GLY A 98 -22.88 -15.10 9.82
C GLY A 98 -22.38 -14.73 11.22
N GLY A 1 7.87 -7.15 -17.25
CA GLY A 1 8.44 -7.15 -15.91
C GLY A 1 8.76 -5.72 -15.44
N SER A 2 7.74 -5.09 -14.89
CA SER A 2 7.88 -3.73 -14.40
C SER A 2 8.30 -2.80 -15.53
N SER A 3 7.33 -2.05 -16.04
CA SER A 3 7.59 -1.13 -17.13
C SER A 3 6.76 0.14 -16.94
N GLY A 4 7.08 1.15 -17.75
CA GLY A 4 6.37 2.41 -17.68
C GLY A 4 4.94 2.27 -18.19
N SER A 5 4.00 2.62 -17.33
CA SER A 5 2.59 2.54 -17.67
C SER A 5 1.90 3.87 -17.39
N SER A 6 0.94 4.19 -18.24
CA SER A 6 0.19 5.44 -18.10
C SER A 6 -1.00 5.44 -19.05
N GLY A 7 -2.19 5.50 -18.46
CA GLY A 7 -3.41 5.51 -19.25
C GLY A 7 -3.45 4.34 -20.23
N GLY A 8 -3.92 4.63 -21.44
CA GLY A 8 -4.01 3.62 -22.47
C GLY A 8 -4.50 2.28 -21.90
N PRO A 9 -3.54 1.34 -21.73
CA PRO A 9 -3.86 0.03 -21.19
C PRO A 9 -4.10 0.10 -19.68
N PRO A 10 -4.96 -0.83 -19.19
CA PRO A 10 -5.29 -0.88 -17.76
C PRO A 10 -4.13 -1.47 -16.96
N THR A 11 -4.31 -1.50 -15.65
CA THR A 11 -3.30 -2.04 -14.76
C THR A 11 -2.88 -3.43 -15.21
N ARG A 12 -3.82 -4.36 -15.11
CA ARG A 12 -3.57 -5.74 -15.50
C ARG A 12 -2.37 -6.29 -14.74
N ARG A 13 -2.57 -6.51 -13.45
CA ARG A 13 -1.51 -7.03 -12.59
C ARG A 13 -2.09 -8.02 -11.59
N SER A 14 -1.20 -8.56 -10.76
CA SER A 14 -1.61 -9.52 -9.75
C SER A 14 -2.80 -8.99 -8.96
N ASP A 15 -3.30 -9.82 -8.06
CA ASP A 15 -4.44 -9.45 -7.25
C ASP A 15 -4.08 -9.60 -5.77
N PHE A 16 -3.10 -8.82 -5.35
CA PHE A 16 -2.65 -8.86 -3.96
C PHE A 16 -1.97 -7.54 -3.57
N ARG A 17 -2.70 -6.74 -2.81
CA ARG A 17 -2.19 -5.47 -2.36
C ARG A 17 -2.35 -5.33 -0.84
N VAL A 18 -1.87 -4.21 -0.32
CA VAL A 18 -1.96 -3.94 1.11
C VAL A 18 -2.47 -2.52 1.32
N LEU A 19 -3.57 -2.43 2.05
CA LEU A 19 -4.18 -1.14 2.35
C LEU A 19 -3.46 -0.50 3.53
N VAL A 20 -2.95 0.71 3.30
CA VAL A 20 -2.25 1.44 4.34
C VAL A 20 -3.09 2.62 4.79
N SER A 21 -3.08 2.85 6.11
CA SER A 21 -3.84 3.95 6.68
C SER A 21 -3.12 4.49 7.92
N GLY A 22 -2.94 5.80 7.94
CA GLY A 22 -2.28 6.45 9.06
C GLY A 22 -0.91 6.98 8.65
N LEU A 23 -0.90 7.69 7.52
CA LEU A 23 0.33 8.26 7.01
C LEU A 23 0.49 9.68 7.55
N PRO A 24 1.77 10.16 7.57
CA PRO A 24 2.06 11.49 8.05
C PRO A 24 1.64 12.56 7.04
N PRO A 25 1.69 13.84 7.50
CA PRO A 25 1.32 14.95 6.64
C PRO A 25 2.41 15.24 5.61
N SER A 26 3.57 14.65 5.84
CA SER A 26 4.71 14.83 4.95
C SER A 26 5.04 13.51 4.25
N GLY A 27 4.46 12.45 4.77
CA GLY A 27 4.69 11.12 4.22
C GLY A 27 4.46 11.11 2.70
N SER A 28 5.05 10.13 2.05
CA SER A 28 4.93 10.00 0.61
C SER A 28 4.80 8.52 0.22
N TRP A 29 4.55 8.30 -1.06
CA TRP A 29 4.40 6.94 -1.56
C TRP A 29 5.81 6.34 -1.71
N GLN A 30 6.70 7.15 -2.28
CA GLN A 30 8.06 6.72 -2.49
C GLN A 30 8.62 6.04 -1.23
N ASP A 31 8.89 6.87 -0.23
CA ASP A 31 9.42 6.36 1.02
C ASP A 31 8.54 5.20 1.51
N LEU A 32 7.23 5.43 1.48
CA LEU A 32 6.29 4.42 1.91
C LEU A 32 6.65 3.08 1.26
N LYS A 33 6.88 3.13 -0.04
CA LYS A 33 7.23 1.94 -0.78
C LYS A 33 8.48 1.30 -0.17
N ASP A 34 9.56 2.08 -0.17
CA ASP A 34 10.81 1.60 0.39
C ASP A 34 10.53 0.83 1.68
N HIS A 35 9.45 1.21 2.35
CA HIS A 35 9.07 0.57 3.58
C HIS A 35 8.25 -0.69 3.27
N MET A 36 7.13 -0.47 2.60
CA MET A 36 6.25 -1.57 2.24
C MET A 36 7.03 -2.69 1.54
N ARG A 37 7.98 -2.27 0.71
CA ARG A 37 8.80 -3.22 -0.03
C ARG A 37 9.24 -4.36 0.88
N GLU A 38 9.30 -4.05 2.18
CA GLU A 38 9.71 -5.04 3.16
C GLU A 38 9.30 -6.44 2.72
N ALA A 39 8.09 -6.52 2.17
CA ALA A 39 7.57 -7.79 1.70
C ALA A 39 8.48 -8.35 0.60
N GLY A 40 8.26 -7.85 -0.61
CA GLY A 40 9.04 -8.29 -1.75
C GLY A 40 9.32 -7.12 -2.70
N ASP A 41 8.62 -7.15 -3.83
CA ASP A 41 8.78 -6.10 -4.83
C ASP A 41 7.42 -5.42 -5.06
N VAL A 42 7.46 -4.09 -5.02
CA VAL A 42 6.25 -3.30 -5.22
C VAL A 42 6.18 -2.87 -6.68
N CYS A 43 5.11 -3.31 -7.34
CA CYS A 43 4.90 -2.98 -8.73
C CYS A 43 4.13 -1.65 -8.80
N TYR A 44 3.48 -1.33 -7.70
CA TYR A 44 2.70 -0.10 -7.61
C TYR A 44 2.66 0.42 -6.18
N ALA A 45 2.74 1.75 -6.07
CA ALA A 45 2.71 2.38 -4.76
C ALA A 45 2.11 3.79 -4.89
N ASP A 46 0.96 3.96 -4.27
CA ASP A 46 0.26 5.24 -4.31
C ASP A 46 -0.15 5.64 -2.89
N VAL A 47 -0.54 6.90 -2.76
CA VAL A 47 -0.96 7.42 -1.47
C VAL A 47 -2.14 8.37 -1.66
N GLN A 48 -3.06 8.33 -0.72
CA GLN A 48 -4.24 9.18 -0.78
C GLN A 48 -4.28 10.11 0.44
N LYS A 49 -5.14 11.11 0.34
CA LYS A 49 -5.29 12.08 1.41
C LYS A 49 -5.78 11.36 2.68
N ASP A 50 -5.68 12.06 3.80
CA ASP A 50 -6.10 11.50 5.07
C ASP A 50 -4.94 10.72 5.71
N GLY A 51 -4.19 10.05 4.85
CA GLY A 51 -3.05 9.26 5.30
C GLY A 51 -3.09 7.85 4.72
N MET A 52 -4.14 7.59 3.96
CA MET A 52 -4.31 6.28 3.35
C MET A 52 -3.18 5.99 2.36
N GLY A 53 -3.02 4.71 2.04
CA GLY A 53 -1.99 4.29 1.12
C GLY A 53 -2.38 2.97 0.43
N MET A 54 -1.68 2.69 -0.66
CA MET A 54 -1.94 1.47 -1.41
C MET A 54 -0.65 0.96 -2.07
N VAL A 55 -0.41 -0.34 -1.91
CA VAL A 55 0.76 -0.96 -2.48
C VAL A 55 0.41 -2.37 -2.94
N GLU A 56 0.83 -2.68 -4.16
CA GLU A 56 0.57 -4.00 -4.73
C GLU A 56 1.84 -4.87 -4.67
N TYR A 57 1.62 -6.17 -4.72
CA TYR A 57 2.73 -7.12 -4.67
C TYR A 57 2.61 -8.15 -5.79
N LEU A 58 3.76 -8.56 -6.29
CA LEU A 58 3.81 -9.55 -7.36
C LEU A 58 3.77 -10.95 -6.76
N ARG A 59 3.51 -11.00 -5.46
CA ARG A 59 3.44 -12.27 -4.76
C ARG A 59 2.40 -12.20 -3.64
N LYS A 60 1.50 -13.17 -3.66
CA LYS A 60 0.45 -13.24 -2.67
C LYS A 60 1.07 -13.31 -1.27
N GLU A 61 1.90 -14.32 -1.09
CA GLU A 61 2.57 -14.51 0.19
C GLU A 61 3.20 -13.20 0.67
N ASP A 62 3.91 -12.55 -0.25
CA ASP A 62 4.57 -11.30 0.06
C ASP A 62 3.53 -10.32 0.62
N MET A 63 2.33 -10.38 0.07
CA MET A 63 1.25 -9.51 0.50
C MET A 63 0.96 -9.72 2.00
N GLU A 64 0.71 -10.97 2.35
CA GLU A 64 0.41 -11.30 3.73
C GLU A 64 1.62 -11.03 4.61
N TYR A 65 2.79 -11.36 4.09
CA TYR A 65 4.03 -11.15 4.83
C TYR A 65 4.11 -9.73 5.37
N ALA A 66 4.15 -8.78 4.45
CA ALA A 66 4.22 -7.38 4.82
C ALA A 66 3.02 -7.02 5.69
N LEU A 67 1.87 -7.59 5.33
CA LEU A 67 0.65 -7.34 6.07
C LEU A 67 0.89 -7.58 7.56
N ARG A 68 1.34 -8.80 7.86
CA ARG A 68 1.62 -9.17 9.24
C ARG A 68 2.89 -8.47 9.73
N LYS A 69 4.01 -8.87 9.13
CA LYS A 69 5.29 -8.30 9.50
C LYS A 69 5.11 -6.82 9.84
N LEU A 70 4.65 -6.08 8.85
CA LEU A 70 4.42 -4.65 9.03
C LEU A 70 3.30 -4.44 10.05
N ASP A 71 2.13 -4.92 9.70
CA ASP A 71 0.97 -4.80 10.58
C ASP A 71 1.26 -3.74 11.64
N ASP A 72 1.17 -2.48 11.21
CA ASP A 72 1.42 -1.36 12.11
C ASP A 72 2.93 -1.18 12.28
N THR A 73 3.44 -0.18 11.59
CA THR A 73 4.87 0.12 11.65
C THR A 73 5.10 1.64 11.72
N LYS A 74 6.32 2.01 12.06
CA LYS A 74 6.68 3.41 12.16
C LYS A 74 7.29 3.87 10.83
N PHE A 75 6.50 4.64 10.08
CA PHE A 75 6.95 5.15 8.80
C PHE A 75 7.55 6.54 8.95
N ARG A 76 8.76 6.69 8.42
CA ARG A 76 9.46 7.97 8.49
C ARG A 76 9.22 8.77 7.22
N SER A 77 8.60 9.92 7.40
CA SER A 77 8.30 10.80 6.27
C SER A 77 9.59 11.41 5.72
N HIS A 78 9.47 12.01 4.54
CA HIS A 78 10.61 12.64 3.91
C HIS A 78 11.03 13.88 4.70
N GLU A 79 10.13 14.30 5.57
CA GLU A 79 10.39 15.48 6.40
C GLU A 79 10.98 15.06 7.75
N GLY A 80 11.08 13.75 7.94
CA GLY A 80 11.61 13.21 9.18
C GLY A 80 10.50 12.68 10.08
N GLU A 81 9.39 13.42 10.09
CA GLU A 81 8.25 13.05 10.91
C GLU A 81 8.02 11.54 10.82
N THR A 82 7.31 11.03 11.82
CA THR A 82 7.00 9.61 11.87
C THR A 82 5.54 9.38 12.29
N SER A 83 5.02 8.22 11.91
CA SER A 83 3.65 7.89 12.24
C SER A 83 3.45 6.37 12.14
N TYR A 84 2.38 5.90 12.76
CA TYR A 84 2.06 4.48 12.75
C TYR A 84 1.07 4.16 11.62
N ILE A 85 1.57 3.41 10.65
CA ILE A 85 0.74 3.02 9.51
C ILE A 85 0.39 1.54 9.63
N ARG A 86 -0.89 1.24 9.48
CA ARG A 86 -1.36 -0.13 9.57
C ARG A 86 -1.36 -0.78 8.19
N VAL A 87 -1.23 -2.10 8.20
CA VAL A 87 -1.20 -2.85 6.96
C VAL A 87 -2.30 -3.93 6.98
N TYR A 88 -3.24 -3.78 6.07
CA TYR A 88 -4.34 -4.72 5.98
C TYR A 88 -4.77 -4.94 4.53
N PRO A 89 -5.43 -6.10 4.28
CA PRO A 89 -5.89 -6.43 2.95
C PRO A 89 -7.12 -5.61 2.57
N GLU A 90 -7.45 -5.64 1.28
CA GLU A 90 -8.60 -4.90 0.78
C GLU A 90 -9.90 -5.64 1.13
N ARG A 91 -11.00 -4.94 0.94
CA ARG A 91 -12.31 -5.52 1.23
C ARG A 91 -13.41 -4.51 0.88
N SER A 92 -13.32 -3.98 -0.33
CA SER A 92 -14.31 -3.02 -0.79
C SER A 92 -15.32 -3.70 -1.72
N SER A 93 -16.48 -3.99 -1.14
CA SER A 93 -17.54 -4.65 -1.90
C SER A 93 -18.90 -4.11 -1.46
N GLY A 94 -19.89 -4.34 -2.30
CA GLY A 94 -21.25 -3.88 -2.02
C GLY A 94 -22.22 -5.06 -1.94
N PRO A 95 -23.13 -4.99 -0.94
CA PRO A 95 -24.12 -6.04 -0.75
C PRO A 95 -25.22 -5.95 -1.80
N SER A 96 -24.87 -6.36 -3.01
CA SER A 96 -25.82 -6.34 -4.12
C SER A 96 -25.43 -7.38 -5.16
N SER A 97 -26.43 -7.91 -5.83
CA SER A 97 -26.22 -8.92 -6.85
C SER A 97 -26.29 -8.27 -8.24
N GLY A 98 -25.17 -7.73 -8.67
CA GLY A 98 -25.10 -7.09 -9.97
C GLY A 98 -24.46 -8.01 -11.01
N GLY A 1 3.03 0.47 -14.92
CA GLY A 1 2.04 -0.18 -15.76
C GLY A 1 0.72 0.60 -15.77
N SER A 2 0.15 0.73 -14.58
CA SER A 2 -1.12 1.46 -14.44
C SER A 2 -0.90 2.95 -14.72
N SER A 3 -1.87 3.53 -15.39
CA SER A 3 -1.81 4.95 -15.72
C SER A 3 -3.22 5.55 -15.74
N GLY A 4 -3.35 6.67 -15.04
CA GLY A 4 -4.63 7.36 -14.98
C GLY A 4 -5.05 7.60 -13.52
N SER A 5 -6.35 7.77 -13.33
CA SER A 5 -6.88 8.00 -12.00
C SER A 5 -8.35 7.58 -11.94
N SER A 6 -8.55 6.31 -11.63
CA SER A 6 -9.90 5.77 -11.54
C SER A 6 -10.60 5.89 -12.90
N GLY A 7 -10.80 4.74 -13.53
CA GLY A 7 -11.47 4.71 -14.82
C GLY A 7 -10.45 4.50 -15.95
N GLY A 8 -10.93 3.89 -17.03
CA GLY A 8 -10.08 3.63 -18.17
C GLY A 8 -10.06 2.14 -18.51
N PRO A 9 -8.84 1.64 -18.84
CA PRO A 9 -8.67 0.24 -19.19
C PRO A 9 -8.73 -0.64 -17.94
N PRO A 10 -9.08 -1.94 -18.17
CA PRO A 10 -9.18 -2.89 -17.08
C PRO A 10 -7.79 -3.32 -16.59
N THR A 11 -7.58 -3.17 -15.30
CA THR A 11 -6.31 -3.53 -14.70
C THR A 11 -6.37 -4.94 -14.11
N ARG A 12 -5.86 -5.90 -14.87
CA ARG A 12 -5.86 -7.28 -14.43
C ARG A 12 -4.44 -7.74 -14.11
N ARG A 13 -4.02 -7.42 -12.90
CA ARG A 13 -2.69 -7.78 -12.45
C ARG A 13 -2.76 -8.57 -11.14
N SER A 14 -1.58 -8.88 -10.59
CA SER A 14 -1.51 -9.61 -9.35
C SER A 14 -2.61 -9.14 -8.40
N ASP A 15 -3.36 -10.11 -7.90
CA ASP A 15 -4.45 -9.81 -6.98
C ASP A 15 -3.95 -9.95 -5.54
N PHE A 16 -3.09 -9.01 -5.17
CA PHE A 16 -2.53 -9.02 -3.82
C PHE A 16 -1.94 -7.65 -3.48
N ARG A 17 -2.70 -6.89 -2.70
CA ARG A 17 -2.27 -5.57 -2.29
C ARG A 17 -2.40 -5.42 -0.77
N VAL A 18 -1.98 -4.25 -0.29
CA VAL A 18 -2.03 -3.96 1.13
C VAL A 18 -2.50 -2.52 1.34
N LEU A 19 -3.56 -2.38 2.12
CA LEU A 19 -4.12 -1.07 2.40
C LEU A 19 -3.36 -0.45 3.57
N VAL A 20 -2.90 0.78 3.36
CA VAL A 20 -2.16 1.49 4.39
C VAL A 20 -2.95 2.72 4.82
N SER A 21 -3.02 2.92 6.13
CA SER A 21 -3.75 4.04 6.69
C SER A 21 -3.02 4.59 7.91
N GLY A 22 -3.17 5.89 8.13
CA GLY A 22 -2.53 6.53 9.25
C GLY A 22 -1.15 7.07 8.86
N LEU A 23 -1.11 7.75 7.73
CA LEU A 23 0.13 8.33 7.24
C LEU A 23 0.24 9.79 7.70
N PRO A 24 1.50 10.28 7.74
CA PRO A 24 1.75 11.65 8.16
C PRO A 24 1.36 12.64 7.06
N PRO A 25 1.40 13.95 7.42
CA PRO A 25 1.06 15.00 6.48
C PRO A 25 2.19 15.20 5.46
N SER A 26 3.37 14.74 5.83
CA SER A 26 4.53 14.87 4.97
C SER A 26 4.86 13.52 4.33
N GLY A 27 4.19 12.49 4.82
CA GLY A 27 4.41 11.14 4.32
C GLY A 27 4.18 11.09 2.81
N SER A 28 4.98 10.25 2.14
CA SER A 28 4.87 10.11 0.70
C SER A 28 4.73 8.62 0.34
N TRP A 29 4.69 8.36 -0.95
CA TRP A 29 4.56 7.00 -1.44
C TRP A 29 5.97 6.42 -1.60
N GLN A 30 6.89 7.29 -2.02
CA GLN A 30 8.27 6.88 -2.21
C GLN A 30 8.76 6.07 -1.01
N ASP A 31 8.93 6.78 0.10
CA ASP A 31 9.40 6.15 1.32
C ASP A 31 8.46 4.99 1.68
N LEU A 32 7.18 5.30 1.70
CA LEU A 32 6.17 4.30 2.02
C LEU A 32 6.48 3.01 1.27
N LYS A 33 6.75 3.17 -0.02
CA LYS A 33 7.06 2.03 -0.87
C LYS A 33 8.23 1.26 -0.26
N ASP A 34 9.40 1.87 -0.31
CA ASP A 34 10.59 1.25 0.23
C ASP A 34 10.25 0.53 1.53
N HIS A 35 9.36 1.14 2.30
CA HIS A 35 8.94 0.57 3.57
C HIS A 35 8.11 -0.69 3.31
N MET A 36 7.17 -0.56 2.38
CA MET A 36 6.31 -1.68 2.03
C MET A 36 7.10 -2.78 1.32
N ARG A 37 7.98 -2.35 0.43
CA ARG A 37 8.80 -3.29 -0.32
C ARG A 37 9.27 -4.43 0.59
N GLU A 38 9.38 -4.12 1.87
CA GLU A 38 9.80 -5.11 2.85
C GLU A 38 9.35 -6.51 2.43
N ALA A 39 8.13 -6.57 1.91
CA ALA A 39 7.56 -7.83 1.47
C ALA A 39 8.41 -8.39 0.32
N GLY A 40 8.15 -7.86 -0.87
CA GLY A 40 8.88 -8.29 -2.04
C GLY A 40 9.02 -7.16 -3.06
N ASP A 41 8.54 -7.42 -4.27
CA ASP A 41 8.59 -6.43 -5.33
C ASP A 41 7.27 -5.68 -5.38
N VAL A 42 7.38 -4.35 -5.47
CA VAL A 42 6.20 -3.50 -5.53
C VAL A 42 6.00 -3.01 -6.96
N CYS A 43 4.87 -3.42 -7.53
CA CYS A 43 4.55 -3.04 -8.90
C CYS A 43 3.68 -1.78 -8.86
N TYR A 44 3.01 -1.61 -7.72
CA TYR A 44 2.14 -0.46 -7.54
C TYR A 44 2.45 0.25 -6.21
N ALA A 45 2.47 1.57 -6.28
CA ALA A 45 2.75 2.37 -5.09
C ALA A 45 2.06 3.73 -5.23
N ASP A 46 1.09 3.96 -4.36
CA ASP A 46 0.36 5.22 -4.37
C ASP A 46 0.00 5.60 -2.94
N VAL A 47 -0.28 6.90 -2.76
CA VAL A 47 -0.64 7.41 -1.45
C VAL A 47 -1.77 8.43 -1.61
N GLN A 48 -2.71 8.37 -0.66
CA GLN A 48 -3.84 9.28 -0.67
C GLN A 48 -3.72 10.29 0.46
N LYS A 49 -4.48 11.37 0.33
CA LYS A 49 -4.47 12.42 1.33
C LYS A 49 -4.99 11.85 2.66
N ASP A 50 -5.06 12.74 3.65
CA ASP A 50 -5.54 12.33 4.97
C ASP A 50 -4.46 11.51 5.67
N GLY A 51 -4.09 10.41 5.03
CA GLY A 51 -3.06 9.53 5.58
C GLY A 51 -3.30 8.08 5.15
N MET A 52 -3.61 7.92 3.87
CA MET A 52 -3.87 6.60 3.33
C MET A 52 -2.74 6.18 2.38
N GLY A 53 -2.74 4.89 2.05
CA GLY A 53 -1.73 4.35 1.16
C GLY A 53 -2.21 3.04 0.53
N MET A 54 -1.57 2.68 -0.58
CA MET A 54 -1.91 1.47 -1.28
C MET A 54 -0.71 0.91 -2.06
N VAL A 55 -0.46 -0.37 -1.88
CA VAL A 55 0.64 -1.02 -2.56
C VAL A 55 0.20 -2.40 -3.05
N GLU A 56 0.68 -2.77 -4.22
CA GLU A 56 0.35 -4.05 -4.80
C GLU A 56 1.62 -4.91 -4.97
N TYR A 57 1.46 -6.19 -4.68
CA TYR A 57 2.58 -7.12 -4.79
C TYR A 57 2.36 -8.10 -5.95
N LEU A 58 3.41 -8.83 -6.27
CA LEU A 58 3.35 -9.80 -7.35
C LEU A 58 3.05 -11.19 -6.78
N ARG A 59 3.59 -11.44 -5.59
CA ARG A 59 3.38 -12.71 -4.93
C ARG A 59 2.40 -12.55 -3.76
N LYS A 60 1.52 -13.53 -3.63
CA LYS A 60 0.53 -13.51 -2.57
C LYS A 60 1.24 -13.43 -1.21
N GLU A 61 2.10 -14.41 -0.99
CA GLU A 61 2.86 -14.47 0.25
C GLU A 61 3.41 -13.09 0.61
N ASP A 62 4.11 -12.51 -0.35
CA ASP A 62 4.69 -11.19 -0.16
C ASP A 62 3.65 -10.25 0.46
N MET A 63 2.42 -10.43 0.02
CA MET A 63 1.32 -9.62 0.52
C MET A 63 1.11 -9.83 2.02
N GLU A 64 0.67 -11.03 2.36
CA GLU A 64 0.43 -11.38 3.74
C GLU A 64 1.67 -11.08 4.59
N TYR A 65 2.83 -11.38 4.02
CA TYR A 65 4.09 -11.15 4.70
C TYR A 65 4.16 -9.72 5.24
N ALA A 66 4.24 -8.77 4.33
CA ALA A 66 4.32 -7.37 4.71
C ALA A 66 3.12 -7.02 5.60
N LEU A 67 1.97 -7.59 5.25
CA LEU A 67 0.75 -7.36 5.99
C LEU A 67 1.02 -7.59 7.48
N ARG A 68 1.46 -8.79 7.80
CA ARG A 68 1.76 -9.15 9.17
C ARG A 68 3.05 -8.47 9.63
N LYS A 69 4.15 -8.89 9.02
CA LYS A 69 5.45 -8.33 9.35
C LYS A 69 5.29 -6.86 9.69
N LEU A 70 4.80 -6.10 8.71
CA LEU A 70 4.60 -4.67 8.90
C LEU A 70 3.49 -4.45 9.93
N ASP A 71 2.31 -4.93 9.58
CA ASP A 71 1.16 -4.79 10.46
C ASP A 71 1.44 -3.71 11.50
N ASP A 72 1.07 -2.48 11.16
CA ASP A 72 1.29 -1.36 12.06
C ASP A 72 2.79 -1.18 12.30
N THR A 73 3.34 -0.14 11.67
CA THR A 73 4.75 0.14 11.81
C THR A 73 4.97 1.65 11.96
N LYS A 74 6.21 2.01 12.28
CA LYS A 74 6.58 3.41 12.45
C LYS A 74 7.15 3.95 11.15
N PHE A 75 6.30 4.64 10.41
CA PHE A 75 6.71 5.22 9.14
C PHE A 75 7.30 6.62 9.34
N ARG A 76 8.39 6.88 8.64
CA ARG A 76 9.06 8.15 8.73
C ARG A 76 8.99 8.89 7.38
N SER A 77 8.37 10.06 7.43
CA SER A 77 8.22 10.87 6.22
C SER A 77 9.59 11.41 5.78
N HIS A 78 9.59 12.04 4.62
CA HIS A 78 10.81 12.59 4.07
C HIS A 78 11.18 13.86 4.85
N GLU A 79 10.25 14.31 5.67
CA GLU A 79 10.47 15.50 6.47
C GLU A 79 11.07 15.12 7.83
N GLY A 80 11.10 13.83 8.09
CA GLY A 80 11.63 13.33 9.35
C GLY A 80 10.51 12.91 10.30
N GLU A 81 9.35 13.49 10.08
CA GLU A 81 8.18 13.19 10.90
C GLU A 81 7.95 11.68 10.97
N THR A 82 7.26 11.26 12.01
CA THR A 82 6.96 9.85 12.20
C THR A 82 5.47 9.64 12.42
N SER A 83 4.98 8.50 11.96
CA SER A 83 3.58 8.17 12.10
C SER A 83 3.39 6.65 12.10
N TYR A 84 2.21 6.23 12.52
CA TYR A 84 1.90 4.81 12.58
C TYR A 84 0.93 4.42 11.45
N ILE A 85 1.42 3.56 10.57
CA ILE A 85 0.60 3.10 9.45
C ILE A 85 0.33 1.60 9.60
N ARG A 86 -0.94 1.24 9.41
CA ARG A 86 -1.33 -0.15 9.52
C ARG A 86 -1.35 -0.81 8.14
N VAL A 87 -1.25 -2.13 8.15
CA VAL A 87 -1.25 -2.89 6.91
C VAL A 87 -2.32 -3.98 6.99
N TYR A 88 -3.26 -3.91 6.06
CA TYR A 88 -4.34 -4.87 6.01
C TYR A 88 -4.89 -5.02 4.59
N PRO A 89 -5.50 -6.20 4.32
CA PRO A 89 -6.07 -6.48 3.01
C PRO A 89 -7.38 -5.72 2.81
N GLU A 90 -7.86 -5.76 1.58
CA GLU A 90 -9.10 -5.09 1.25
C GLU A 90 -10.28 -6.05 1.34
N ARG A 91 -11.47 -5.52 1.08
CA ARG A 91 -12.68 -6.33 1.14
C ARG A 91 -13.54 -6.09 -0.10
N SER A 92 -13.82 -7.17 -0.80
CA SER A 92 -14.63 -7.10 -2.01
C SER A 92 -15.85 -8.00 -1.87
N SER A 93 -17.01 -7.38 -1.99
CA SER A 93 -18.26 -8.11 -1.90
C SER A 93 -19.33 -7.47 -2.79
N GLY A 94 -20.03 -8.31 -3.53
CA GLY A 94 -21.07 -7.83 -4.42
C GLY A 94 -21.42 -8.89 -5.47
N PRO A 95 -22.75 -9.13 -5.64
CA PRO A 95 -23.22 -10.10 -6.60
C PRO A 95 -23.10 -9.56 -8.03
N SER A 96 -23.49 -8.30 -8.19
CA SER A 96 -23.43 -7.66 -9.49
C SER A 96 -23.76 -6.18 -9.36
N SER A 97 -24.94 -5.91 -8.82
CA SER A 97 -25.39 -4.53 -8.63
C SER A 97 -24.90 -4.01 -7.28
N GLY A 98 -24.48 -2.75 -7.29
CA GLY A 98 -23.99 -2.12 -6.08
C GLY A 98 -24.72 -0.81 -5.81
N GLY A 1 -15.83 5.32 -29.00
CA GLY A 1 -15.32 6.09 -27.88
C GLY A 1 -13.80 5.92 -27.76
N SER A 2 -13.08 6.84 -28.40
CA SER A 2 -11.64 6.82 -28.36
C SER A 2 -11.14 6.99 -26.93
N SER A 3 -9.87 6.65 -26.73
CA SER A 3 -9.27 6.77 -25.40
C SER A 3 -9.75 8.04 -24.72
N GLY A 4 -9.87 7.96 -23.40
CA GLY A 4 -10.32 9.09 -22.61
C GLY A 4 -9.57 9.16 -21.28
N SER A 5 -10.34 9.26 -20.21
CA SER A 5 -9.76 9.33 -18.87
C SER A 5 -10.24 8.15 -18.03
N SER A 6 -9.63 8.02 -16.86
CA SER A 6 -9.99 6.95 -15.95
C SER A 6 -9.27 7.13 -14.61
N GLY A 7 -9.83 6.52 -13.59
CA GLY A 7 -9.24 6.60 -12.25
C GLY A 7 -7.87 5.95 -12.21
N GLY A 8 -7.76 4.90 -11.41
CA GLY A 8 -6.51 4.19 -11.28
C GLY A 8 -5.86 3.93 -12.65
N PRO A 9 -4.61 3.40 -12.60
CA PRO A 9 -3.88 3.11 -13.83
C PRO A 9 -4.43 1.85 -14.51
N PRO A 10 -4.14 1.73 -15.82
CA PRO A 10 -4.60 0.59 -16.59
C PRO A 10 -3.77 -0.65 -16.27
N THR A 11 -3.96 -1.15 -15.05
CA THR A 11 -3.24 -2.33 -14.60
C THR A 11 -4.18 -3.53 -14.55
N ARG A 12 -3.64 -4.68 -14.91
CA ARG A 12 -4.41 -5.91 -14.91
C ARG A 12 -3.51 -7.11 -14.63
N ARG A 13 -2.64 -6.96 -13.65
CA ARG A 13 -1.71 -8.01 -13.28
C ARG A 13 -1.82 -8.32 -11.80
N SER A 14 -1.67 -9.59 -11.47
CA SER A 14 -1.75 -10.03 -10.09
C SER A 14 -3.01 -9.47 -9.42
N ASP A 15 -3.15 -9.76 -8.14
CA ASP A 15 -4.30 -9.29 -7.39
C ASP A 15 -4.02 -9.45 -5.90
N PHE A 16 -3.00 -8.72 -5.44
CA PHE A 16 -2.63 -8.78 -4.04
C PHE A 16 -1.94 -7.47 -3.61
N ARG A 17 -2.66 -6.70 -2.83
CA ARG A 17 -2.14 -5.42 -2.34
C ARG A 17 -2.37 -5.29 -0.84
N VAL A 18 -1.87 -4.20 -0.28
CA VAL A 18 -2.02 -3.94 1.14
C VAL A 18 -2.53 -2.52 1.35
N LEU A 19 -3.56 -2.41 2.18
CA LEU A 19 -4.15 -1.12 2.48
C LEU A 19 -3.45 -0.50 3.68
N VAL A 20 -2.94 0.71 3.47
CA VAL A 20 -2.24 1.42 4.52
C VAL A 20 -3.06 2.65 4.94
N SER A 21 -3.10 2.89 6.24
CA SER A 21 -3.83 4.02 6.77
C SER A 21 -3.15 4.53 8.04
N GLY A 22 -2.94 5.84 8.07
CA GLY A 22 -2.30 6.47 9.22
C GLY A 22 -0.96 7.08 8.82
N LEU A 23 -0.89 7.55 7.59
CA LEU A 23 0.32 8.17 7.08
C LEU A 23 0.45 9.58 7.63
N PRO A 24 1.72 10.07 7.66
CA PRO A 24 1.99 11.41 8.17
C PRO A 24 1.56 12.47 7.16
N PRO A 25 1.58 13.75 7.63
CA PRO A 25 1.19 14.87 6.79
C PRO A 25 2.29 15.20 5.77
N SER A 26 3.45 14.62 6.01
CA SER A 26 4.59 14.83 5.13
C SER A 26 5.02 13.51 4.49
N GLY A 27 4.29 12.46 4.83
CA GLY A 27 4.58 11.14 4.30
C GLY A 27 4.42 11.11 2.78
N SER A 28 5.02 10.09 2.18
CA SER A 28 4.94 9.94 0.74
C SER A 28 4.77 8.46 0.38
N TRP A 29 4.60 8.22 -0.91
CA TRP A 29 4.43 6.86 -1.40
C TRP A 29 5.82 6.25 -1.61
N GLN A 30 6.72 7.08 -2.14
CA GLN A 30 8.08 6.64 -2.38
C GLN A 30 8.66 5.96 -1.13
N ASP A 31 8.99 6.79 -0.16
CA ASP A 31 9.54 6.29 1.09
C ASP A 31 8.69 5.13 1.59
N LEU A 32 7.39 5.28 1.44
CA LEU A 32 6.46 4.25 1.88
C LEU A 32 6.80 2.93 1.19
N LYS A 33 7.00 3.00 -0.11
CA LYS A 33 7.33 1.83 -0.89
C LYS A 33 8.58 1.16 -0.28
N ASP A 34 9.66 1.92 -0.27
CA ASP A 34 10.91 1.42 0.29
C ASP A 34 10.62 0.66 1.58
N HIS A 35 9.55 1.06 2.24
CA HIS A 35 9.16 0.42 3.48
C HIS A 35 8.30 -0.81 3.19
N MET A 36 7.22 -0.59 2.45
CA MET A 36 6.32 -1.68 2.09
C MET A 36 7.07 -2.80 1.38
N ARG A 37 8.00 -2.40 0.52
CA ARG A 37 8.78 -3.36 -0.23
C ARG A 37 9.22 -4.51 0.68
N GLU A 38 9.31 -4.20 1.96
CA GLU A 38 9.71 -5.19 2.94
C GLU A 38 9.27 -6.59 2.50
N ALA A 39 8.05 -6.65 1.97
CA ALA A 39 7.50 -7.90 1.50
C ALA A 39 8.39 -8.49 0.42
N GLY A 40 8.31 -7.89 -0.76
CA GLY A 40 9.12 -8.34 -1.88
C GLY A 40 9.38 -7.20 -2.87
N ASP A 41 8.64 -7.24 -3.97
CA ASP A 41 8.78 -6.21 -4.99
C ASP A 41 7.43 -5.54 -5.23
N VAL A 42 7.43 -4.22 -5.17
CA VAL A 42 6.21 -3.45 -5.37
C VAL A 42 6.13 -3.02 -6.84
N CYS A 43 5.01 -3.35 -7.46
CA CYS A 43 4.79 -3.00 -8.85
C CYS A 43 4.09 -1.63 -8.89
N TYR A 44 3.37 -1.34 -7.84
CA TYR A 44 2.65 -0.08 -7.74
C TYR A 44 2.62 0.43 -6.30
N ALA A 45 2.74 1.74 -6.16
CA ALA A 45 2.72 2.37 -4.85
C ALA A 45 2.15 3.78 -4.97
N ASP A 46 1.01 3.98 -4.33
CA ASP A 46 0.36 5.28 -4.36
C ASP A 46 -0.08 5.65 -2.94
N VAL A 47 -0.42 6.92 -2.78
CA VAL A 47 -0.86 7.42 -1.49
C VAL A 47 -1.99 8.43 -1.69
N GLN A 48 -2.94 8.42 -0.76
CA GLN A 48 -4.06 9.32 -0.83
C GLN A 48 -4.11 10.21 0.43
N LYS A 49 -4.95 11.23 0.36
CA LYS A 49 -5.09 12.15 1.48
C LYS A 49 -5.63 11.39 2.68
N ASP A 50 -5.60 12.07 3.83
CA ASP A 50 -6.07 11.47 5.06
C ASP A 50 -4.93 10.69 5.72
N GLY A 51 -4.19 9.97 4.88
CA GLY A 51 -3.07 9.19 5.38
C GLY A 51 -3.11 7.77 4.79
N MET A 52 -4.16 7.51 4.03
CA MET A 52 -4.32 6.20 3.41
C MET A 52 -3.30 5.99 2.28
N GLY A 53 -3.01 4.73 2.02
CA GLY A 53 -2.07 4.38 0.98
C GLY A 53 -2.39 3.02 0.37
N MET A 54 -1.68 2.69 -0.70
CA MET A 54 -1.88 1.43 -1.39
C MET A 54 -0.59 0.93 -2.03
N VAL A 55 -0.41 -0.37 -2.00
CA VAL A 55 0.78 -0.99 -2.57
C VAL A 55 0.45 -2.40 -3.05
N GLU A 56 0.72 -2.64 -4.32
CA GLU A 56 0.45 -3.94 -4.91
C GLU A 56 1.70 -4.82 -4.84
N TYR A 57 1.47 -6.12 -4.83
CA TYR A 57 2.56 -7.08 -4.77
C TYR A 57 2.43 -8.12 -5.88
N LEU A 58 3.59 -8.50 -6.42
CA LEU A 58 3.61 -9.49 -7.49
C LEU A 58 3.55 -10.89 -6.88
N ARG A 59 3.57 -10.93 -5.55
CA ARG A 59 3.51 -12.20 -4.84
C ARG A 59 2.45 -12.13 -3.74
N LYS A 60 1.65 -13.18 -3.67
CA LYS A 60 0.59 -13.26 -2.67
C LYS A 60 1.22 -13.23 -1.27
N GLU A 61 2.10 -14.19 -1.04
CA GLU A 61 2.77 -14.29 0.25
C GLU A 61 3.23 -12.90 0.71
N ASP A 62 3.96 -12.23 -0.17
CA ASP A 62 4.47 -10.90 0.13
C ASP A 62 3.36 -10.07 0.78
N MET A 63 2.21 -10.07 0.14
CA MET A 63 1.06 -9.33 0.64
C MET A 63 0.83 -9.61 2.11
N GLU A 64 0.57 -10.88 2.41
CA GLU A 64 0.33 -11.30 3.78
C GLU A 64 1.58 -11.04 4.64
N TYR A 65 2.72 -11.40 4.08
CA TYR A 65 3.98 -11.22 4.77
C TYR A 65 4.12 -9.79 5.31
N ALA A 66 4.12 -8.85 4.38
CA ALA A 66 4.24 -7.45 4.74
C ALA A 66 3.07 -7.06 5.66
N LEU A 67 1.91 -7.62 5.36
CA LEU A 67 0.72 -7.34 6.15
C LEU A 67 1.03 -7.60 7.63
N ARG A 68 1.50 -8.82 7.89
CA ARG A 68 1.83 -9.21 9.26
C ARG A 68 3.12 -8.52 9.71
N LYS A 69 4.22 -8.91 9.07
CA LYS A 69 5.51 -8.33 9.40
C LYS A 69 5.35 -6.86 9.73
N LEU A 70 4.83 -6.11 8.75
CA LEU A 70 4.61 -4.69 8.94
C LEU A 70 3.54 -4.47 9.99
N ASP A 71 2.34 -4.96 9.69
CA ASP A 71 1.21 -4.82 10.60
C ASP A 71 1.52 -3.72 11.61
N ASP A 72 1.13 -2.50 11.25
CA ASP A 72 1.35 -1.36 12.12
C ASP A 72 2.86 -1.18 12.34
N THR A 73 3.42 -0.21 11.63
CA THR A 73 4.84 0.08 11.74
C THR A 73 5.07 1.58 11.92
N LYS A 74 6.34 1.94 12.01
CA LYS A 74 6.70 3.34 12.19
C LYS A 74 7.31 3.87 10.89
N PHE A 75 6.48 4.56 10.12
CA PHE A 75 6.92 5.12 8.85
C PHE A 75 7.45 6.54 9.04
N ARG A 76 8.66 6.75 8.54
CA ARG A 76 9.29 8.06 8.65
C ARG A 76 9.07 8.86 7.37
N SER A 77 8.46 10.03 7.52
CA SER A 77 8.19 10.89 6.39
C SER A 77 9.50 11.48 5.85
N HIS A 78 9.41 12.03 4.66
CA HIS A 78 10.58 12.63 4.03
C HIS A 78 10.99 13.89 4.79
N GLU A 79 10.09 14.33 5.65
CA GLU A 79 10.35 15.52 6.45
C GLU A 79 10.88 15.13 7.82
N GLY A 80 10.89 13.83 8.08
CA GLY A 80 11.37 13.33 9.35
C GLY A 80 10.21 12.80 10.21
N GLU A 81 9.12 13.54 10.18
CA GLU A 81 7.94 13.16 10.95
C GLU A 81 7.71 11.66 10.86
N THR A 82 7.10 11.12 11.90
CA THR A 82 6.82 9.69 11.95
C THR A 82 5.35 9.45 12.34
N SER A 83 4.81 8.36 11.81
CA SER A 83 3.43 8.02 12.09
C SER A 83 3.26 6.49 12.09
N TYR A 84 2.14 6.05 12.61
CA TYR A 84 1.84 4.62 12.67
C TYR A 84 0.83 4.23 11.60
N ILE A 85 1.32 3.51 10.60
CA ILE A 85 0.48 3.06 9.50
C ILE A 85 0.22 1.56 9.65
N ARG A 86 -1.06 1.20 9.57
CA ARG A 86 -1.46 -0.18 9.69
C ARG A 86 -1.48 -0.85 8.32
N VAL A 87 -1.21 -2.15 8.32
CA VAL A 87 -1.21 -2.92 7.09
C VAL A 87 -2.30 -3.97 7.14
N TYR A 88 -3.27 -3.82 6.25
CA TYR A 88 -4.39 -4.75 6.19
C TYR A 88 -4.87 -4.93 4.74
N PRO A 89 -5.53 -6.09 4.49
CA PRO A 89 -6.04 -6.39 3.17
C PRO A 89 -7.29 -5.57 2.85
N GLU A 90 -7.79 -5.75 1.64
CA GLU A 90 -8.98 -5.04 1.21
C GLU A 90 -10.23 -5.82 1.58
N ARG A 91 -11.26 -5.09 1.99
CA ARG A 91 -12.52 -5.71 2.37
C ARG A 91 -13.55 -4.63 2.70
N SER A 92 -14.65 -4.66 1.94
CA SER A 92 -15.72 -3.70 2.15
C SER A 92 -17.07 -4.40 2.01
N SER A 93 -17.46 -5.09 3.07
CA SER A 93 -18.73 -5.81 3.08
C SER A 93 -18.75 -6.87 1.98
N GLY A 94 -19.58 -7.86 2.18
CA GLY A 94 -19.71 -8.95 1.22
C GLY A 94 -20.54 -8.52 0.01
N PRO A 95 -19.87 -8.49 -1.16
CA PRO A 95 -20.53 -8.10 -2.40
C PRO A 95 -21.45 -9.22 -2.91
N SER A 96 -22.53 -8.81 -3.55
CA SER A 96 -23.49 -9.76 -4.08
C SER A 96 -24.12 -9.21 -5.36
N SER A 97 -23.45 -9.48 -6.47
CA SER A 97 -23.93 -9.00 -7.76
C SER A 97 -23.88 -10.15 -8.78
N GLY A 98 -22.68 -10.68 -8.97
CA GLY A 98 -22.48 -11.78 -9.90
C GLY A 98 -22.58 -11.28 -11.35
N GLY A 1 3.58 7.36 -18.51
CA GLY A 1 2.29 7.69 -17.94
C GLY A 1 2.44 8.14 -16.47
N SER A 2 1.51 8.98 -16.06
CA SER A 2 1.54 9.50 -14.69
C SER A 2 0.13 9.92 -14.28
N SER A 3 -0.44 10.84 -15.05
CA SER A 3 -1.77 11.34 -14.76
C SER A 3 -2.79 10.21 -14.90
N GLY A 4 -3.81 10.27 -14.07
CA GLY A 4 -4.86 9.26 -14.09
C GLY A 4 -6.22 9.87 -13.71
N SER A 5 -7.03 10.11 -14.73
CA SER A 5 -8.34 10.69 -14.52
C SER A 5 -9.37 9.97 -15.40
N SER A 6 -10.43 9.51 -14.75
CA SER A 6 -11.49 8.80 -15.45
C SER A 6 -10.92 7.58 -16.18
N GLY A 7 -11.81 6.69 -16.57
CA GLY A 7 -11.41 5.49 -17.27
C GLY A 7 -10.54 4.60 -16.38
N GLY A 8 -9.58 3.93 -17.01
CA GLY A 8 -8.68 3.05 -16.28
C GLY A 8 -8.39 1.78 -17.08
N PRO A 9 -7.08 1.55 -17.37
CA PRO A 9 -6.66 0.40 -18.12
C PRO A 9 -6.72 -0.87 -17.25
N PRO A 10 -6.79 -2.03 -17.95
CA PRO A 10 -6.85 -3.31 -17.26
C PRO A 10 -5.48 -3.69 -16.69
N THR A 11 -5.49 -4.75 -15.88
CA THR A 11 -4.26 -5.22 -15.26
C THR A 11 -4.27 -6.74 -15.18
N ARG A 12 -3.51 -7.36 -16.07
CA ARG A 12 -3.41 -8.81 -16.10
C ARG A 12 -2.32 -9.29 -15.15
N ARG A 13 -2.38 -8.79 -13.93
CA ARG A 13 -1.42 -9.16 -12.91
C ARG A 13 -2.12 -9.73 -11.68
N SER A 14 -1.32 -10.23 -10.75
CA SER A 14 -1.86 -10.81 -9.53
C SER A 14 -2.81 -9.82 -8.85
N ASP A 15 -3.65 -10.35 -7.98
CA ASP A 15 -4.61 -9.52 -7.27
C ASP A 15 -4.30 -9.59 -5.77
N PHE A 16 -3.16 -9.00 -5.41
CA PHE A 16 -2.76 -8.99 -4.01
C PHE A 16 -2.10 -7.65 -3.65
N ARG A 17 -2.85 -6.85 -2.91
CA ARG A 17 -2.36 -5.55 -2.49
C ARG A 17 -2.46 -5.40 -0.97
N VAL A 18 -1.97 -4.28 -0.47
CA VAL A 18 -1.99 -4.01 0.96
C VAL A 18 -2.51 -2.59 1.19
N LEU A 19 -3.61 -2.49 1.92
CA LEU A 19 -4.19 -1.21 2.22
C LEU A 19 -3.50 -0.61 3.45
N VAL A 20 -3.06 0.63 3.30
CA VAL A 20 -2.37 1.32 4.37
C VAL A 20 -3.21 2.53 4.80
N SER A 21 -3.23 2.77 6.11
CA SER A 21 -3.97 3.89 6.65
C SER A 21 -3.22 4.49 7.84
N GLY A 22 -3.49 5.76 8.09
CA GLY A 22 -2.84 6.46 9.18
C GLY A 22 -1.42 6.88 8.81
N LEU A 23 -1.34 7.71 7.77
CA LEU A 23 -0.06 8.19 7.31
C LEU A 23 0.12 9.66 7.71
N PRO A 24 1.41 10.10 7.75
CA PRO A 24 1.72 11.46 8.12
C PRO A 24 1.37 12.43 6.98
N PRO A 25 1.47 13.75 7.30
CA PRO A 25 1.17 14.78 6.31
C PRO A 25 2.31 14.92 5.30
N SER A 26 3.48 14.43 5.71
CA SER A 26 4.66 14.49 4.86
C SER A 26 4.88 13.14 4.18
N GLY A 27 4.20 12.12 4.70
CA GLY A 27 4.32 10.78 4.16
C GLY A 27 4.14 10.79 2.65
N SER A 28 5.03 10.08 1.98
CA SER A 28 5.00 10.00 0.52
C SER A 28 4.91 8.54 0.09
N TRP A 29 4.65 8.35 -1.20
CA TRP A 29 4.53 7.01 -1.75
C TRP A 29 5.92 6.39 -1.79
N GLN A 30 6.90 7.22 -2.14
CA GLN A 30 8.28 6.76 -2.21
C GLN A 30 8.67 6.05 -0.92
N ASP A 31 8.85 6.83 0.12
CA ASP A 31 9.23 6.28 1.42
C ASP A 31 8.29 5.13 1.77
N LEU A 32 7.01 5.36 1.55
CA LEU A 32 6.00 4.36 1.83
C LEU A 32 6.38 3.05 1.14
N LYS A 33 6.65 3.16 -0.15
CA LYS A 33 7.02 2.00 -0.94
C LYS A 33 8.27 1.35 -0.33
N ASP A 34 9.37 2.10 -0.39
CA ASP A 34 10.63 1.62 0.15
C ASP A 34 10.37 0.88 1.46
N HIS A 35 9.32 1.30 2.15
CA HIS A 35 8.95 0.69 3.41
C HIS A 35 8.13 -0.57 3.15
N MET A 36 7.17 -0.45 2.24
CA MET A 36 6.32 -1.57 1.89
C MET A 36 7.13 -2.69 1.23
N ARG A 37 8.06 -2.28 0.40
CA ARG A 37 8.91 -3.23 -0.30
C ARG A 37 9.35 -4.35 0.65
N GLU A 38 9.37 -4.02 1.93
CA GLU A 38 9.77 -4.98 2.95
C GLU A 38 9.39 -6.40 2.51
N ALA A 39 8.20 -6.51 1.93
CA ALA A 39 7.71 -7.79 1.47
C ALA A 39 8.58 -8.29 0.31
N GLY A 40 8.28 -7.76 -0.87
CA GLY A 40 9.03 -8.14 -2.06
C GLY A 40 9.08 -6.98 -3.06
N ASP A 41 8.75 -7.29 -4.30
CA ASP A 41 8.76 -6.30 -5.35
C ASP A 41 7.39 -5.60 -5.40
N VAL A 42 7.44 -4.28 -5.55
CA VAL A 42 6.23 -3.49 -5.61
C VAL A 42 6.00 -3.01 -7.05
N CYS A 43 4.89 -3.47 -7.61
CA CYS A 43 4.56 -3.11 -8.98
C CYS A 43 3.66 -1.87 -8.94
N TYR A 44 2.97 -1.71 -7.82
CA TYR A 44 2.08 -0.58 -7.63
C TYR A 44 2.39 0.15 -6.32
N ALA A 45 2.47 1.47 -6.43
CA ALA A 45 2.76 2.29 -5.27
C ALA A 45 2.06 3.65 -5.42
N ASP A 46 1.11 3.89 -4.54
CA ASP A 46 0.36 5.14 -4.57
C ASP A 46 0.04 5.56 -3.13
N VAL A 47 -0.33 6.84 -3.00
CA VAL A 47 -0.66 7.37 -1.69
C VAL A 47 -1.86 8.31 -1.83
N GLN A 48 -2.76 8.22 -0.86
CA GLN A 48 -3.96 9.06 -0.87
C GLN A 48 -3.87 10.11 0.24
N LYS A 49 -4.80 11.06 0.19
CA LYS A 49 -4.83 12.12 1.18
C LYS A 49 -5.31 11.55 2.52
N ASP A 50 -5.49 12.44 3.48
CA ASP A 50 -5.94 12.04 4.81
C ASP A 50 -4.78 11.35 5.53
N GLY A 51 -4.30 10.27 4.94
CA GLY A 51 -3.21 9.52 5.52
C GLY A 51 -3.31 8.03 5.16
N MET A 52 -3.63 7.77 3.90
CA MET A 52 -3.77 6.42 3.42
C MET A 52 -2.72 6.10 2.35
N GLY A 53 -2.65 4.82 2.00
CA GLY A 53 -1.70 4.38 0.99
C GLY A 53 -2.15 3.07 0.35
N MET A 54 -1.49 2.72 -0.75
CA MET A 54 -1.82 1.50 -1.45
C MET A 54 -0.59 0.96 -2.19
N VAL A 55 -0.42 -0.36 -2.12
CA VAL A 55 0.69 -1.01 -2.77
C VAL A 55 0.28 -2.42 -3.21
N GLU A 56 0.87 -2.87 -4.30
CA GLU A 56 0.58 -4.19 -4.83
C GLU A 56 1.81 -5.08 -4.75
N TYR A 57 1.57 -6.38 -4.91
CA TYR A 57 2.65 -7.35 -4.86
C TYR A 57 2.47 -8.42 -5.93
N LEU A 58 3.59 -8.86 -6.48
CA LEU A 58 3.57 -9.88 -7.51
C LEU A 58 3.58 -11.27 -6.86
N ARG A 59 3.45 -11.26 -5.54
CA ARG A 59 3.44 -12.50 -4.78
C ARG A 59 2.44 -12.41 -3.63
N LYS A 60 1.63 -13.46 -3.52
CA LYS A 60 0.62 -13.51 -2.47
C LYS A 60 1.31 -13.40 -1.10
N GLU A 61 2.28 -14.28 -0.90
CA GLU A 61 3.01 -14.30 0.35
C GLU A 61 3.47 -12.89 0.72
N ASP A 62 4.14 -12.25 -0.21
CA ASP A 62 4.63 -10.89 0.00
C ASP A 62 3.54 -10.06 0.68
N MET A 63 2.36 -10.09 0.07
CA MET A 63 1.23 -9.36 0.61
C MET A 63 1.01 -9.66 2.09
N GLU A 64 0.69 -10.91 2.36
CA GLU A 64 0.46 -11.35 3.72
C GLU A 64 1.68 -11.04 4.60
N TYR A 65 2.85 -11.37 4.06
CA TYR A 65 4.09 -11.13 4.77
C TYR A 65 4.16 -9.69 5.28
N ALA A 66 4.21 -8.77 4.33
CA ALA A 66 4.29 -7.35 4.65
C ALA A 66 3.08 -6.97 5.51
N LEU A 67 1.94 -7.55 5.17
CA LEU A 67 0.71 -7.29 5.90
C LEU A 67 0.95 -7.47 7.39
N ARG A 68 1.39 -8.68 7.73
CA ARG A 68 1.67 -9.01 9.12
C ARG A 68 2.93 -8.29 9.60
N LYS A 69 4.05 -8.68 9.02
CA LYS A 69 5.33 -8.09 9.37
C LYS A 69 5.14 -6.59 9.64
N LEU A 70 4.71 -5.89 8.60
CA LEU A 70 4.48 -4.45 8.71
C LEU A 70 3.41 -4.20 9.76
N ASP A 71 2.29 -4.91 9.62
CA ASP A 71 1.19 -4.77 10.54
C ASP A 71 1.63 -3.91 11.73
N ASP A 72 1.13 -2.68 11.74
CA ASP A 72 1.46 -1.75 12.81
C ASP A 72 2.98 -1.52 12.82
N THR A 73 3.38 -0.37 12.30
CA THR A 73 4.79 -0.02 12.24
C THR A 73 4.96 1.49 12.39
N LYS A 74 6.23 1.91 12.45
CA LYS A 74 6.55 3.31 12.59
C LYS A 74 7.12 3.84 11.27
N PHE A 75 6.25 4.47 10.50
CA PHE A 75 6.66 5.02 9.21
C PHE A 75 7.30 6.41 9.38
N ARG A 76 8.42 6.59 8.70
CA ARG A 76 9.13 7.86 8.76
C ARG A 76 8.97 8.61 7.45
N SER A 77 8.27 9.74 7.52
CA SER A 77 8.04 10.57 6.35
C SER A 77 9.37 11.09 5.81
N HIS A 78 9.31 11.65 4.61
CA HIS A 78 10.50 12.18 3.98
C HIS A 78 10.96 13.45 4.71
N GLU A 79 10.08 13.92 5.60
CA GLU A 79 10.38 15.11 6.38
C GLU A 79 11.10 14.73 7.68
N GLY A 80 11.29 13.44 7.85
CA GLY A 80 11.96 12.94 9.05
C GLY A 80 10.94 12.54 10.11
N GLU A 81 9.75 13.13 10.02
CA GLU A 81 8.69 12.85 10.97
C GLU A 81 8.36 11.36 10.96
N THR A 82 7.79 10.90 12.07
CA THR A 82 7.43 9.50 12.20
C THR A 82 5.98 9.38 12.71
N SER A 83 5.31 8.34 12.23
CA SER A 83 3.94 8.10 12.61
C SER A 83 3.63 6.60 12.57
N TYR A 84 2.50 6.23 13.16
CA TYR A 84 2.09 4.84 13.19
C TYR A 84 1.03 4.56 12.12
N ILE A 85 1.30 3.55 11.31
CA ILE A 85 0.38 3.17 10.25
C ILE A 85 -0.15 1.77 10.52
N ARG A 86 -0.90 1.25 9.56
CA ARG A 86 -1.48 -0.07 9.68
C ARG A 86 -1.58 -0.74 8.30
N VAL A 87 -1.13 -1.99 8.25
CA VAL A 87 -1.16 -2.74 7.01
C VAL A 87 -2.29 -3.78 7.07
N TYR A 88 -3.21 -3.67 6.13
CA TYR A 88 -4.33 -4.59 6.07
C TYR A 88 -4.76 -4.82 4.62
N PRO A 89 -5.46 -5.98 4.42
CA PRO A 89 -5.94 -6.33 3.09
C PRO A 89 -7.14 -5.48 2.69
N GLU A 90 -7.79 -5.90 1.61
CA GLU A 90 -8.96 -5.19 1.13
C GLU A 90 -10.13 -6.15 0.95
N ARG A 91 -10.35 -6.96 1.97
CA ARG A 91 -11.44 -7.92 1.95
C ARG A 91 -11.16 -9.01 0.91
N SER A 92 -10.53 -10.08 1.37
CA SER A 92 -10.20 -11.19 0.50
C SER A 92 -10.81 -12.48 1.04
N SER A 93 -10.39 -12.84 2.24
CA SER A 93 -10.89 -14.06 2.87
C SER A 93 -11.09 -13.81 4.38
N GLY A 94 -12.20 -14.33 4.88
CA GLY A 94 -12.52 -14.17 6.29
C GLY A 94 -12.37 -15.50 7.04
N PRO A 95 -12.50 -15.42 8.38
CA PRO A 95 -12.38 -16.60 9.22
C PRO A 95 -13.63 -17.48 9.11
N SER A 96 -13.57 -18.43 8.19
CA SER A 96 -14.69 -19.34 7.98
C SER A 96 -14.46 -20.63 8.75
N SER A 97 -13.35 -21.29 8.43
CA SER A 97 -13.02 -22.55 9.09
C SER A 97 -11.59 -22.97 8.69
N GLY A 98 -10.96 -23.71 9.60
CA GLY A 98 -9.61 -24.18 9.36
C GLY A 98 -8.85 -24.36 10.67
N GLY A 1 2.54 -16.42 -11.31
CA GLY A 1 1.64 -17.50 -10.92
C GLY A 1 0.49 -17.64 -11.91
N SER A 2 -0.01 -18.86 -12.02
CA SER A 2 -1.10 -19.14 -12.94
C SER A 2 -0.62 -19.02 -14.38
N SER A 3 -0.44 -17.78 -14.81
CA SER A 3 0.02 -17.51 -16.17
C SER A 3 -0.88 -18.25 -17.17
N GLY A 4 -1.85 -17.52 -17.70
CA GLY A 4 -2.77 -18.09 -18.67
C GLY A 4 -4.22 -17.78 -18.29
N SER A 5 -4.61 -16.53 -18.52
CA SER A 5 -5.96 -16.10 -18.21
C SER A 5 -6.35 -14.93 -19.10
N SER A 6 -7.61 -14.94 -19.53
CA SER A 6 -8.12 -13.89 -20.39
C SER A 6 -7.79 -12.52 -19.79
N GLY A 7 -7.84 -11.51 -20.65
CA GLY A 7 -7.55 -10.15 -20.22
C GLY A 7 -8.54 -9.17 -20.83
N GLY A 8 -9.81 -9.39 -20.52
CA GLY A 8 -10.87 -8.53 -21.02
C GLY A 8 -10.48 -7.05 -20.88
N PRO A 9 -10.77 -6.50 -19.67
CA PRO A 9 -10.45 -5.11 -19.40
C PRO A 9 -8.95 -4.91 -19.18
N PRO A 10 -8.55 -3.62 -19.06
CA PRO A 10 -7.15 -3.28 -18.85
C PRO A 10 -6.73 -3.57 -17.41
N THR A 11 -5.41 -3.54 -17.20
CA THR A 11 -4.87 -3.81 -15.88
C THR A 11 -5.28 -5.20 -15.41
N ARG A 12 -4.39 -6.17 -15.64
CA ARG A 12 -4.65 -7.54 -15.25
C ARG A 12 -3.39 -8.15 -14.63
N ARG A 13 -3.23 -7.90 -13.34
CA ARG A 13 -2.09 -8.42 -12.61
C ARG A 13 -2.54 -9.12 -11.33
N SER A 14 -1.55 -9.63 -10.59
CA SER A 14 -1.85 -10.32 -9.35
C SER A 14 -2.90 -9.56 -8.55
N ASP A 15 -3.66 -10.31 -7.77
CA ASP A 15 -4.71 -9.72 -6.95
C ASP A 15 -4.29 -9.76 -5.48
N PHE A 16 -3.17 -9.12 -5.19
CA PHE A 16 -2.66 -9.08 -3.83
C PHE A 16 -2.03 -7.73 -3.51
N ARG A 17 -2.69 -6.99 -2.64
CA ARG A 17 -2.22 -5.68 -2.24
C ARG A 17 -2.43 -5.46 -0.75
N VAL A 18 -1.98 -4.31 -0.28
CA VAL A 18 -2.11 -3.97 1.12
C VAL A 18 -2.56 -2.51 1.26
N LEU A 19 -3.56 -2.31 2.10
CA LEU A 19 -4.09 -0.97 2.32
C LEU A 19 -3.38 -0.34 3.52
N VAL A 20 -2.71 0.77 3.25
CA VAL A 20 -1.99 1.48 4.29
C VAL A 20 -2.83 2.66 4.78
N SER A 21 -2.86 2.82 6.10
CA SER A 21 -3.62 3.89 6.70
C SER A 21 -2.91 4.40 7.96
N GLY A 22 -2.85 5.72 8.09
CA GLY A 22 -2.20 6.34 9.22
C GLY A 22 -0.89 7.01 8.81
N LEU A 23 -0.91 7.60 7.62
CA LEU A 23 0.28 8.28 7.10
C LEU A 23 0.28 9.72 7.60
N PRO A 24 1.50 10.33 7.54
CA PRO A 24 1.66 11.71 7.97
C PRO A 24 1.08 12.68 6.95
N PRO A 25 1.08 13.99 7.32
CA PRO A 25 0.55 15.02 6.44
C PRO A 25 1.54 15.33 5.32
N SER A 26 2.80 14.99 5.57
CA SER A 26 3.84 15.22 4.57
C SER A 26 4.29 13.88 3.98
N GLY A 27 3.88 12.80 4.62
CA GLY A 27 4.23 11.48 4.16
C GLY A 27 4.16 11.39 2.63
N SER A 28 4.81 10.37 2.10
CA SER A 28 4.83 10.15 0.66
C SER A 28 4.61 8.68 0.34
N TRP A 29 4.56 8.38 -0.95
CA TRP A 29 4.37 7.01 -1.40
C TRP A 29 5.74 6.38 -1.61
N GLN A 30 6.63 7.17 -2.19
CA GLN A 30 7.98 6.71 -2.46
C GLN A 30 8.60 6.10 -1.20
N ASP A 31 8.73 6.94 -0.19
CA ASP A 31 9.29 6.51 1.08
C ASP A 31 8.47 5.34 1.63
N LEU A 32 7.16 5.46 1.48
CA LEU A 32 6.26 4.43 1.95
C LEU A 32 6.64 3.09 1.31
N LYS A 33 6.76 3.12 -0.01
CA LYS A 33 7.12 1.92 -0.75
C LYS A 33 8.38 1.31 -0.15
N ASP A 34 9.43 2.13 -0.11
CA ASP A 34 10.70 1.70 0.43
C ASP A 34 10.47 0.93 1.74
N HIS A 35 9.35 1.25 2.38
CA HIS A 35 8.99 0.61 3.63
C HIS A 35 8.19 -0.65 3.35
N MET A 36 7.15 -0.49 2.56
CA MET A 36 6.30 -1.61 2.20
C MET A 36 7.10 -2.72 1.50
N ARG A 37 8.03 -2.28 0.65
CA ARG A 37 8.86 -3.22 -0.07
C ARG A 37 9.32 -4.35 0.85
N GLU A 38 9.37 -4.05 2.14
CA GLU A 38 9.78 -5.02 3.13
C GLU A 38 9.38 -6.43 2.69
N ALA A 39 8.19 -6.52 2.13
CA ALA A 39 7.67 -7.80 1.67
C ALA A 39 8.52 -8.28 0.49
N GLY A 40 8.21 -7.74 -0.68
CA GLY A 40 8.94 -8.10 -1.89
C GLY A 40 9.05 -6.91 -2.84
N ASP A 41 8.69 -7.15 -4.09
CA ASP A 41 8.75 -6.11 -5.10
C ASP A 41 7.41 -5.39 -5.17
N VAL A 42 7.47 -4.08 -5.25
CA VAL A 42 6.27 -3.27 -5.32
C VAL A 42 6.13 -2.69 -6.73
N CYS A 43 5.07 -3.11 -7.40
CA CYS A 43 4.81 -2.64 -8.75
C CYS A 43 3.86 -1.44 -8.67
N TYR A 44 3.04 -1.43 -7.64
CA TYR A 44 2.09 -0.35 -7.43
C TYR A 44 2.37 0.38 -6.13
N ALA A 45 2.45 1.70 -6.24
CA ALA A 45 2.70 2.53 -5.08
C ALA A 45 1.96 3.87 -5.23
N ASP A 46 1.01 4.07 -4.34
CA ASP A 46 0.23 5.30 -4.37
C ASP A 46 -0.14 5.71 -2.94
N VAL A 47 -0.37 7.00 -2.77
CA VAL A 47 -0.73 7.53 -1.46
C VAL A 47 -1.88 8.53 -1.61
N GLN A 48 -2.80 8.46 -0.67
CA GLN A 48 -3.96 9.34 -0.68
C GLN A 48 -3.87 10.35 0.47
N LYS A 49 -4.76 11.34 0.42
CA LYS A 49 -4.78 12.35 1.46
C LYS A 49 -5.27 11.74 2.77
N ASP A 50 -5.24 12.54 3.81
CA ASP A 50 -5.68 12.08 5.13
C ASP A 50 -4.54 11.28 5.78
N GLY A 51 -4.13 10.23 5.09
CA GLY A 51 -3.06 9.38 5.59
C GLY A 51 -3.27 7.93 5.16
N MET A 52 -3.62 7.77 3.90
CA MET A 52 -3.85 6.44 3.35
C MET A 52 -2.77 6.07 2.34
N GLY A 53 -2.69 4.78 2.04
CA GLY A 53 -1.72 4.28 1.09
C GLY A 53 -2.21 3.00 0.41
N MET A 54 -1.54 2.65 -0.67
CA MET A 54 -1.90 1.45 -1.42
C MET A 54 -0.68 0.89 -2.16
N VAL A 55 -0.38 -0.37 -1.87
CA VAL A 55 0.74 -1.04 -2.50
C VAL A 55 0.31 -2.43 -2.95
N GLU A 56 0.78 -2.81 -4.14
CA GLU A 56 0.45 -4.10 -4.70
C GLU A 56 1.71 -4.99 -4.76
N TYR A 57 1.50 -6.26 -4.50
CA TYR A 57 2.60 -7.22 -4.52
C TYR A 57 2.41 -8.24 -5.65
N LEU A 58 3.53 -8.59 -6.28
CA LEU A 58 3.50 -9.54 -7.36
C LEU A 58 3.46 -10.96 -6.80
N ARG A 59 3.40 -11.02 -5.47
CA ARG A 59 3.36 -12.31 -4.78
C ARG A 59 2.36 -12.26 -3.64
N LYS A 60 1.52 -13.28 -3.57
CA LYS A 60 0.51 -13.37 -2.53
C LYS A 60 1.19 -13.34 -1.17
N GLU A 61 2.15 -14.24 -1.01
CA GLU A 61 2.88 -14.34 0.25
C GLU A 61 3.39 -12.96 0.67
N ASP A 62 4.05 -12.30 -0.27
CA ASP A 62 4.59 -10.97 -0.01
C ASP A 62 3.52 -10.12 0.68
N MET A 63 2.31 -10.21 0.15
CA MET A 63 1.20 -9.45 0.70
C MET A 63 0.99 -9.76 2.18
N GLU A 64 0.66 -11.02 2.44
CA GLU A 64 0.44 -11.47 3.81
C GLU A 64 1.65 -11.16 4.67
N TYR A 65 2.83 -11.43 4.12
CA TYR A 65 4.07 -11.18 4.83
C TYR A 65 4.12 -9.76 5.37
N ALA A 66 4.19 -8.81 4.46
CA ALA A 66 4.24 -7.41 4.83
C ALA A 66 3.02 -7.07 5.70
N LEU A 67 1.89 -7.66 5.33
CA LEU A 67 0.66 -7.43 6.05
C LEU A 67 0.90 -7.66 7.55
N ARG A 68 1.35 -8.87 7.87
CA ARG A 68 1.61 -9.23 9.25
C ARG A 68 2.89 -8.52 9.74
N LYS A 69 4.00 -8.91 9.14
CA LYS A 69 5.29 -8.33 9.51
C LYS A 69 5.09 -6.85 9.84
N LEU A 70 4.63 -6.10 8.85
CA LEU A 70 4.40 -4.68 9.03
C LEU A 70 3.27 -4.47 10.03
N ASP A 71 2.10 -4.96 9.66
CA ASP A 71 0.94 -4.84 10.53
C ASP A 71 1.20 -3.77 11.59
N ASP A 72 1.11 -2.53 11.15
CA ASP A 72 1.33 -1.40 12.05
C ASP A 72 2.84 -1.22 12.27
N THR A 73 3.38 -0.21 11.61
CA THR A 73 4.80 0.09 11.73
C THR A 73 5.04 1.60 11.79
N LYS A 74 6.25 1.96 12.18
CA LYS A 74 6.61 3.36 12.27
C LYS A 74 7.25 3.81 10.96
N PHE A 75 6.45 4.46 10.14
CA PHE A 75 6.92 4.95 8.85
C PHE A 75 7.46 6.37 8.97
N ARG A 76 8.77 6.49 8.79
CA ARG A 76 9.43 7.78 8.87
C ARG A 76 9.62 8.38 7.48
N SER A 77 8.87 9.43 7.20
CA SER A 77 8.93 10.09 5.91
C SER A 77 10.29 10.78 5.76
N HIS A 78 10.51 11.34 4.57
CA HIS A 78 11.75 12.02 4.29
C HIS A 78 11.79 13.36 5.04
N GLU A 79 10.65 13.73 5.58
CA GLU A 79 10.54 14.96 6.34
C GLU A 79 10.94 14.74 7.79
N GLY A 80 11.31 13.50 8.08
CA GLY A 80 11.71 13.13 9.43
C GLY A 80 10.49 12.75 10.28
N GLU A 81 9.32 13.13 9.79
CA GLU A 81 8.08 12.83 10.49
C GLU A 81 7.82 11.32 10.49
N THR A 82 7.26 10.85 11.58
CA THR A 82 6.95 9.44 11.71
C THR A 82 5.48 9.24 12.10
N SER A 83 4.84 8.30 11.43
CA SER A 83 3.44 8.00 11.69
C SER A 83 3.21 6.49 11.64
N TYR A 84 2.27 6.05 12.47
CA TYR A 84 1.94 4.63 12.53
C TYR A 84 0.99 4.25 11.40
N ILE A 85 1.49 3.45 10.48
CA ILE A 85 0.69 3.00 9.35
C ILE A 85 0.38 1.52 9.52
N ARG A 86 -0.89 1.18 9.30
CA ARG A 86 -1.34 -0.19 9.43
C ARG A 86 -1.35 -0.87 8.05
N VAL A 87 -1.20 -2.18 8.08
CA VAL A 87 -1.19 -2.96 6.84
C VAL A 87 -2.29 -4.02 6.91
N TYR A 88 -3.22 -3.92 5.96
CA TYR A 88 -4.32 -4.86 5.90
C TYR A 88 -4.85 -4.98 4.48
N PRO A 89 -5.47 -6.16 4.19
CA PRO A 89 -6.03 -6.43 2.88
C PRO A 89 -7.33 -5.65 2.66
N GLU A 90 -7.84 -5.73 1.44
CA GLU A 90 -9.07 -5.05 1.10
C GLU A 90 -10.27 -5.95 1.39
N ARG A 91 -11.39 -5.31 1.66
CA ARG A 91 -12.62 -6.04 1.96
C ARG A 91 -13.77 -5.51 1.09
N SER A 92 -14.21 -6.36 0.18
CA SER A 92 -15.30 -5.99 -0.72
C SER A 92 -15.94 -7.26 -1.30
N SER A 93 -15.17 -7.94 -2.13
CA SER A 93 -15.66 -9.16 -2.76
C SER A 93 -16.97 -8.89 -3.49
N GLY A 94 -16.84 -8.27 -4.66
CA GLY A 94 -18.00 -7.95 -5.47
C GLY A 94 -17.63 -6.99 -6.60
N PRO A 95 -17.07 -7.58 -7.69
CA PRO A 95 -16.66 -6.79 -8.84
C PRO A 95 -17.87 -6.36 -9.66
N SER A 96 -18.76 -5.62 -9.02
CA SER A 96 -19.96 -5.14 -9.68
C SER A 96 -19.67 -3.84 -10.43
N SER A 97 -20.26 -3.73 -11.61
CA SER A 97 -20.07 -2.54 -12.43
C SER A 97 -18.60 -2.40 -12.80
N GLY A 98 -18.37 -1.87 -14.01
CA GLY A 98 -17.02 -1.67 -14.50
C GLY A 98 -17.00 -0.68 -15.67
N GLY A 1 -0.35 8.93 -9.60
CA GLY A 1 -1.14 9.15 -8.40
C GLY A 1 -2.63 8.96 -8.68
N SER A 2 -3.03 7.70 -8.81
CA SER A 2 -4.41 7.37 -9.07
C SER A 2 -5.32 8.00 -8.00
N SER A 3 -6.60 8.08 -8.33
CA SER A 3 -7.57 8.65 -7.41
C SER A 3 -8.67 7.64 -7.11
N GLY A 4 -9.35 7.86 -5.99
CA GLY A 4 -10.43 6.97 -5.58
C GLY A 4 -9.88 5.61 -5.15
N SER A 5 -10.15 4.61 -5.99
CA SER A 5 -9.69 3.26 -5.71
C SER A 5 -9.88 2.38 -6.94
N SER A 6 -8.83 1.66 -7.29
CA SER A 6 -8.86 0.78 -8.44
C SER A 6 -9.11 1.58 -9.71
N GLY A 7 -8.35 1.25 -10.74
CA GLY A 7 -8.48 1.94 -12.02
C GLY A 7 -7.50 1.37 -13.05
N GLY A 8 -8.05 0.92 -14.17
CA GLY A 8 -7.23 0.36 -15.23
C GLY A 8 -7.81 -0.98 -15.71
N PRO A 9 -6.89 -1.87 -16.16
CA PRO A 9 -7.29 -3.18 -16.65
C PRO A 9 -7.65 -4.11 -15.48
N PRO A 10 -8.30 -5.25 -15.84
CA PRO A 10 -8.70 -6.22 -14.83
C PRO A 10 -7.49 -7.02 -14.33
N THR A 11 -6.56 -6.31 -13.74
CA THR A 11 -5.36 -6.93 -13.21
C THR A 11 -5.69 -8.30 -12.60
N ARG A 12 -5.14 -9.33 -13.19
CA ARG A 12 -5.37 -10.69 -12.72
C ARG A 12 -4.06 -11.49 -12.76
N ARG A 13 -2.97 -10.80 -12.47
CA ARG A 13 -1.66 -11.44 -12.46
C ARG A 13 -1.33 -11.97 -11.06
N SER A 14 -1.87 -11.28 -10.07
CA SER A 14 -1.64 -11.66 -8.68
C SER A 14 -2.85 -11.30 -7.83
N ASP A 15 -3.30 -10.06 -8.00
CA ASP A 15 -4.45 -9.57 -7.26
C ASP A 15 -4.16 -9.68 -5.76
N PHE A 16 -3.10 -9.00 -5.34
CA PHE A 16 -2.72 -9.01 -3.94
C PHE A 16 -2.07 -7.68 -3.54
N ARG A 17 -2.85 -6.85 -2.87
CA ARG A 17 -2.36 -5.55 -2.42
C ARG A 17 -2.58 -5.39 -0.92
N VAL A 18 -2.11 -4.27 -0.41
CA VAL A 18 -2.24 -3.98 1.01
C VAL A 18 -2.76 -2.55 1.19
N LEU A 19 -3.75 -2.41 2.06
CA LEU A 19 -4.33 -1.10 2.33
C LEU A 19 -3.61 -0.46 3.51
N VAL A 20 -3.02 0.70 3.25
CA VAL A 20 -2.30 1.43 4.29
C VAL A 20 -3.19 2.56 4.82
N SER A 21 -3.09 2.77 6.13
CA SER A 21 -3.88 3.81 6.77
C SER A 21 -3.11 4.36 7.98
N GLY A 22 -3.37 5.62 8.27
CA GLY A 22 -2.71 6.28 9.38
C GLY A 22 -1.33 6.81 8.99
N LEU A 23 -1.29 7.44 7.82
CA LEU A 23 -0.06 8.00 7.31
C LEU A 23 0.08 9.45 7.78
N PRO A 24 1.35 9.95 7.78
CA PRO A 24 1.62 11.30 8.20
C PRO A 24 1.20 12.31 7.11
N PRO A 25 1.29 13.62 7.49
CA PRO A 25 0.92 14.67 6.56
C PRO A 25 2.00 14.87 5.49
N SER A 26 3.19 14.41 5.81
CA SER A 26 4.31 14.52 4.89
C SER A 26 4.60 13.16 4.25
N GLY A 27 3.98 12.14 4.80
CA GLY A 27 4.16 10.79 4.29
C GLY A 27 3.94 10.74 2.78
N SER A 28 4.92 10.16 2.09
CA SER A 28 4.84 10.04 0.64
C SER A 28 4.76 8.57 0.24
N TRP A 29 4.70 8.35 -1.06
CA TRP A 29 4.61 6.99 -1.59
C TRP A 29 6.03 6.42 -1.65
N GLN A 30 6.97 7.28 -2.03
CA GLN A 30 8.36 6.86 -2.13
C GLN A 30 8.79 6.13 -0.86
N ASP A 31 8.98 6.92 0.20
CA ASP A 31 9.38 6.36 1.48
C ASP A 31 8.48 5.18 1.83
N LEU A 32 7.20 5.35 1.55
CA LEU A 32 6.23 4.30 1.83
C LEU A 32 6.67 3.01 1.13
N LYS A 33 6.86 3.13 -0.17
CA LYS A 33 7.27 1.98 -0.97
C LYS A 33 8.52 1.36 -0.35
N ASP A 34 9.59 2.13 -0.35
CA ASP A 34 10.85 1.67 0.21
C ASP A 34 10.59 0.90 1.50
N HIS A 35 9.50 1.28 2.16
CA HIS A 35 9.12 0.64 3.40
C HIS A 35 8.29 -0.62 3.10
N MET A 36 7.21 -0.41 2.37
CA MET A 36 6.33 -1.52 2.02
C MET A 36 7.11 -2.62 1.31
N ARG A 37 8.04 -2.21 0.46
CA ARG A 37 8.85 -3.15 -0.28
C ARG A 37 9.33 -4.29 0.63
N GLU A 38 9.38 -3.98 1.93
CA GLU A 38 9.80 -4.96 2.92
C GLU A 38 9.39 -6.37 2.47
N ALA A 39 8.19 -6.46 1.91
CA ALA A 39 7.68 -7.73 1.45
C ALA A 39 8.50 -8.20 0.26
N GLY A 40 8.18 -7.67 -0.90
CA GLY A 40 8.87 -8.03 -2.13
C GLY A 40 8.98 -6.83 -3.07
N ASP A 41 8.72 -7.09 -4.34
CA ASP A 41 8.78 -6.05 -5.36
C ASP A 41 7.40 -5.37 -5.45
N VAL A 42 7.43 -4.05 -5.34
CA VAL A 42 6.20 -3.27 -5.41
C VAL A 42 5.98 -2.83 -6.87
N CYS A 43 4.94 -3.40 -7.46
CA CYS A 43 4.60 -3.07 -8.83
C CYS A 43 3.71 -1.83 -8.83
N TYR A 44 3.01 -1.65 -7.72
CA TYR A 44 2.12 -0.51 -7.57
C TYR A 44 2.38 0.23 -6.26
N ALA A 45 2.46 1.55 -6.38
CA ALA A 45 2.71 2.39 -5.21
C ALA A 45 1.97 3.71 -5.37
N ASP A 46 0.97 3.89 -4.52
CA ASP A 46 0.16 5.11 -4.55
C ASP A 46 -0.24 5.49 -3.13
N VAL A 47 -0.10 6.77 -2.82
CA VAL A 47 -0.44 7.27 -1.50
C VAL A 47 -1.78 8.00 -1.58
N GLN A 48 -2.49 8.01 -0.46
CA GLN A 48 -3.77 8.68 -0.39
C GLN A 48 -3.73 9.80 0.65
N LYS A 49 -4.61 10.78 0.47
CA LYS A 49 -4.69 11.90 1.37
C LYS A 49 -5.22 11.42 2.73
N ASP A 50 -5.21 12.34 3.69
CA ASP A 50 -5.68 12.03 5.03
C ASP A 50 -4.62 11.22 5.77
N GLY A 51 -4.25 10.10 5.16
CA GLY A 51 -3.25 9.22 5.75
C GLY A 51 -3.46 7.77 5.30
N MET A 52 -3.72 7.62 4.01
CA MET A 52 -3.94 6.30 3.45
C MET A 52 -2.92 5.99 2.34
N GLY A 53 -2.74 4.71 2.09
CA GLY A 53 -1.80 4.28 1.06
C GLY A 53 -2.31 3.01 0.35
N MET A 54 -1.66 2.71 -0.76
CA MET A 54 -2.03 1.53 -1.54
C MET A 54 -0.84 0.99 -2.32
N VAL A 55 -0.45 -0.23 -1.96
CA VAL A 55 0.68 -0.87 -2.61
C VAL A 55 0.27 -2.29 -3.04
N GLU A 56 0.86 -2.74 -4.14
CA GLU A 56 0.57 -4.06 -4.66
C GLU A 56 1.82 -4.93 -4.60
N TYR A 57 1.61 -6.23 -4.79
CA TYR A 57 2.70 -7.18 -4.76
C TYR A 57 2.55 -8.23 -5.87
N LEU A 58 3.69 -8.69 -6.36
CA LEU A 58 3.70 -9.69 -7.42
C LEU A 58 3.71 -11.09 -6.79
N ARG A 59 3.50 -11.12 -5.49
CA ARG A 59 3.47 -12.38 -4.76
C ARG A 59 2.43 -12.33 -3.65
N LYS A 60 1.67 -13.41 -3.54
CA LYS A 60 0.63 -13.50 -2.53
C LYS A 60 1.27 -13.39 -1.14
N GLU A 61 2.22 -14.27 -0.89
CA GLU A 61 2.92 -14.28 0.38
C GLU A 61 3.38 -12.86 0.74
N ASP A 62 4.05 -12.23 -0.21
CA ASP A 62 4.56 -10.88 0.00
C ASP A 62 3.47 -10.03 0.66
N MET A 63 2.26 -10.15 0.12
CA MET A 63 1.13 -9.40 0.64
C MET A 63 0.94 -9.67 2.13
N GLU A 64 0.64 -10.91 2.44
CA GLU A 64 0.43 -11.31 3.83
C GLU A 64 1.67 -10.99 4.67
N TYR A 65 2.83 -11.29 4.09
CA TYR A 65 4.09 -11.04 4.78
C TYR A 65 4.14 -9.61 5.30
N ALA A 66 4.17 -8.67 4.36
CA ALA A 66 4.23 -7.26 4.71
C ALA A 66 3.05 -6.91 5.60
N LEU A 67 1.90 -7.50 5.27
CA LEU A 67 0.68 -7.26 6.03
C LEU A 67 0.97 -7.46 7.52
N ARG A 68 1.42 -8.66 7.85
CA ARG A 68 1.73 -8.99 9.22
C ARG A 68 3.01 -8.30 9.66
N LYS A 69 4.11 -8.71 9.05
CA LYS A 69 5.41 -8.12 9.36
C LYS A 69 5.23 -6.63 9.67
N LEU A 70 4.76 -5.91 8.68
CA LEU A 70 4.55 -4.47 8.83
C LEU A 70 3.46 -4.24 9.89
N ASP A 71 2.28 -4.79 9.61
CA ASP A 71 1.16 -4.66 10.52
C ASP A 71 1.51 -3.62 11.59
N ASP A 72 1.11 -2.38 11.32
CA ASP A 72 1.38 -1.29 12.25
C ASP A 72 2.89 -1.13 12.43
N THR A 73 3.40 -0.03 11.90
CA THR A 73 4.83 0.26 12.00
C THR A 73 5.07 1.76 11.95
N LYS A 74 6.21 2.16 12.49
CA LYS A 74 6.58 3.56 12.52
C LYS A 74 7.15 3.96 11.16
N PHE A 75 6.30 4.58 10.35
CA PHE A 75 6.70 5.02 9.03
C PHE A 75 7.32 6.42 9.09
N ARG A 76 8.56 6.50 8.62
CA ARG A 76 9.27 7.76 8.61
C ARG A 76 8.97 8.53 7.31
N SER A 77 8.31 9.66 7.46
CA SER A 77 7.97 10.48 6.32
C SER A 77 9.22 11.13 5.74
N HIS A 78 9.09 11.62 4.51
CA HIS A 78 10.20 12.26 3.83
C HIS A 78 10.62 13.51 4.60
N GLU A 79 9.71 13.97 5.46
CA GLU A 79 9.98 15.16 6.25
C GLU A 79 10.55 14.76 7.62
N GLY A 80 10.82 13.48 7.76
CA GLY A 80 11.38 12.96 9.00
C GLY A 80 10.27 12.50 9.95
N GLU A 81 9.18 13.27 9.95
CA GLU A 81 8.05 12.96 10.81
C GLU A 81 7.70 11.47 10.72
N THR A 82 7.53 10.87 11.88
CA THR A 82 7.20 9.46 11.94
C THR A 82 5.76 9.27 12.41
N SER A 83 5.15 8.18 11.94
CA SER A 83 3.77 7.88 12.29
C SER A 83 3.52 6.38 12.16
N TYR A 84 2.39 5.95 12.71
CA TYR A 84 2.02 4.54 12.66
C TYR A 84 1.02 4.27 11.54
N ILE A 85 1.36 3.32 10.68
CA ILE A 85 0.50 2.97 9.58
C ILE A 85 0.13 1.49 9.67
N ARG A 86 -1.16 1.22 9.50
CA ARG A 86 -1.65 -0.14 9.57
C ARG A 86 -1.62 -0.79 8.18
N VAL A 87 -1.39 -2.10 8.16
CA VAL A 87 -1.35 -2.84 6.91
C VAL A 87 -2.41 -3.93 6.94
N TYR A 88 -3.39 -3.77 6.05
CA TYR A 88 -4.48 -4.73 5.96
C TYR A 88 -4.88 -4.97 4.50
N PRO A 89 -5.51 -6.15 4.26
CA PRO A 89 -5.96 -6.49 2.92
C PRO A 89 -7.20 -5.71 2.53
N GLU A 90 -7.61 -5.90 1.29
CA GLU A 90 -8.79 -5.21 0.78
C GLU A 90 -10.01 -6.13 0.85
N ARG A 91 -11.17 -5.51 1.07
CA ARG A 91 -12.41 -6.26 1.16
C ARG A 91 -13.03 -6.42 -0.24
N SER A 92 -13.72 -7.54 -0.41
CA SER A 92 -14.37 -7.83 -1.68
C SER A 92 -15.48 -8.86 -1.48
N SER A 93 -16.69 -8.43 -1.77
CA SER A 93 -17.85 -9.30 -1.62
C SER A 93 -19.12 -8.55 -2.04
N GLY A 94 -20.19 -9.31 -2.21
CA GLY A 94 -21.47 -8.75 -2.59
C GLY A 94 -22.61 -9.73 -2.33
N PRO A 95 -23.79 -9.16 -1.98
CA PRO A 95 -24.97 -9.96 -1.70
C PRO A 95 -25.57 -10.51 -3.00
N SER A 96 -24.90 -11.51 -3.56
CA SER A 96 -25.37 -12.12 -4.79
C SER A 96 -25.85 -13.55 -4.51
N SER A 97 -24.93 -14.37 -4.03
CA SER A 97 -25.25 -15.76 -3.72
C SER A 97 -24.18 -16.35 -2.80
N GLY A 98 -24.48 -17.52 -2.26
CA GLY A 98 -23.56 -18.20 -1.37
C GLY A 98 -23.10 -17.27 -0.24
N GLY A 1 -12.18 7.81 -2.52
CA GLY A 1 -11.96 7.39 -3.88
C GLY A 1 -13.25 7.44 -4.70
N SER A 2 -13.42 8.55 -5.40
CA SER A 2 -14.61 8.75 -6.22
C SER A 2 -14.23 8.84 -7.69
N SER A 3 -13.37 9.81 -7.99
CA SER A 3 -12.91 10.01 -9.35
C SER A 3 -11.65 9.18 -9.61
N GLY A 4 -11.83 8.13 -10.40
CA GLY A 4 -10.72 7.25 -10.73
C GLY A 4 -10.35 7.37 -12.21
N SER A 5 -9.18 7.91 -12.45
CA SER A 5 -8.70 8.09 -13.81
C SER A 5 -8.29 6.73 -14.41
N SER A 6 -8.81 6.45 -15.58
CA SER A 6 -8.51 5.20 -16.26
C SER A 6 -7.02 5.11 -16.54
N GLY A 7 -6.50 6.12 -17.23
CA GLY A 7 -5.10 6.17 -17.56
C GLY A 7 -4.73 5.05 -18.56
N GLY A 8 -5.36 5.11 -19.72
CA GLY A 8 -5.12 4.11 -20.75
C GLY A 8 -6.00 2.89 -20.55
N PRO A 9 -5.42 1.71 -20.89
CA PRO A 9 -6.15 0.45 -20.75
C PRO A 9 -6.22 0.03 -19.28
N PRO A 10 -7.14 -0.96 -19.01
CA PRO A 10 -7.31 -1.46 -17.67
C PRO A 10 -6.16 -2.37 -17.26
N THR A 11 -5.52 -2.01 -16.16
CA THR A 11 -4.41 -2.79 -15.66
C THR A 11 -4.86 -4.20 -15.28
N ARG A 12 -3.92 -5.13 -15.36
CA ARG A 12 -4.21 -6.52 -15.03
C ARG A 12 -3.01 -7.17 -14.35
N ARG A 13 -2.93 -6.97 -13.03
CA ARG A 13 -1.83 -7.53 -12.27
C ARG A 13 -2.37 -8.31 -11.07
N SER A 14 -1.46 -8.92 -10.34
CA SER A 14 -1.83 -9.70 -9.17
C SER A 14 -2.91 -8.97 -8.38
N ASP A 15 -3.80 -9.76 -7.78
CA ASP A 15 -4.89 -9.21 -6.99
C ASP A 15 -4.50 -9.24 -5.51
N PHE A 16 -3.24 -8.96 -5.26
CA PHE A 16 -2.73 -8.95 -3.90
C PHE A 16 -2.07 -7.61 -3.57
N ARG A 17 -2.72 -6.87 -2.68
CA ARG A 17 -2.20 -5.57 -2.27
C ARG A 17 -2.43 -5.36 -0.78
N VAL A 18 -1.90 -4.24 -0.28
CA VAL A 18 -2.04 -3.91 1.12
C VAL A 18 -2.50 -2.45 1.24
N LEU A 19 -3.53 -2.26 2.05
CA LEU A 19 -4.07 -0.93 2.26
C LEU A 19 -3.41 -0.31 3.50
N VAL A 20 -2.69 0.77 3.26
CA VAL A 20 -2.01 1.47 4.34
C VAL A 20 -2.86 2.64 4.81
N SER A 21 -2.91 2.82 6.13
CA SER A 21 -3.68 3.89 6.72
C SER A 21 -2.96 4.46 7.93
N GLY A 22 -3.06 5.77 8.09
CA GLY A 22 -2.42 6.45 9.21
C GLY A 22 -1.08 7.04 8.79
N LEU A 23 -1.07 7.63 7.61
CA LEU A 23 0.14 8.25 7.07
C LEU A 23 0.20 9.70 7.53
N PRO A 24 1.44 10.26 7.51
CA PRO A 24 1.65 11.64 7.92
C PRO A 24 1.18 12.61 6.84
N PRO A 25 1.17 13.92 7.21
CA PRO A 25 0.74 14.95 6.27
C PRO A 25 1.80 15.21 5.21
N SER A 26 3.04 14.90 5.57
CA SER A 26 4.15 15.10 4.66
C SER A 26 4.61 13.74 4.09
N GLY A 27 3.99 12.69 4.58
CA GLY A 27 4.32 11.34 4.14
C GLY A 27 4.06 11.18 2.64
N SER A 28 4.90 10.38 2.01
CA SER A 28 4.77 10.14 0.58
C SER A 28 4.61 8.63 0.32
N TRP A 29 4.53 8.30 -0.96
CA TRP A 29 4.39 6.92 -1.36
C TRP A 29 5.79 6.33 -1.55
N GLN A 30 6.69 7.16 -2.06
CA GLN A 30 8.05 6.74 -2.29
C GLN A 30 8.62 6.05 -1.05
N ASP A 31 8.90 6.86 -0.04
CA ASP A 31 9.44 6.34 1.21
C ASP A 31 8.59 5.16 1.68
N LEU A 32 7.29 5.32 1.52
CA LEU A 32 6.36 4.27 1.93
C LEU A 32 6.74 2.96 1.24
N LYS A 33 6.94 3.05 -0.07
CA LYS A 33 7.31 1.88 -0.85
C LYS A 33 8.57 1.25 -0.25
N ASP A 34 9.64 2.03 -0.24
CA ASP A 34 10.90 1.56 0.30
C ASP A 34 10.64 0.79 1.60
N HIS A 35 9.55 1.16 2.26
CA HIS A 35 9.18 0.51 3.51
C HIS A 35 8.36 -0.74 3.22
N MET A 36 7.26 -0.54 2.51
CA MET A 36 6.38 -1.64 2.15
C MET A 36 7.15 -2.75 1.44
N ARG A 37 8.08 -2.34 0.58
CA ARG A 37 8.89 -3.28 -0.17
C ARG A 37 9.33 -4.43 0.74
N GLU A 38 9.40 -4.14 2.04
CA GLU A 38 9.80 -5.13 3.01
C GLU A 38 9.37 -6.52 2.55
N ALA A 39 8.16 -6.59 2.01
CA ALA A 39 7.61 -7.85 1.53
C ALA A 39 8.46 -8.35 0.37
N GLY A 40 8.17 -7.82 -0.81
CA GLY A 40 8.90 -8.20 -2.00
C GLY A 40 9.05 -7.02 -2.97
N ASP A 41 8.64 -7.24 -4.21
CA ASP A 41 8.72 -6.22 -5.22
C ASP A 41 7.37 -5.51 -5.34
N VAL A 42 7.41 -4.20 -5.22
CA VAL A 42 6.19 -3.39 -5.31
C VAL A 42 6.02 -2.90 -6.75
N CYS A 43 4.98 -3.40 -7.38
CA CYS A 43 4.68 -3.02 -8.75
C CYS A 43 3.85 -1.74 -8.74
N TYR A 44 3.06 -1.60 -7.68
CA TYR A 44 2.21 -0.44 -7.53
C TYR A 44 2.43 0.24 -6.18
N ALA A 45 2.49 1.56 -6.21
CA ALA A 45 2.69 2.34 -5.00
C ALA A 45 2.05 3.71 -5.16
N ASP A 46 1.02 3.95 -4.34
CA ASP A 46 0.31 5.21 -4.38
C ASP A 46 -0.03 5.64 -2.96
N VAL A 47 -0.35 6.92 -2.82
CA VAL A 47 -0.71 7.47 -1.53
C VAL A 47 -1.96 8.33 -1.66
N GLN A 48 -2.70 8.41 -0.57
CA GLN A 48 -3.92 9.20 -0.55
C GLN A 48 -3.85 10.28 0.53
N LYS A 49 -4.82 11.18 0.50
CA LYS A 49 -4.88 12.27 1.46
C LYS A 49 -5.32 11.71 2.82
N ASP A 50 -5.31 12.59 3.81
CA ASP A 50 -5.70 12.20 5.16
C ASP A 50 -4.58 11.39 5.80
N GLY A 51 -4.22 10.30 5.13
CA GLY A 51 -3.17 9.43 5.63
C GLY A 51 -3.39 7.99 5.17
N MET A 52 -3.74 7.85 3.90
CA MET A 52 -3.98 6.53 3.33
C MET A 52 -2.92 6.19 2.28
N GLY A 53 -2.81 4.90 2.00
CA GLY A 53 -1.85 4.43 1.02
C GLY A 53 -2.29 3.08 0.43
N MET A 54 -1.62 2.70 -0.65
CA MET A 54 -1.93 1.44 -1.32
C MET A 54 -0.69 0.90 -2.05
N VAL A 55 -0.41 -0.36 -1.80
CA VAL A 55 0.73 -1.02 -2.43
C VAL A 55 0.33 -2.43 -2.87
N GLU A 56 0.69 -2.75 -4.10
CA GLU A 56 0.38 -4.06 -4.65
C GLU A 56 1.63 -4.93 -4.71
N TYR A 57 1.42 -6.23 -4.54
CA TYR A 57 2.53 -7.17 -4.57
C TYR A 57 2.35 -8.19 -5.70
N LEU A 58 3.45 -8.54 -6.32
CA LEU A 58 3.43 -9.50 -7.41
C LEU A 58 3.27 -10.92 -6.84
N ARG A 59 3.54 -11.03 -5.55
CA ARG A 59 3.44 -12.31 -4.87
C ARG A 59 2.38 -12.23 -3.76
N LYS A 60 1.60 -13.29 -3.66
CA LYS A 60 0.55 -13.36 -2.65
C LYS A 60 1.19 -13.28 -1.26
N GLU A 61 2.14 -14.17 -1.02
CA GLU A 61 2.83 -14.21 0.25
C GLU A 61 3.28 -12.81 0.65
N ASP A 62 4.00 -12.17 -0.26
CA ASP A 62 4.51 -10.83 -0.01
C ASP A 62 3.43 -10.01 0.70
N MET A 63 2.24 -10.03 0.12
CA MET A 63 1.12 -9.29 0.69
C MET A 63 0.93 -9.64 2.16
N GLU A 64 0.61 -10.90 2.41
CA GLU A 64 0.40 -11.36 3.77
C GLU A 64 1.64 -11.09 4.62
N TYR A 65 2.79 -11.41 4.06
CA TYR A 65 4.05 -11.20 4.75
C TYR A 65 4.15 -9.78 5.29
N ALA A 66 4.17 -8.83 4.38
CA ALA A 66 4.27 -7.43 4.75
C ALA A 66 3.09 -7.06 5.65
N LEU A 67 1.93 -7.64 5.31
CA LEU A 67 0.72 -7.38 6.07
C LEU A 67 1.00 -7.63 7.56
N ARG A 68 1.44 -8.84 7.86
CA ARG A 68 1.75 -9.21 9.23
C ARG A 68 3.03 -8.53 9.69
N LYS A 69 4.13 -8.92 9.06
CA LYS A 69 5.43 -8.36 9.40
C LYS A 69 5.26 -6.88 9.75
N LEU A 70 4.78 -6.13 8.77
CA LEU A 70 4.57 -4.70 8.95
C LEU A 70 3.47 -4.48 9.99
N ASP A 71 2.28 -4.95 9.64
CA ASP A 71 1.14 -4.81 10.54
C ASP A 71 1.43 -3.72 11.57
N ASP A 72 1.11 -2.50 11.20
CA ASP A 72 1.33 -1.37 12.08
C ASP A 72 2.83 -1.14 12.24
N THR A 73 3.34 -0.18 11.47
CA THR A 73 4.75 0.14 11.51
C THR A 73 4.95 1.66 11.63
N LYS A 74 6.16 2.04 12.01
CA LYS A 74 6.48 3.45 12.17
C LYS A 74 7.09 3.98 10.86
N PHE A 75 6.24 4.65 10.09
CA PHE A 75 6.67 5.22 8.82
C PHE A 75 7.28 6.60 9.02
N ARG A 76 8.49 6.77 8.50
CA ARG A 76 9.19 8.04 8.62
C ARG A 76 8.99 8.86 7.34
N SER A 77 8.30 9.98 7.50
CA SER A 77 8.05 10.87 6.38
C SER A 77 9.34 11.57 5.95
N HIS A 78 9.34 12.02 4.70
CA HIS A 78 10.50 12.71 4.16
C HIS A 78 10.81 13.94 5.02
N GLU A 79 9.81 14.36 5.78
CA GLU A 79 9.97 15.52 6.65
C GLU A 79 10.44 15.08 8.03
N GLY A 80 10.66 13.78 8.17
CA GLY A 80 11.12 13.23 9.44
C GLY A 80 9.94 12.75 10.28
N GLU A 81 8.86 13.51 10.22
CA GLU A 81 7.66 13.17 10.97
C GLU A 81 7.37 11.68 10.86
N THR A 82 7.18 11.06 12.01
CA THR A 82 6.89 9.64 12.07
C THR A 82 5.42 9.40 12.42
N SER A 83 4.88 8.32 11.87
CA SER A 83 3.49 7.97 12.11
C SER A 83 3.31 6.46 12.00
N TYR A 84 2.25 5.98 12.63
CA TYR A 84 1.95 4.55 12.60
C TYR A 84 0.99 4.21 11.46
N ILE A 85 1.46 3.37 10.57
CA ILE A 85 0.66 2.95 9.43
C ILE A 85 0.31 1.46 9.57
N ARG A 86 -0.97 1.18 9.41
CA ARG A 86 -1.44 -0.19 9.52
C ARG A 86 -1.45 -0.86 8.14
N VAL A 87 -1.28 -2.17 8.15
CA VAL A 87 -1.26 -2.94 6.92
C VAL A 87 -2.37 -3.99 6.97
N TYR A 88 -3.26 -3.92 5.99
CA TYR A 88 -4.36 -4.87 5.91
C TYR A 88 -4.82 -5.06 4.47
N PRO A 89 -5.47 -6.23 4.21
CA PRO A 89 -5.96 -6.55 2.89
C PRO A 89 -7.21 -5.74 2.55
N GLU A 90 -7.66 -5.88 1.32
CA GLU A 90 -8.85 -5.18 0.87
C GLU A 90 -10.09 -6.07 1.00
N ARG A 91 -11.22 -5.44 1.29
CA ARG A 91 -12.46 -6.15 1.45
C ARG A 91 -13.60 -5.41 0.74
N SER A 92 -14.11 -6.03 -0.31
CA SER A 92 -15.19 -5.43 -1.07
C SER A 92 -15.56 -6.34 -2.26
N SER A 93 -16.85 -6.45 -2.51
CA SER A 93 -17.33 -7.27 -3.60
C SER A 93 -17.23 -6.50 -4.91
N GLY A 94 -17.16 -7.26 -6.00
CA GLY A 94 -17.06 -6.66 -7.32
C GLY A 94 -17.22 -7.72 -8.41
N PRO A 95 -17.54 -7.23 -9.65
CA PRO A 95 -17.72 -8.12 -10.78
C PRO A 95 -16.39 -8.66 -11.28
N SER A 96 -16.08 -9.89 -10.90
CA SER A 96 -14.84 -10.53 -11.30
C SER A 96 -14.90 -10.86 -12.79
N SER A 97 -15.89 -11.66 -13.16
CA SER A 97 -16.06 -12.06 -14.54
C SER A 97 -14.82 -12.80 -15.03
N GLY A 98 -14.96 -14.11 -15.19
CA GLY A 98 -13.86 -14.93 -15.65
C GLY A 98 -13.42 -15.92 -14.56
N GLY A 1 -15.46 -2.40 -11.02
CA GLY A 1 -15.40 -0.95 -10.85
C GLY A 1 -15.18 -0.25 -12.19
N SER A 2 -16.25 0.34 -12.69
CA SER A 2 -16.19 1.05 -13.96
C SER A 2 -15.90 0.06 -15.10
N SER A 3 -16.79 0.05 -16.08
CA SER A 3 -16.64 -0.84 -17.22
C SER A 3 -17.00 -0.10 -18.51
N GLY A 4 -16.41 -0.56 -19.60
CA GLY A 4 -16.66 0.05 -20.90
C GLY A 4 -15.35 0.58 -21.51
N SER A 5 -15.44 1.80 -22.03
CA SER A 5 -14.29 2.43 -22.65
C SER A 5 -14.17 3.88 -22.17
N SER A 6 -13.19 4.10 -21.31
CA SER A 6 -12.97 5.44 -20.77
C SER A 6 -11.63 5.48 -20.02
N GLY A 7 -11.17 6.70 -19.75
CA GLY A 7 -9.92 6.88 -19.04
C GLY A 7 -10.08 6.58 -17.55
N GLY A 8 -8.96 6.26 -16.92
CA GLY A 8 -8.96 5.94 -15.51
C GLY A 8 -7.58 6.17 -14.89
N PRO A 9 -7.25 5.31 -13.89
CA PRO A 9 -5.96 5.40 -13.22
C PRO A 9 -4.84 4.87 -14.11
N PRO A 10 -3.60 5.39 -13.85
CA PRO A 10 -2.44 4.97 -14.62
C PRO A 10 -1.98 3.58 -14.18
N THR A 11 -1.28 2.92 -15.10
CA THR A 11 -0.78 1.58 -14.84
C THR A 11 -1.90 0.68 -14.33
N ARG A 12 -1.57 -0.60 -14.21
CA ARG A 12 -2.54 -1.58 -13.73
C ARG A 12 -2.17 -2.06 -12.33
N ARG A 13 -2.39 -3.35 -12.10
CA ARG A 13 -2.09 -3.94 -10.82
C ARG A 13 -1.91 -5.46 -10.96
N SER A 14 -1.64 -6.10 -9.83
CA SER A 14 -1.46 -7.54 -9.82
C SER A 14 -2.70 -8.23 -9.26
N ASP A 15 -2.86 -8.11 -7.95
CA ASP A 15 -4.00 -8.71 -7.27
C ASP A 15 -3.83 -8.55 -5.76
N PHE A 16 -2.71 -9.05 -5.27
CA PHE A 16 -2.41 -8.98 -3.84
C PHE A 16 -1.88 -7.59 -3.47
N ARG A 17 -2.73 -6.84 -2.78
CA ARG A 17 -2.36 -5.51 -2.35
C ARG A 17 -2.50 -5.37 -0.84
N VAL A 18 -2.01 -4.25 -0.32
CA VAL A 18 -2.08 -3.98 1.11
C VAL A 18 -2.55 -2.56 1.33
N LEU A 19 -3.66 -2.44 2.06
CA LEU A 19 -4.23 -1.13 2.36
C LEU A 19 -3.49 -0.52 3.55
N VAL A 20 -3.00 0.70 3.33
CA VAL A 20 -2.27 1.40 4.37
C VAL A 20 -3.10 2.60 4.85
N SER A 21 -3.13 2.77 6.17
CA SER A 21 -3.89 3.86 6.76
C SER A 21 -3.13 4.42 7.96
N GLY A 22 -3.37 5.70 8.23
CA GLY A 22 -2.72 6.36 9.35
C GLY A 22 -1.37 6.94 8.93
N LEU A 23 -1.35 7.54 7.74
CA LEU A 23 -0.15 8.14 7.22
C LEU A 23 -0.06 9.58 7.68
N PRO A 24 1.20 10.12 7.70
CA PRO A 24 1.42 11.49 8.12
C PRO A 24 0.99 12.47 7.02
N PRO A 25 1.01 13.78 7.39
CA PRO A 25 0.61 14.83 6.46
C PRO A 25 1.71 15.07 5.43
N SER A 26 2.90 14.60 5.75
CA SER A 26 4.04 14.76 4.86
C SER A 26 4.39 13.43 4.20
N GLY A 27 3.83 12.37 4.77
CA GLY A 27 4.06 11.02 4.24
C GLY A 27 4.09 11.03 2.71
N SER A 28 4.90 10.14 2.17
CA SER A 28 5.03 10.02 0.72
C SER A 28 4.90 8.57 0.30
N TRP A 29 4.84 8.36 -1.01
CA TRP A 29 4.73 7.02 -1.56
C TRP A 29 6.14 6.42 -1.63
N GLN A 30 7.09 7.25 -2.00
CA GLN A 30 8.47 6.81 -2.10
C GLN A 30 8.89 6.08 -0.83
N ASP A 31 9.04 6.85 0.23
CA ASP A 31 9.44 6.29 1.52
C ASP A 31 8.52 5.12 1.86
N LEU A 32 7.24 5.30 1.57
CA LEU A 32 6.25 4.27 1.85
C LEU A 32 6.65 2.99 1.12
N LYS A 33 6.90 3.12 -0.17
CA LYS A 33 7.28 1.99 -0.98
C LYS A 33 8.50 1.30 -0.36
N ASP A 34 9.59 2.05 -0.28
CA ASP A 34 10.81 1.54 0.30
C ASP A 34 10.50 0.84 1.62
N HIS A 35 9.38 1.24 2.21
CA HIS A 35 8.95 0.66 3.47
C HIS A 35 8.13 -0.61 3.20
N MET A 36 7.14 -0.47 2.34
CA MET A 36 6.28 -1.58 2.00
C MET A 36 7.08 -2.69 1.30
N ARG A 37 7.97 -2.27 0.42
CA ARG A 37 8.79 -3.21 -0.32
C ARG A 37 9.27 -4.33 0.60
N GLU A 38 9.35 -4.01 1.88
CA GLU A 38 9.79 -4.97 2.87
C GLU A 38 9.39 -6.39 2.44
N ALA A 39 8.18 -6.49 1.90
CA ALA A 39 7.67 -7.78 1.45
C ALA A 39 8.53 -8.29 0.30
N GLY A 40 8.24 -7.78 -0.88
CA GLY A 40 8.98 -8.18 -2.07
C GLY A 40 8.99 -7.05 -3.11
N ASP A 41 8.70 -7.43 -4.35
CA ASP A 41 8.69 -6.47 -5.44
C ASP A 41 7.31 -5.78 -5.47
N VAL A 42 7.36 -4.46 -5.44
CA VAL A 42 6.14 -3.67 -5.47
C VAL A 42 5.72 -3.44 -6.92
N CYS A 43 4.49 -3.82 -7.21
CA CYS A 43 3.95 -3.65 -8.56
C CYS A 43 3.28 -2.28 -8.65
N TYR A 44 2.92 -1.75 -7.49
CA TYR A 44 2.27 -0.45 -7.43
C TYR A 44 2.51 0.20 -6.07
N ALA A 45 2.63 1.53 -6.10
CA ALA A 45 2.85 2.29 -4.88
C ALA A 45 2.29 3.69 -5.06
N ASP A 46 1.32 4.01 -4.22
CA ASP A 46 0.68 5.32 -4.26
C ASP A 46 0.24 5.73 -2.86
N VAL A 47 0.03 7.02 -2.69
CA VAL A 47 -0.39 7.55 -1.40
C VAL A 47 -1.53 8.55 -1.61
N GLN A 48 -2.45 8.57 -0.66
CA GLN A 48 -3.58 9.48 -0.72
C GLN A 48 -3.57 10.42 0.48
N LYS A 49 -4.45 11.42 0.41
CA LYS A 49 -4.54 12.40 1.48
C LYS A 49 -5.16 11.73 2.72
N ASP A 50 -5.36 12.53 3.75
CA ASP A 50 -5.93 12.03 4.99
C ASP A 50 -4.88 11.22 5.75
N GLY A 51 -4.36 10.20 5.08
CA GLY A 51 -3.35 9.35 5.68
C GLY A 51 -3.55 7.88 5.27
N MET A 52 -3.80 7.70 3.98
CA MET A 52 -4.02 6.36 3.44
C MET A 52 -3.08 6.09 2.27
N GLY A 53 -2.87 4.81 1.99
CA GLY A 53 -2.00 4.41 0.90
C GLY A 53 -2.40 3.03 0.37
N MET A 54 -1.75 2.65 -0.72
CA MET A 54 -2.02 1.36 -1.34
C MET A 54 -0.80 0.83 -2.07
N VAL A 55 -0.55 -0.47 -1.90
CA VAL A 55 0.59 -1.11 -2.53
C VAL A 55 0.16 -2.47 -3.07
N GLU A 56 0.71 -2.81 -4.23
CA GLU A 56 0.39 -4.08 -4.87
C GLU A 56 1.66 -4.91 -5.05
N TYR A 57 1.53 -6.20 -4.80
CA TYR A 57 2.65 -7.12 -4.93
C TYR A 57 2.42 -8.11 -6.07
N LEU A 58 3.49 -8.80 -6.43
CA LEU A 58 3.42 -9.78 -7.51
C LEU A 58 3.17 -11.17 -6.91
N ARG A 59 3.59 -11.33 -5.67
CA ARG A 59 3.42 -12.60 -4.97
C ARG A 59 2.43 -12.43 -3.82
N LYS A 60 1.59 -13.45 -3.66
CA LYS A 60 0.60 -13.44 -2.59
C LYS A 60 1.30 -13.32 -1.24
N GLU A 61 2.22 -14.24 -1.01
CA GLU A 61 2.97 -14.25 0.24
C GLU A 61 3.41 -12.82 0.61
N ASP A 62 4.09 -12.19 -0.34
CA ASP A 62 4.58 -10.83 -0.14
C ASP A 62 3.51 -10.02 0.58
N MET A 63 2.30 -10.06 0.04
CA MET A 63 1.18 -9.34 0.62
C MET A 63 1.02 -9.68 2.11
N GLU A 64 0.68 -10.93 2.36
CA GLU A 64 0.49 -11.41 3.71
C GLU A 64 1.73 -11.10 4.56
N TYR A 65 2.89 -11.40 3.99
CA TYR A 65 4.15 -11.16 4.68
C TYR A 65 4.22 -9.73 5.22
N ALA A 66 4.24 -8.79 4.29
CA ALA A 66 4.31 -7.38 4.65
C ALA A 66 3.12 -7.04 5.56
N LEU A 67 1.98 -7.63 5.22
CA LEU A 67 0.77 -7.39 6.00
C LEU A 67 1.06 -7.62 7.47
N ARG A 68 1.54 -8.82 7.77
CA ARG A 68 1.86 -9.18 9.14
C ARG A 68 3.14 -8.47 9.58
N LYS A 69 4.24 -8.86 8.97
CA LYS A 69 5.53 -8.28 9.30
C LYS A 69 5.34 -6.80 9.64
N LEU A 70 4.83 -6.06 8.66
CA LEU A 70 4.59 -4.64 8.84
C LEU A 70 3.51 -4.43 9.89
N ASP A 71 2.32 -4.95 9.57
CA ASP A 71 1.19 -4.82 10.48
C ASP A 71 1.48 -3.76 11.53
N ASP A 72 1.13 -2.53 11.19
CA ASP A 72 1.35 -1.41 12.10
C ASP A 72 2.86 -1.19 12.28
N THR A 73 3.36 -0.19 11.56
CA THR A 73 4.77 0.13 11.62
C THR A 73 4.98 1.63 11.78
N LYS A 74 6.22 2.01 12.04
CA LYS A 74 6.55 3.42 12.22
C LYS A 74 7.09 3.98 10.91
N PHE A 75 6.20 4.67 10.20
CA PHE A 75 6.57 5.26 8.92
C PHE A 75 7.13 6.67 9.11
N ARG A 76 8.25 6.92 8.44
CA ARG A 76 8.90 8.22 8.53
C ARG A 76 8.80 8.96 7.20
N SER A 77 8.09 10.07 7.22
CA SER A 77 7.91 10.87 6.02
C SER A 77 9.25 11.50 5.61
N HIS A 78 9.23 12.16 4.45
CA HIS A 78 10.42 12.80 3.95
C HIS A 78 10.70 14.08 4.75
N GLU A 79 9.74 14.43 5.60
CA GLU A 79 9.87 15.61 6.42
C GLU A 79 10.52 15.26 7.76
N GLY A 80 10.73 13.97 7.95
CA GLY A 80 11.35 13.48 9.18
C GLY A 80 10.29 12.99 10.16
N GLU A 81 9.10 13.55 10.03
CA GLU A 81 7.99 13.17 10.90
C GLU A 81 7.79 11.66 10.86
N THR A 82 7.18 11.15 11.94
CA THR A 82 6.92 9.73 12.04
C THR A 82 5.47 9.48 12.48
N SER A 83 4.92 8.39 11.99
CA SER A 83 3.55 8.03 12.32
C SER A 83 3.38 6.51 12.24
N TYR A 84 2.25 6.05 12.76
CA TYR A 84 1.95 4.62 12.77
C TYR A 84 0.91 4.29 11.68
N ILE A 85 1.35 3.48 10.73
CA ILE A 85 0.48 3.07 9.64
C ILE A 85 0.21 1.56 9.74
N ARG A 86 -1.06 1.21 9.61
CA ARG A 86 -1.47 -0.18 9.68
C ARG A 86 -1.46 -0.82 8.29
N VAL A 87 -1.27 -2.12 8.27
CA VAL A 87 -1.24 -2.86 7.02
C VAL A 87 -2.31 -3.96 7.04
N TYR A 88 -3.30 -3.79 6.17
CA TYR A 88 -4.38 -4.74 6.09
C TYR A 88 -4.78 -4.99 4.63
N PRO A 89 -5.41 -6.17 4.40
CA PRO A 89 -5.84 -6.54 3.06
C PRO A 89 -7.09 -5.76 2.65
N GLU A 90 -7.40 -5.82 1.37
CA GLU A 90 -8.56 -5.13 0.84
C GLU A 90 -9.82 -5.98 1.02
N ARG A 91 -10.70 -5.51 1.89
CA ARG A 91 -11.94 -6.22 2.16
C ARG A 91 -13.14 -5.36 1.76
N SER A 92 -14.27 -6.03 1.61
CA SER A 92 -15.50 -5.34 1.22
C SER A 92 -15.24 -4.46 -0.01
N SER A 93 -15.59 -5.01 -1.17
CA SER A 93 -15.40 -4.29 -2.42
C SER A 93 -16.02 -5.08 -3.57
N GLY A 94 -17.33 -4.97 -3.69
CA GLY A 94 -18.06 -5.66 -4.74
C GLY A 94 -18.27 -4.75 -5.95
N PRO A 95 -18.97 -5.31 -6.97
CA PRO A 95 -19.27 -4.55 -8.18
C PRO A 95 -20.38 -3.53 -7.94
N SER A 96 -20.14 -2.32 -8.42
CA SER A 96 -21.10 -1.25 -8.27
C SER A 96 -22.40 -1.61 -8.99
N SER A 97 -23.50 -1.38 -8.29
CA SER A 97 -24.82 -1.68 -8.85
C SER A 97 -25.03 -3.19 -8.92
N GLY A 98 -24.26 -3.83 -9.78
CA GLY A 98 -24.35 -5.26 -9.96
C GLY A 98 -24.68 -5.62 -11.42
N GLY A 1 12.18 10.17 -12.13
CA GLY A 1 11.41 11.36 -12.44
C GLY A 1 9.92 11.15 -12.14
N SER A 2 9.09 11.80 -12.94
CA SER A 2 7.65 11.68 -12.78
C SER A 2 7.26 12.12 -11.37
N SER A 3 6.59 13.27 -11.29
CA SER A 3 6.16 13.80 -10.01
C SER A 3 4.63 13.81 -9.95
N GLY A 4 4.08 12.75 -9.37
CA GLY A 4 2.64 12.63 -9.24
C GLY A 4 2.24 11.18 -8.92
N SER A 5 1.17 10.74 -9.57
CA SER A 5 0.68 9.38 -9.38
C SER A 5 -0.13 8.94 -10.59
N SER A 6 0.21 7.75 -11.07
CA SER A 6 -0.48 7.20 -12.23
C SER A 6 -1.84 6.63 -11.82
N GLY A 7 -2.89 7.19 -12.41
CA GLY A 7 -4.23 6.75 -12.10
C GLY A 7 -5.13 6.83 -13.35
N GLY A 8 -5.19 5.73 -14.07
CA GLY A 8 -6.00 5.66 -15.27
C GLY A 8 -6.40 4.22 -15.59
N PRO A 9 -5.55 3.57 -16.44
CA PRO A 9 -5.81 2.19 -16.83
C PRO A 9 -5.46 1.23 -15.70
N PRO A 10 -6.20 0.07 -15.67
CA PRO A 10 -5.98 -0.93 -14.64
C PRO A 10 -4.69 -1.72 -14.91
N THR A 11 -3.93 -1.91 -13.84
CA THR A 11 -2.68 -2.64 -13.95
C THR A 11 -2.95 -4.14 -14.07
N ARG A 12 -2.54 -4.69 -15.21
CA ARG A 12 -2.73 -6.10 -15.46
C ARG A 12 -1.70 -6.93 -14.70
N ARG A 13 -1.75 -6.82 -13.39
CA ARG A 13 -0.83 -7.55 -12.53
C ARG A 13 -1.59 -8.31 -11.44
N SER A 14 -0.86 -9.13 -10.71
CA SER A 14 -1.44 -9.92 -9.65
C SER A 14 -2.45 -9.08 -8.87
N ASP A 15 -3.31 -9.77 -8.12
CA ASP A 15 -4.32 -9.10 -7.33
C ASP A 15 -4.00 -9.30 -5.84
N PHE A 16 -2.94 -8.63 -5.40
CA PHE A 16 -2.52 -8.72 -4.02
C PHE A 16 -1.86 -7.42 -3.55
N ARG A 17 -2.65 -6.59 -2.89
CA ARG A 17 -2.16 -5.32 -2.39
C ARG A 17 -2.33 -5.24 -0.88
N VAL A 18 -1.87 -4.13 -0.32
CA VAL A 18 -1.97 -3.91 1.11
C VAL A 18 -2.46 -2.48 1.38
N LEU A 19 -3.57 -2.40 2.10
CA LEU A 19 -4.15 -1.10 2.42
C LEU A 19 -3.43 -0.53 3.64
N VAL A 20 -2.99 0.72 3.50
CA VAL A 20 -2.28 1.40 4.57
C VAL A 20 -3.05 2.66 4.96
N SER A 21 -3.01 2.97 6.24
CA SER A 21 -3.69 4.14 6.75
C SER A 21 -2.95 4.69 7.99
N GLY A 22 -3.01 6.01 8.13
CA GLY A 22 -2.36 6.66 9.25
C GLY A 22 -1.02 7.26 8.83
N LEU A 23 -0.93 7.60 7.56
CA LEU A 23 0.29 8.18 7.01
C LEU A 23 0.46 9.59 7.56
N PRO A 24 1.74 10.05 7.57
CA PRO A 24 2.06 11.38 8.07
C PRO A 24 1.65 12.46 7.06
N PRO A 25 1.76 13.74 7.50
CA PRO A 25 1.40 14.86 6.66
C PRO A 25 2.46 15.10 5.59
N SER A 26 3.62 14.48 5.80
CA SER A 26 4.72 14.62 4.86
C SER A 26 4.98 13.29 4.15
N GLY A 27 4.54 12.22 4.79
CA GLY A 27 4.71 10.89 4.23
C GLY A 27 4.47 10.89 2.72
N SER A 28 5.17 10.00 2.04
CA SER A 28 5.04 9.89 0.59
C SER A 28 4.93 8.42 0.19
N TRP A 29 4.58 8.22 -1.07
CA TRP A 29 4.44 6.86 -1.60
C TRP A 29 5.83 6.26 -1.75
N GLN A 30 6.77 7.10 -2.16
CA GLN A 30 8.14 6.67 -2.34
C GLN A 30 8.66 6.01 -1.06
N ASP A 31 8.89 6.85 -0.06
CA ASP A 31 9.38 6.38 1.22
C ASP A 31 8.49 5.23 1.72
N LEU A 32 7.22 5.35 1.40
CA LEU A 32 6.24 4.34 1.80
C LEU A 32 6.62 3.00 1.17
N LYS A 33 6.82 3.03 -0.13
CA LYS A 33 7.18 1.83 -0.87
C LYS A 33 8.44 1.22 -0.25
N ASP A 34 9.51 2.01 -0.26
CA ASP A 34 10.78 1.56 0.30
C ASP A 34 10.51 0.78 1.59
N HIS A 35 9.42 1.15 2.26
CA HIS A 35 9.05 0.49 3.50
C HIS A 35 8.25 -0.77 3.19
N MET A 36 7.12 -0.56 2.53
CA MET A 36 6.25 -1.68 2.17
C MET A 36 7.03 -2.78 1.47
N ARG A 37 7.98 -2.36 0.64
CA ARG A 37 8.81 -3.30 -0.10
C ARG A 37 9.26 -4.44 0.82
N GLU A 38 9.30 -4.14 2.11
CA GLU A 38 9.71 -5.13 3.09
C GLU A 38 9.30 -6.54 2.63
N ALA A 39 8.10 -6.62 2.06
CA ALA A 39 7.58 -7.89 1.59
C ALA A 39 8.52 -8.43 0.50
N GLY A 40 8.47 -7.80 -0.66
CA GLY A 40 9.31 -8.21 -1.77
C GLY A 40 9.53 -7.04 -2.75
N ASP A 41 8.94 -7.19 -3.92
CA ASP A 41 9.06 -6.17 -4.96
C ASP A 41 7.69 -5.55 -5.21
N VAL A 42 7.62 -4.24 -5.02
CA VAL A 42 6.38 -3.51 -5.23
C VAL A 42 6.26 -3.14 -6.72
N CYS A 43 5.12 -3.48 -7.28
CA CYS A 43 4.86 -3.20 -8.68
C CYS A 43 4.19 -1.82 -8.77
N TYR A 44 3.40 -1.52 -7.77
CA TYR A 44 2.70 -0.24 -7.72
C TYR A 44 2.60 0.27 -6.29
N ALA A 45 2.73 1.59 -6.16
CA ALA A 45 2.66 2.22 -4.85
C ALA A 45 2.06 3.62 -4.99
N ASP A 46 0.94 3.82 -4.32
CA ASP A 46 0.26 5.11 -4.37
C ASP A 46 -0.16 5.52 -2.96
N VAL A 47 -0.53 6.78 -2.83
CA VAL A 47 -0.95 7.30 -1.53
C VAL A 47 -2.19 8.17 -1.73
N GLN A 48 -3.09 8.09 -0.76
CA GLN A 48 -4.31 8.87 -0.80
C GLN A 48 -4.38 9.84 0.38
N LYS A 49 -5.31 10.78 0.28
CA LYS A 49 -5.48 11.76 1.33
C LYS A 49 -5.97 11.08 2.61
N ASP A 50 -5.88 11.81 3.71
CA ASP A 50 -6.30 11.28 4.99
C ASP A 50 -5.14 10.55 5.65
N GLY A 51 -4.33 9.92 4.82
CA GLY A 51 -3.18 9.18 5.30
C GLY A 51 -3.19 7.75 4.78
N MET A 52 -4.15 7.47 3.91
CA MET A 52 -4.27 6.14 3.34
C MET A 52 -3.19 5.88 2.30
N GLY A 53 -2.93 4.60 2.07
CA GLY A 53 -1.92 4.21 1.10
C GLY A 53 -2.27 2.88 0.45
N MET A 54 -1.60 2.60 -0.67
CA MET A 54 -1.84 1.37 -1.40
C MET A 54 -0.56 0.88 -2.09
N VAL A 55 -0.35 -0.42 -2.02
CA VAL A 55 0.83 -1.02 -2.63
C VAL A 55 0.46 -2.39 -3.19
N GLU A 56 0.66 -2.55 -4.48
CA GLU A 56 0.37 -3.80 -5.16
C GLU A 56 1.64 -4.63 -5.33
N TYR A 57 1.65 -5.79 -4.69
CA TYR A 57 2.80 -6.68 -4.77
C TYR A 57 2.70 -7.59 -6.00
N LEU A 58 3.75 -8.38 -6.19
CA LEU A 58 3.79 -9.29 -7.32
C LEU A 58 3.45 -10.70 -6.84
N ARG A 59 3.69 -10.93 -5.55
CA ARG A 59 3.41 -12.23 -4.97
C ARG A 59 2.42 -12.08 -3.80
N LYS A 60 1.56 -13.08 -3.68
CA LYS A 60 0.56 -13.08 -2.63
C LYS A 60 1.26 -13.04 -1.26
N GLU A 61 2.14 -14.00 -1.07
CA GLU A 61 2.90 -14.09 0.17
C GLU A 61 3.32 -12.70 0.64
N ASP A 62 4.03 -12.01 -0.25
CA ASP A 62 4.51 -10.67 0.05
C ASP A 62 3.40 -9.89 0.75
N MET A 63 2.23 -9.90 0.14
CA MET A 63 1.07 -9.19 0.69
C MET A 63 0.87 -9.56 2.17
N GLU A 64 0.54 -10.81 2.39
CA GLU A 64 0.31 -11.30 3.75
C GLU A 64 1.55 -11.05 4.62
N TYR A 65 2.70 -11.37 4.05
CA TYR A 65 3.96 -11.19 4.76
C TYR A 65 4.07 -9.77 5.32
N ALA A 66 4.09 -8.80 4.41
CA ALA A 66 4.19 -7.41 4.80
C ALA A 66 2.99 -7.05 5.70
N LEU A 67 1.85 -7.61 5.36
CA LEU A 67 0.64 -7.36 6.12
C LEU A 67 0.90 -7.63 7.60
N ARG A 68 1.36 -8.84 7.88
CA ARG A 68 1.66 -9.23 9.24
C ARG A 68 2.94 -8.55 9.72
N LYS A 69 4.05 -8.93 9.10
CA LYS A 69 5.34 -8.36 9.45
C LYS A 69 5.16 -6.88 9.80
N LEU A 70 4.69 -6.13 8.83
CA LEU A 70 4.46 -4.71 9.02
C LEU A 70 3.35 -4.50 10.05
N ASP A 71 2.17 -4.98 9.71
CA ASP A 71 1.03 -4.86 10.60
C ASP A 71 1.32 -3.77 11.64
N ASP A 72 1.15 -2.53 11.22
CA ASP A 72 1.39 -1.40 12.09
C ASP A 72 2.89 -1.22 12.29
N THR A 73 3.43 -0.21 11.64
CA THR A 73 4.85 0.08 11.74
C THR A 73 5.08 1.59 11.84
N LYS A 74 6.32 1.95 12.15
CA LYS A 74 6.68 3.35 12.29
C LYS A 74 7.29 3.84 10.98
N PHE A 75 6.46 4.51 10.19
CA PHE A 75 6.90 5.04 8.92
C PHE A 75 7.55 6.42 9.09
N ARG A 76 8.71 6.58 8.47
CA ARG A 76 9.43 7.84 8.54
C ARG A 76 9.36 8.56 7.20
N SER A 77 8.65 9.68 7.20
CA SER A 77 8.50 10.47 6.00
C SER A 77 9.86 11.03 5.56
N HIS A 78 9.86 11.64 4.39
CA HIS A 78 11.09 12.22 3.85
C HIS A 78 11.43 13.48 4.61
N GLU A 79 10.45 13.96 5.38
CA GLU A 79 10.65 15.17 6.16
C GLU A 79 11.14 14.82 7.58
N GLY A 80 11.19 13.52 7.84
CA GLY A 80 11.63 13.03 9.13
C GLY A 80 10.45 12.59 9.99
N GLU A 81 9.35 13.30 9.82
CA GLU A 81 8.14 13.00 10.58
C GLU A 81 7.90 11.48 10.63
N THR A 82 7.30 11.05 11.72
CA THR A 82 7.02 9.63 11.91
C THR A 82 5.55 9.42 12.26
N SER A 83 5.02 8.30 11.79
CA SER A 83 3.63 7.97 12.05
C SER A 83 3.43 6.45 12.02
N TYR A 84 2.34 6.02 12.62
CA TYR A 84 2.03 4.60 12.68
C TYR A 84 1.00 4.22 11.61
N ILE A 85 1.48 3.48 10.61
CA ILE A 85 0.62 3.05 9.52
C ILE A 85 0.33 1.55 9.68
N ARG A 86 -0.95 1.22 9.59
CA ARG A 86 -1.39 -0.16 9.71
C ARG A 86 -1.44 -0.83 8.34
N VAL A 87 -1.17 -2.12 8.33
CA VAL A 87 -1.19 -2.89 7.09
C VAL A 87 -2.32 -3.91 7.15
N TYR A 88 -3.24 -3.77 6.21
CA TYR A 88 -4.38 -4.68 6.14
C TYR A 88 -4.84 -4.87 4.70
N PRO A 89 -5.54 -6.01 4.46
CA PRO A 89 -6.04 -6.33 3.13
C PRO A 89 -7.26 -5.46 2.78
N GLU A 90 -7.77 -5.68 1.58
CA GLU A 90 -8.93 -4.94 1.12
C GLU A 90 -10.21 -5.57 1.65
N ARG A 91 -11.21 -4.72 1.89
CA ARG A 91 -12.49 -5.18 2.39
C ARG A 91 -12.28 -6.29 3.42
N SER A 92 -13.33 -7.08 3.61
CA SER A 92 -13.28 -8.18 4.57
C SER A 92 -14.26 -9.27 4.15
N SER A 93 -13.72 -10.47 3.94
CA SER A 93 -14.53 -11.60 3.54
C SER A 93 -15.41 -11.22 2.35
N GLY A 94 -14.83 -11.35 1.17
CA GLY A 94 -15.53 -11.02 -0.06
C GLY A 94 -16.37 -12.21 -0.53
N PRO A 95 -16.37 -12.42 -1.87
CA PRO A 95 -17.12 -13.52 -2.47
C PRO A 95 -16.42 -14.86 -2.22
N SER A 96 -17.10 -15.71 -1.45
CA SER A 96 -16.57 -17.02 -1.13
C SER A 96 -16.48 -17.86 -2.40
N SER A 97 -15.66 -18.91 -2.32
CA SER A 97 -15.48 -19.81 -3.44
C SER A 97 -14.85 -19.05 -4.62
N GLY A 98 -14.37 -19.82 -5.59
CA GLY A 98 -13.75 -19.24 -6.76
C GLY A 98 -12.33 -19.77 -6.95
N GLY A 1 9.96 11.23 -23.08
CA GLY A 1 10.79 12.20 -22.39
C GLY A 1 12.24 11.72 -22.32
N SER A 2 13.09 12.57 -21.77
CA SER A 2 14.50 12.25 -21.64
C SER A 2 15.06 12.83 -20.34
N SER A 3 14.93 12.04 -19.28
CA SER A 3 15.41 12.46 -17.98
C SER A 3 15.15 11.36 -16.94
N GLY A 4 13.87 11.01 -16.81
CA GLY A 4 13.48 9.98 -15.86
C GLY A 4 12.00 10.14 -15.47
N SER A 5 11.14 9.82 -16.42
CA SER A 5 9.71 9.93 -16.19
C SER A 5 9.01 8.63 -16.64
N SER A 6 8.00 8.25 -15.89
CA SER A 6 7.25 7.04 -16.20
C SER A 6 6.91 7.01 -17.69
N GLY A 7 7.16 5.86 -18.30
CA GLY A 7 6.88 5.68 -19.72
C GLY A 7 6.59 4.22 -20.04
N GLY A 8 6.99 3.82 -21.23
CA GLY A 8 6.78 2.45 -21.68
C GLY A 8 5.30 2.07 -21.57
N PRO A 9 5.06 0.76 -21.26
CA PRO A 9 3.71 0.25 -21.13
C PRO A 9 3.06 0.74 -19.82
N PRO A 10 1.72 0.61 -19.75
CA PRO A 10 0.97 1.01 -18.58
C PRO A 10 1.16 0.01 -17.44
N THR A 11 0.98 0.50 -16.22
CA THR A 11 1.11 -0.33 -15.04
C THR A 11 0.33 -1.64 -15.22
N ARG A 12 0.66 -2.60 -14.38
CA ARG A 12 0.00 -3.89 -14.43
C ARG A 12 0.46 -4.77 -13.26
N ARG A 13 -0.49 -5.11 -12.40
CA ARG A 13 -0.19 -5.94 -11.25
C ARG A 13 -1.22 -7.07 -11.13
N SER A 14 -0.93 -8.00 -10.23
CA SER A 14 -1.81 -9.13 -10.01
C SER A 14 -3.11 -8.67 -9.35
N ASP A 15 -3.10 -8.68 -8.03
CA ASP A 15 -4.26 -8.28 -7.27
C ASP A 15 -3.88 -8.12 -5.80
N PHE A 16 -3.19 -9.12 -5.29
CA PHE A 16 -2.76 -9.11 -3.90
C PHE A 16 -2.08 -7.78 -3.55
N ARG A 17 -2.77 -7.00 -2.74
CA ARG A 17 -2.24 -5.71 -2.31
C ARG A 17 -2.38 -5.55 -0.80
N VAL A 18 -1.90 -4.42 -0.30
CA VAL A 18 -1.97 -4.14 1.11
C VAL A 18 -2.47 -2.70 1.32
N LEU A 19 -3.61 -2.61 1.99
CA LEU A 19 -4.21 -1.31 2.25
C LEU A 19 -3.55 -0.69 3.49
N VAL A 20 -3.07 0.53 3.31
CA VAL A 20 -2.41 1.24 4.40
C VAL A 20 -3.21 2.50 4.74
N SER A 21 -3.32 2.77 6.04
CA SER A 21 -4.05 3.94 6.49
C SER A 21 -3.40 4.49 7.77
N GLY A 22 -3.10 5.78 7.73
CA GLY A 22 -2.49 6.44 8.86
C GLY A 22 -1.26 7.25 8.43
N LEU A 23 -0.98 7.18 7.14
CA LEU A 23 0.16 7.90 6.58
C LEU A 23 0.24 9.29 7.22
N PRO A 24 1.48 9.85 7.22
CA PRO A 24 1.72 11.15 7.81
C PRO A 24 1.18 12.26 6.89
N PRO A 25 1.25 13.52 7.41
CA PRO A 25 0.77 14.67 6.66
C PRO A 25 1.75 15.04 5.55
N SER A 26 2.97 14.54 5.69
CA SER A 26 4.00 14.81 4.71
C SER A 26 4.52 13.49 4.11
N GLY A 27 3.81 12.42 4.43
CA GLY A 27 4.18 11.10 3.94
C GLY A 27 4.29 11.11 2.41
N SER A 28 4.98 10.09 1.90
CA SER A 28 5.16 9.97 0.47
C SER A 28 5.10 8.49 0.06
N TRP A 29 4.60 8.26 -1.14
CA TRP A 29 4.48 6.91 -1.66
C TRP A 29 5.89 6.33 -1.78
N GLN A 30 6.77 7.11 -2.39
CA GLN A 30 8.14 6.69 -2.58
C GLN A 30 8.67 6.02 -1.31
N ASP A 31 8.91 6.85 -0.30
CA ASP A 31 9.41 6.36 0.97
C ASP A 31 8.50 5.24 1.47
N LEU A 32 7.21 5.50 1.42
CA LEU A 32 6.23 4.53 1.87
C LEU A 32 6.57 3.15 1.27
N LYS A 33 6.71 3.13 -0.04
CA LYS A 33 7.04 1.91 -0.74
C LYS A 33 8.33 1.31 -0.15
N ASP A 34 9.40 2.09 -0.24
CA ASP A 34 10.68 1.65 0.28
C ASP A 34 10.45 0.84 1.57
N HIS A 35 9.42 1.24 2.31
CA HIS A 35 9.09 0.57 3.55
C HIS A 35 8.30 -0.71 3.25
N MET A 36 7.24 -0.54 2.48
CA MET A 36 6.40 -1.68 2.11
C MET A 36 7.22 -2.76 1.42
N ARG A 37 8.13 -2.33 0.57
CA ARG A 37 8.98 -3.26 -0.15
C ARG A 37 9.42 -4.40 0.76
N GLU A 38 9.48 -4.09 2.05
CA GLU A 38 9.88 -5.08 3.03
C GLU A 38 9.47 -6.49 2.57
N ALA A 39 8.27 -6.57 2.01
CA ALA A 39 7.75 -7.83 1.54
C ALA A 39 8.60 -8.32 0.36
N GLY A 40 8.35 -7.73 -0.80
CA GLY A 40 9.08 -8.10 -1.99
C GLY A 40 9.16 -6.91 -2.97
N ASP A 41 8.88 -7.20 -4.23
CA ASP A 41 8.91 -6.17 -5.26
C ASP A 41 7.53 -5.51 -5.36
N VAL A 42 7.54 -4.20 -5.19
CA VAL A 42 6.30 -3.43 -5.27
C VAL A 42 6.05 -3.02 -6.72
N CYS A 43 4.89 -3.40 -7.21
CA CYS A 43 4.51 -3.06 -8.58
C CYS A 43 3.76 -1.73 -8.56
N TYR A 44 3.09 -1.48 -7.44
CA TYR A 44 2.33 -0.25 -7.29
C TYR A 44 2.54 0.34 -5.89
N ALA A 45 2.71 1.66 -5.86
CA ALA A 45 2.91 2.36 -4.61
C ALA A 45 2.41 3.80 -4.75
N ASP A 46 1.45 4.15 -3.89
CA ASP A 46 0.88 5.48 -3.91
C ASP A 46 0.34 5.82 -2.52
N VAL A 47 -0.04 7.07 -2.36
CA VAL A 47 -0.57 7.54 -1.09
C VAL A 47 -1.75 8.49 -1.34
N GLN A 48 -2.76 8.36 -0.50
CA GLN A 48 -3.94 9.20 -0.62
C GLN A 48 -3.97 10.25 0.49
N LYS A 49 -4.70 11.33 0.23
CA LYS A 49 -4.81 12.40 1.21
C LYS A 49 -5.25 11.82 2.56
N ASP A 50 -5.26 12.69 3.56
CA ASP A 50 -5.66 12.27 4.90
C ASP A 50 -4.52 11.45 5.53
N GLY A 51 -4.16 10.39 4.83
CA GLY A 51 -3.10 9.51 5.32
C GLY A 51 -3.35 8.06 4.89
N MET A 52 -3.73 7.91 3.63
CA MET A 52 -4.01 6.59 3.09
C MET A 52 -2.89 6.15 2.14
N GLY A 53 -2.73 4.83 2.04
CA GLY A 53 -1.71 4.27 1.17
C GLY A 53 -2.21 2.99 0.50
N MET A 54 -1.59 2.67 -0.63
CA MET A 54 -1.96 1.47 -1.37
C MET A 54 -0.75 0.91 -2.14
N VAL A 55 -0.43 -0.33 -1.83
CA VAL A 55 0.69 -0.99 -2.49
C VAL A 55 0.26 -2.37 -2.97
N GLU A 56 0.67 -2.71 -4.17
CA GLU A 56 0.33 -3.99 -4.76
C GLU A 56 1.59 -4.84 -4.97
N TYR A 57 1.54 -6.07 -4.49
CA TYR A 57 2.67 -6.97 -4.62
C TYR A 57 2.47 -7.93 -5.80
N LEU A 58 3.58 -8.50 -6.24
CA LEU A 58 3.54 -9.43 -7.36
C LEU A 58 3.34 -10.85 -6.83
N ARG A 59 3.64 -11.02 -5.55
CA ARG A 59 3.50 -12.31 -4.91
C ARG A 59 2.50 -12.22 -3.76
N LYS A 60 1.66 -13.25 -3.69
CA LYS A 60 0.64 -13.31 -2.64
C LYS A 60 1.32 -13.22 -1.28
N GLU A 61 2.28 -14.11 -1.08
CA GLU A 61 3.01 -14.15 0.18
C GLU A 61 3.42 -12.73 0.60
N ASP A 62 4.11 -12.05 -0.31
CA ASP A 62 4.56 -10.70 -0.04
C ASP A 62 3.45 -9.92 0.67
N MET A 63 2.25 -10.01 0.11
CA MET A 63 1.11 -9.32 0.68
C MET A 63 0.94 -9.67 2.16
N GLU A 64 0.58 -10.93 2.40
CA GLU A 64 0.38 -11.40 3.76
C GLU A 64 1.63 -11.11 4.60
N TYR A 65 2.78 -11.40 4.02
CA TYR A 65 4.05 -11.18 4.70
C TYR A 65 4.13 -9.77 5.27
N ALA A 66 4.19 -8.80 4.37
CA ALA A 66 4.27 -7.40 4.76
C ALA A 66 3.07 -7.06 5.65
N LEU A 67 1.93 -7.64 5.30
CA LEU A 67 0.71 -7.41 6.06
C LEU A 67 0.98 -7.65 7.54
N ARG A 68 1.39 -8.87 7.84
CA ARG A 68 1.68 -9.24 9.22
C ARG A 68 2.98 -8.58 9.68
N LYS A 69 4.07 -8.97 9.05
CA LYS A 69 5.37 -8.42 9.39
C LYS A 69 5.21 -6.94 9.75
N LEU A 70 4.76 -6.17 8.78
CA LEU A 70 4.57 -4.75 8.98
C LEU A 70 3.46 -4.53 10.01
N ASP A 71 2.26 -4.97 9.65
CA ASP A 71 1.11 -4.83 10.54
C ASP A 71 1.41 -3.74 11.57
N ASP A 72 1.08 -2.51 11.19
CA ASP A 72 1.30 -1.37 12.06
C ASP A 72 2.80 -1.19 12.29
N THR A 73 3.35 -0.19 11.62
CA THR A 73 4.77 0.10 11.75
C THR A 73 5.00 1.62 11.80
N LYS A 74 6.24 1.99 12.13
CA LYS A 74 6.60 3.38 12.21
C LYS A 74 7.20 3.84 10.88
N PHE A 75 6.36 4.47 10.08
CA PHE A 75 6.79 4.95 8.78
C PHE A 75 7.41 6.35 8.89
N ARG A 76 8.56 6.50 8.26
CA ARG A 76 9.27 7.77 8.28
C ARG A 76 9.21 8.44 6.91
N SER A 77 8.47 9.53 6.84
CA SER A 77 8.32 10.27 5.60
C SER A 77 9.65 10.92 5.22
N HIS A 78 9.60 11.71 4.15
CA HIS A 78 10.79 12.38 3.67
C HIS A 78 11.03 13.65 4.49
N GLU A 79 10.00 14.01 5.27
CA GLU A 79 10.09 15.20 6.10
C GLU A 79 10.51 14.81 7.52
N GLY A 80 10.73 13.52 7.71
CA GLY A 80 11.13 13.01 9.01
C GLY A 80 9.92 12.63 9.85
N GLU A 81 8.84 13.37 9.64
CA GLU A 81 7.61 13.12 10.38
C GLU A 81 7.24 11.64 10.32
N THR A 82 7.25 11.01 11.48
CA THR A 82 6.93 9.60 11.57
C THR A 82 5.48 9.42 12.03
N SER A 83 4.90 8.29 11.62
CA SER A 83 3.53 7.98 11.99
C SER A 83 3.31 6.47 11.97
N TYR A 84 2.23 6.05 12.61
CA TYR A 84 1.90 4.64 12.67
C TYR A 84 0.89 4.26 11.58
N ILE A 85 1.37 3.50 10.60
CA ILE A 85 0.52 3.06 9.51
C ILE A 85 0.24 1.58 9.65
N ARG A 86 -1.04 1.24 9.56
CA ARG A 86 -1.45 -0.16 9.67
C ARG A 86 -1.49 -0.81 8.28
N VAL A 87 -1.24 -2.11 8.27
CA VAL A 87 -1.24 -2.87 7.04
C VAL A 87 -2.35 -3.91 7.07
N TYR A 88 -3.27 -3.79 6.13
CA TYR A 88 -4.39 -4.71 6.06
C TYR A 88 -4.82 -4.94 4.60
N PRO A 89 -5.50 -6.09 4.38
CA PRO A 89 -5.97 -6.44 3.05
C PRO A 89 -7.18 -5.59 2.65
N GLU A 90 -7.75 -5.94 1.51
CA GLU A 90 -8.91 -5.22 1.01
C GLU A 90 -10.13 -6.15 0.96
N ARG A 91 -10.43 -6.75 2.10
CA ARG A 91 -11.56 -7.66 2.19
C ARG A 91 -11.53 -8.66 1.03
N SER A 92 -10.91 -9.80 1.30
CA SER A 92 -10.81 -10.84 0.29
C SER A 92 -10.92 -12.22 0.95
N SER A 93 -11.43 -13.17 0.18
CA SER A 93 -11.60 -14.52 0.67
C SER A 93 -11.83 -15.48 -0.50
N GLY A 94 -11.56 -16.75 -0.24
CA GLY A 94 -11.73 -17.77 -1.27
C GLY A 94 -10.40 -18.11 -1.94
N PRO A 95 -10.32 -19.35 -2.49
CA PRO A 95 -9.12 -19.80 -3.16
C PRO A 95 -8.99 -19.15 -4.54
N SER A 96 -7.75 -18.82 -4.88
CA SER A 96 -7.47 -18.19 -6.17
C SER A 96 -6.71 -19.16 -7.06
N SER A 97 -7.15 -19.24 -8.30
CA SER A 97 -6.53 -20.13 -9.28
C SER A 97 -7.12 -19.89 -10.67
N GLY A 98 -6.40 -19.09 -11.44
CA GLY A 98 -6.85 -18.78 -12.79
C GLY A 98 -6.96 -20.04 -13.65
N GLY A 1 -11.69 27.67 -11.84
CA GLY A 1 -12.77 26.85 -12.34
C GLY A 1 -13.17 25.77 -11.32
N SER A 2 -13.99 24.83 -11.79
CA SER A 2 -14.45 23.76 -10.94
C SER A 2 -13.28 22.82 -10.62
N SER A 3 -13.48 21.99 -9.60
CA SER A 3 -12.47 21.05 -9.18
C SER A 3 -13.10 19.66 -8.97
N GLY A 4 -12.76 18.75 -9.87
CA GLY A 4 -13.28 17.39 -9.79
C GLY A 4 -12.59 16.49 -10.82
N SER A 5 -11.31 16.26 -10.60
CA SER A 5 -10.54 15.42 -11.49
C SER A 5 -9.75 14.39 -10.68
N SER A 6 -8.91 14.89 -9.80
CA SER A 6 -8.09 14.03 -8.96
C SER A 6 -8.98 13.05 -8.19
N GLY A 7 -8.66 11.77 -8.35
CA GLY A 7 -9.42 10.73 -7.68
C GLY A 7 -9.12 9.36 -8.28
N GLY A 8 -9.92 9.00 -9.28
CA GLY A 8 -9.75 7.73 -9.95
C GLY A 8 -9.98 6.56 -8.99
N PRO A 9 -10.62 5.48 -9.51
CA PRO A 9 -10.91 4.30 -8.72
C PRO A 9 -9.64 3.49 -8.48
N PRO A 10 -9.75 2.53 -7.51
CA PRO A 10 -8.62 1.67 -7.18
C PRO A 10 -8.40 0.60 -8.25
N THR A 11 -7.17 0.55 -8.74
CA THR A 11 -6.81 -0.42 -9.77
C THR A 11 -6.00 -1.56 -9.17
N ARG A 12 -6.24 -2.75 -9.70
CA ARG A 12 -5.53 -3.94 -9.22
C ARG A 12 -4.81 -4.62 -10.38
N ARG A 13 -3.60 -4.16 -10.64
CA ARG A 13 -2.81 -4.72 -11.71
C ARG A 13 -2.52 -6.20 -11.45
N SER A 14 -2.69 -6.58 -10.19
CA SER A 14 -2.45 -7.96 -9.80
C SER A 14 -3.68 -8.52 -9.07
N ASP A 15 -3.61 -8.47 -7.75
CA ASP A 15 -4.71 -8.96 -6.93
C ASP A 15 -4.33 -8.83 -5.45
N PHE A 16 -3.14 -9.32 -5.13
CA PHE A 16 -2.65 -9.28 -3.76
C PHE A 16 -2.03 -7.91 -3.46
N ARG A 17 -2.72 -7.16 -2.61
CA ARG A 17 -2.25 -5.83 -2.23
C ARG A 17 -2.41 -5.62 -0.73
N VAL A 18 -1.96 -4.47 -0.27
CA VAL A 18 -2.04 -4.14 1.15
C VAL A 18 -2.54 -2.70 1.30
N LEU A 19 -3.63 -2.55 2.03
CA LEU A 19 -4.21 -1.24 2.26
C LEU A 19 -3.53 -0.60 3.46
N VAL A 20 -2.92 0.57 3.21
CA VAL A 20 -2.24 1.29 4.26
C VAL A 20 -3.05 2.53 4.63
N SER A 21 -3.13 2.79 5.93
CA SER A 21 -3.87 3.94 6.42
C SER A 21 -3.23 4.47 7.70
N GLY A 22 -2.97 5.77 7.70
CA GLY A 22 -2.35 6.41 8.85
C GLY A 22 -1.12 7.22 8.43
N LEU A 23 -0.86 7.21 7.13
CA LEU A 23 0.28 7.94 6.58
C LEU A 23 0.38 9.29 7.28
N PRO A 24 1.64 9.82 7.30
CA PRO A 24 1.89 11.11 7.92
C PRO A 24 1.38 12.26 7.06
N PRO A 25 1.48 13.50 7.62
CA PRO A 25 1.02 14.68 6.90
C PRO A 25 2.01 15.06 5.80
N SER A 26 3.23 14.55 5.93
CA SER A 26 4.26 14.83 4.95
C SER A 26 4.76 13.52 4.33
N GLY A 27 4.02 12.46 4.59
CA GLY A 27 4.37 11.15 4.06
C GLY A 27 4.46 11.18 2.53
N SER A 28 5.11 10.16 1.99
CA SER A 28 5.27 10.06 0.55
C SER A 28 5.17 8.60 0.11
N TRP A 29 4.67 8.42 -1.10
CA TRP A 29 4.51 7.08 -1.65
C TRP A 29 5.91 6.46 -1.82
N GLN A 30 6.83 7.30 -2.29
CA GLN A 30 8.20 6.86 -2.51
C GLN A 30 8.72 6.15 -1.26
N ASP A 31 8.92 6.94 -0.21
CA ASP A 31 9.42 6.39 1.04
C ASP A 31 8.52 5.25 1.50
N LEU A 32 7.21 5.49 1.39
CA LEU A 32 6.23 4.48 1.79
C LEU A 32 6.58 3.15 1.13
N LYS A 33 6.81 3.21 -0.18
CA LYS A 33 7.14 2.03 -0.94
C LYS A 33 8.40 1.38 -0.35
N ASP A 34 9.48 2.15 -0.36
CA ASP A 34 10.75 1.67 0.17
C ASP A 34 10.49 0.88 1.45
N HIS A 35 9.42 1.26 2.14
CA HIS A 35 9.06 0.59 3.38
C HIS A 35 8.27 -0.68 3.06
N MET A 36 7.10 -0.48 2.48
CA MET A 36 6.24 -1.61 2.12
C MET A 36 7.04 -2.71 1.42
N ARG A 37 7.97 -2.27 0.56
CA ARG A 37 8.79 -3.20 -0.17
C ARG A 37 9.29 -4.32 0.75
N GLU A 38 9.34 -4.01 2.04
CA GLU A 38 9.80 -4.97 3.02
C GLU A 38 9.42 -6.39 2.59
N ALA A 39 8.22 -6.51 2.05
CA ALA A 39 7.73 -7.80 1.59
C ALA A 39 8.60 -8.29 0.43
N GLY A 40 8.34 -7.72 -0.74
CA GLY A 40 9.10 -8.10 -1.93
C GLY A 40 9.20 -6.91 -2.89
N ASP A 41 8.77 -7.15 -4.12
CA ASP A 41 8.80 -6.13 -5.15
C ASP A 41 7.42 -5.48 -5.27
N VAL A 42 7.41 -4.16 -5.11
CA VAL A 42 6.17 -3.42 -5.21
C VAL A 42 5.97 -2.94 -6.65
N CYS A 43 4.86 -3.36 -7.23
CA CYS A 43 4.53 -2.98 -8.60
C CYS A 43 3.76 -1.65 -8.57
N TYR A 44 3.05 -1.46 -7.47
CA TYR A 44 2.26 -0.24 -7.31
C TYR A 44 2.47 0.35 -5.91
N ALA A 45 2.68 1.67 -5.89
CA ALA A 45 2.88 2.37 -4.64
C ALA A 45 2.41 3.81 -4.78
N ASP A 46 1.54 4.22 -3.86
CA ASP A 46 1.01 5.56 -3.88
C ASP A 46 0.49 5.92 -2.48
N VAL A 47 0.10 7.18 -2.33
CA VAL A 47 -0.43 7.65 -1.06
C VAL A 47 -1.58 8.62 -1.32
N GLN A 48 -2.61 8.50 -0.50
CA GLN A 48 -3.77 9.36 -0.63
C GLN A 48 -3.79 10.40 0.49
N LYS A 49 -4.58 11.44 0.27
CA LYS A 49 -4.70 12.51 1.25
C LYS A 49 -5.15 11.92 2.59
N ASP A 50 -5.17 12.78 3.60
CA ASP A 50 -5.58 12.37 4.93
C ASP A 50 -4.46 11.53 5.56
N GLY A 51 -4.11 10.46 4.87
CA GLY A 51 -3.07 9.57 5.35
C GLY A 51 -3.33 8.13 4.92
N MET A 52 -3.70 7.98 3.65
CA MET A 52 -3.98 6.67 3.10
C MET A 52 -2.92 6.26 2.08
N GLY A 53 -2.90 4.97 1.77
CA GLY A 53 -1.94 4.45 0.81
C GLY A 53 -2.43 3.11 0.23
N MET A 54 -1.77 2.70 -0.84
CA MET A 54 -2.12 1.45 -1.50
C MET A 54 -0.92 0.88 -2.26
N VAL A 55 -0.56 -0.34 -1.89
CA VAL A 55 0.56 -1.01 -2.52
C VAL A 55 0.14 -2.41 -2.97
N GLU A 56 0.52 -2.75 -4.19
CA GLU A 56 0.17 -4.04 -4.75
C GLU A 56 1.44 -4.90 -4.93
N TYR A 57 1.38 -6.11 -4.38
CA TYR A 57 2.51 -7.02 -4.48
C TYR A 57 2.32 -7.99 -5.64
N LEU A 58 3.45 -8.48 -6.15
CA LEU A 58 3.42 -9.42 -7.26
C LEU A 58 3.24 -10.84 -6.71
N ARG A 59 3.71 -11.03 -5.48
CA ARG A 59 3.61 -12.32 -4.84
C ARG A 59 2.59 -12.27 -3.69
N LYS A 60 1.79 -13.33 -3.59
CA LYS A 60 0.78 -13.42 -2.57
C LYS A 60 1.45 -13.30 -1.19
N GLU A 61 2.40 -14.20 -0.96
CA GLU A 61 3.12 -14.22 0.30
C GLU A 61 3.51 -12.80 0.71
N ASP A 62 4.18 -12.11 -0.20
CA ASP A 62 4.62 -10.75 0.06
C ASP A 62 3.49 -9.98 0.75
N MET A 63 2.30 -10.10 0.18
CA MET A 63 1.13 -9.43 0.73
C MET A 63 0.97 -9.76 2.21
N GLU A 64 0.65 -11.01 2.47
CA GLU A 64 0.46 -11.47 3.84
C GLU A 64 1.70 -11.15 4.69
N TYR A 65 2.85 -11.42 4.11
CA TYR A 65 4.11 -11.18 4.79
C TYR A 65 4.16 -9.75 5.35
N ALA A 66 4.20 -8.80 4.42
CA ALA A 66 4.25 -7.39 4.80
C ALA A 66 3.05 -7.07 5.69
N LEU A 67 1.91 -7.66 5.34
CA LEU A 67 0.69 -7.45 6.09
C LEU A 67 0.96 -7.67 7.58
N ARG A 68 1.41 -8.87 7.89
CA ARG A 68 1.71 -9.23 9.27
C ARG A 68 2.99 -8.53 9.73
N LYS A 69 4.09 -8.92 9.11
CA LYS A 69 5.38 -8.33 9.45
C LYS A 69 5.19 -6.85 9.78
N LEU A 70 4.72 -6.10 8.80
CA LEU A 70 4.48 -4.68 8.99
C LEU A 70 3.38 -4.48 10.02
N ASP A 71 2.20 -4.97 9.68
CA ASP A 71 1.05 -4.85 10.56
C ASP A 71 1.33 -3.77 11.61
N ASP A 72 1.13 -2.52 11.20
CA ASP A 72 1.36 -1.40 12.10
C ASP A 72 2.86 -1.19 12.28
N THR A 73 3.38 -0.18 11.60
CA THR A 73 4.80 0.13 11.67
C THR A 73 5.01 1.64 11.70
N LYS A 74 6.24 2.02 12.03
CA LYS A 74 6.58 3.44 12.11
C LYS A 74 7.21 3.88 10.78
N PHE A 75 6.38 4.50 9.95
CA PHE A 75 6.83 4.97 8.65
C PHE A 75 7.43 6.37 8.76
N ARG A 76 8.69 6.48 8.39
CA ARG A 76 9.38 7.75 8.44
C ARG A 76 9.37 8.42 7.06
N SER A 77 8.60 9.50 6.98
CA SER A 77 8.48 10.24 5.73
C SER A 77 9.82 10.88 5.38
N HIS A 78 9.79 11.70 4.33
CA HIS A 78 11.00 12.37 3.88
C HIS A 78 11.24 13.62 4.73
N GLU A 79 10.22 13.95 5.53
CA GLU A 79 10.31 15.11 6.39
C GLU A 79 10.74 14.70 7.81
N GLY A 80 11.01 13.40 7.95
CA GLY A 80 11.42 12.87 9.24
C GLY A 80 10.21 12.43 10.06
N GLU A 81 9.12 13.16 9.89
CA GLU A 81 7.88 12.86 10.61
C GLU A 81 7.53 11.39 10.46
N THR A 82 7.22 10.77 11.60
CA THR A 82 6.87 9.36 11.61
C THR A 82 5.43 9.18 12.13
N SER A 83 4.81 8.09 11.69
CA SER A 83 3.45 7.79 12.09
C SER A 83 3.21 6.28 12.06
N TYR A 84 2.18 5.86 12.77
CA TYR A 84 1.84 4.45 12.82
C TYR A 84 0.83 4.09 11.71
N ILE A 85 1.34 3.40 10.70
CA ILE A 85 0.51 2.99 9.59
C ILE A 85 0.24 1.48 9.69
N ARG A 86 -1.03 1.14 9.58
CA ARG A 86 -1.44 -0.26 9.66
C ARG A 86 -1.46 -0.88 8.26
N VAL A 87 -1.32 -2.20 8.24
CA VAL A 87 -1.32 -2.93 6.98
C VAL A 87 -2.43 -3.98 7.02
N TYR A 88 -3.36 -3.85 6.07
CA TYR A 88 -4.47 -4.78 5.98
C TYR A 88 -4.93 -4.95 4.53
N PRO A 89 -5.58 -6.11 4.26
CA PRO A 89 -6.08 -6.40 2.93
C PRO A 89 -7.32 -5.58 2.62
N GLU A 90 -7.81 -5.74 1.40
CA GLU A 90 -9.00 -5.02 0.96
C GLU A 90 -10.26 -5.72 1.47
N ARG A 91 -11.11 -4.94 2.12
CA ARG A 91 -12.36 -5.46 2.65
C ARG A 91 -13.54 -5.01 1.81
N SER A 92 -14.47 -5.93 1.61
CA SER A 92 -15.66 -5.63 0.83
C SER A 92 -15.27 -5.36 -0.63
N SER A 93 -15.09 -6.44 -1.38
CA SER A 93 -14.72 -6.33 -2.77
C SER A 93 -15.92 -5.88 -3.60
N GLY A 94 -15.69 -4.86 -4.42
CA GLY A 94 -16.74 -4.32 -5.27
C GLY A 94 -17.28 -5.38 -6.21
N PRO A 95 -18.59 -5.21 -6.59
CA PRO A 95 -19.24 -6.16 -7.48
C PRO A 95 -18.75 -5.97 -8.92
N SER A 96 -19.31 -6.77 -9.81
CA SER A 96 -18.97 -6.70 -11.22
C SER A 96 -20.15 -7.15 -12.08
N SER A 97 -20.91 -6.16 -12.52
CA SER A 97 -22.07 -6.43 -13.36
C SER A 97 -21.95 -5.68 -14.68
N GLY A 98 -22.17 -6.40 -15.76
CA GLY A 98 -22.10 -5.82 -17.10
C GLY A 98 -23.12 -6.47 -18.04
N GLY A 1 -20.60 12.41 -5.45
CA GLY A 1 -21.40 11.84 -4.37
C GLY A 1 -21.40 12.77 -3.16
N SER A 2 -22.22 12.41 -2.18
CA SER A 2 -22.33 13.19 -0.97
C SER A 2 -21.24 12.79 0.02
N SER A 3 -20.14 13.53 -0.01
CA SER A 3 -19.02 13.27 0.88
C SER A 3 -18.38 11.92 0.52
N GLY A 4 -17.08 11.96 0.28
CA GLY A 4 -16.35 10.76 -0.07
C GLY A 4 -16.40 10.51 -1.58
N SER A 5 -15.25 10.70 -2.21
CA SER A 5 -15.14 10.50 -3.65
C SER A 5 -14.70 9.07 -3.94
N SER A 6 -14.75 8.72 -5.21
CA SER A 6 -14.35 7.39 -5.64
C SER A 6 -13.41 7.48 -6.85
N GLY A 7 -12.14 7.73 -6.55
CA GLY A 7 -11.14 7.85 -7.59
C GLY A 7 -9.96 6.92 -7.33
N GLY A 8 -9.39 6.40 -8.41
CA GLY A 8 -8.26 5.50 -8.31
C GLY A 8 -8.66 4.08 -8.72
N PRO A 9 -8.45 3.78 -10.04
CA PRO A 9 -8.77 2.48 -10.57
C PRO A 9 -7.76 1.42 -10.13
N PRO A 10 -8.23 0.16 -10.01
CA PRO A 10 -7.37 -0.94 -9.60
C PRO A 10 -6.44 -1.36 -10.73
N THR A 11 -5.19 -0.98 -10.60
CA THR A 11 -4.19 -1.31 -11.60
C THR A 11 -4.07 -2.82 -11.75
N ARG A 12 -3.37 -3.23 -12.80
CA ARG A 12 -3.18 -4.65 -13.08
C ARG A 12 -1.74 -5.06 -12.74
N ARG A 13 -1.27 -6.07 -13.45
CA ARG A 13 0.08 -6.57 -13.23
C ARG A 13 0.16 -7.30 -11.89
N SER A 14 -0.98 -7.40 -11.23
CA SER A 14 -1.04 -8.07 -9.95
C SER A 14 -2.44 -7.91 -9.35
N ASP A 15 -2.72 -8.75 -8.36
CA ASP A 15 -4.02 -8.72 -7.69
C ASP A 15 -3.82 -8.85 -6.18
N PHE A 16 -2.59 -8.58 -5.76
CA PHE A 16 -2.25 -8.66 -4.34
C PHE A 16 -1.65 -7.35 -3.85
N ARG A 17 -2.43 -6.63 -3.06
CA ARG A 17 -1.97 -5.36 -2.52
C ARG A 17 -2.34 -5.27 -1.03
N VAL A 18 -1.95 -4.15 -0.44
CA VAL A 18 -2.22 -3.92 0.98
C VAL A 18 -2.77 -2.51 1.17
N LEU A 19 -3.63 -2.37 2.17
CA LEU A 19 -4.23 -1.08 2.47
C LEU A 19 -3.48 -0.43 3.64
N VAL A 20 -2.95 0.76 3.37
CA VAL A 20 -2.21 1.49 4.38
C VAL A 20 -3.06 2.66 4.88
N SER A 21 -3.09 2.80 6.20
CA SER A 21 -3.86 3.87 6.81
C SER A 21 -3.09 4.47 7.99
N GLY A 22 -3.36 5.73 8.27
CA GLY A 22 -2.71 6.42 9.37
C GLY A 22 -1.33 6.94 8.94
N LEU A 23 -1.31 7.56 7.77
CA LEU A 23 -0.07 8.10 7.23
C LEU A 23 0.07 9.56 7.68
N PRO A 24 1.35 10.05 7.66
CA PRO A 24 1.63 11.42 8.06
C PRO A 24 1.19 12.41 6.97
N PRO A 25 1.25 13.71 7.32
CA PRO A 25 0.87 14.76 6.38
C PRO A 25 1.94 14.96 5.32
N SER A 26 3.17 14.57 5.66
CA SER A 26 4.28 14.70 4.75
C SER A 26 4.61 13.35 4.12
N GLY A 27 3.89 12.33 4.57
CA GLY A 27 4.09 10.98 4.07
C GLY A 27 3.92 10.94 2.56
N SER A 28 4.68 10.06 1.93
CA SER A 28 4.62 9.91 0.49
C SER A 28 4.51 8.42 0.12
N TRP A 29 4.48 8.16 -1.18
CA TRP A 29 4.38 6.80 -1.67
C TRP A 29 5.79 6.23 -1.79
N GLN A 30 6.71 7.07 -2.23
CA GLN A 30 8.09 6.67 -2.40
C GLN A 30 8.60 6.01 -1.11
N ASP A 31 8.77 6.84 -0.10
CA ASP A 31 9.26 6.35 1.19
C ASP A 31 8.37 5.18 1.65
N LEU A 32 7.08 5.33 1.39
CA LEU A 32 6.13 4.30 1.77
C LEU A 32 6.55 2.97 1.16
N LYS A 33 6.70 2.98 -0.16
CA LYS A 33 7.10 1.78 -0.87
C LYS A 33 8.39 1.22 -0.25
N ASP A 34 9.42 2.04 -0.26
CA ASP A 34 10.70 1.64 0.29
C ASP A 34 10.47 0.89 1.60
N HIS A 35 9.37 1.23 2.25
CA HIS A 35 9.01 0.61 3.52
C HIS A 35 8.21 -0.67 3.25
N MET A 36 7.12 -0.50 2.52
CA MET A 36 6.26 -1.62 2.18
C MET A 36 7.06 -2.73 1.50
N ARG A 37 8.00 -2.32 0.67
CA ARG A 37 8.83 -3.26 -0.06
C ARG A 37 9.28 -4.40 0.87
N GLU A 38 9.31 -4.09 2.16
CA GLU A 38 9.71 -5.08 3.15
C GLU A 38 9.31 -6.48 2.70
N ALA A 39 8.12 -6.56 2.13
CA ALA A 39 7.61 -7.85 1.65
C ALA A 39 8.53 -8.37 0.54
N GLY A 40 8.38 -7.78 -0.63
CA GLY A 40 9.19 -8.17 -1.77
C GLY A 40 9.41 -7.00 -2.72
N ASP A 41 8.95 -7.18 -3.95
CA ASP A 41 9.08 -6.15 -4.97
C ASP A 41 7.71 -5.54 -5.26
N VAL A 42 7.63 -4.22 -5.07
CA VAL A 42 6.39 -3.52 -5.30
C VAL A 42 6.29 -3.13 -6.78
N CYS A 43 5.13 -3.39 -7.35
CA CYS A 43 4.90 -3.09 -8.75
C CYS A 43 4.26 -1.70 -8.84
N TYR A 44 3.47 -1.38 -7.83
CA TYR A 44 2.80 -0.09 -7.78
C TYR A 44 2.71 0.44 -6.34
N ALA A 45 2.70 1.75 -6.23
CA ALA A 45 2.62 2.39 -4.92
C ALA A 45 1.94 3.74 -5.06
N ASP A 46 0.86 3.91 -4.31
CA ASP A 46 0.11 5.16 -4.35
C ASP A 46 -0.21 5.59 -2.92
N VAL A 47 -0.51 6.87 -2.78
CA VAL A 47 -0.84 7.42 -1.47
C VAL A 47 -1.99 8.43 -1.63
N GLN A 48 -2.89 8.40 -0.66
CA GLN A 48 -4.03 9.30 -0.67
C GLN A 48 -3.96 10.26 0.52
N LYS A 49 -4.84 11.24 0.50
CA LYS A 49 -4.90 12.23 1.56
C LYS A 49 -5.42 11.57 2.84
N ASP A 50 -5.49 12.35 3.90
CA ASP A 50 -5.97 11.86 5.18
C ASP A 50 -4.86 11.06 5.85
N GLY A 51 -4.40 10.03 5.16
CA GLY A 51 -3.34 9.18 5.69
C GLY A 51 -3.52 7.73 5.23
N MET A 52 -3.83 7.59 3.95
CA MET A 52 -4.02 6.26 3.38
C MET A 52 -2.99 5.98 2.29
N GLY A 53 -2.73 4.70 2.09
CA GLY A 53 -1.77 4.28 1.08
C GLY A 53 -2.20 2.97 0.43
N MET A 54 -1.51 2.63 -0.66
CA MET A 54 -1.80 1.40 -1.38
C MET A 54 -0.58 0.90 -2.15
N VAL A 55 -0.28 -0.37 -1.97
CA VAL A 55 0.86 -0.97 -2.64
C VAL A 55 0.44 -2.33 -3.22
N GLU A 56 0.80 -2.53 -4.48
CA GLU A 56 0.47 -3.77 -5.15
C GLU A 56 1.72 -4.64 -5.30
N TYR A 57 1.68 -5.78 -4.63
CA TYR A 57 2.81 -6.71 -4.68
C TYR A 57 2.70 -7.64 -5.88
N LEU A 58 3.78 -8.38 -6.12
CA LEU A 58 3.82 -9.30 -7.23
C LEU A 58 3.78 -10.73 -6.71
N ARG A 59 3.47 -10.85 -5.42
CA ARG A 59 3.39 -12.15 -4.78
C ARG A 59 2.35 -12.13 -3.66
N LYS A 60 1.56 -13.19 -3.62
CA LYS A 60 0.52 -13.31 -2.60
C LYS A 60 1.17 -13.34 -1.22
N GLU A 61 2.06 -14.30 -1.04
CA GLU A 61 2.76 -14.46 0.22
C GLU A 61 3.28 -13.11 0.71
N ASP A 62 3.99 -12.43 -0.19
CA ASP A 62 4.56 -11.13 0.12
C ASP A 62 3.46 -10.24 0.72
N MET A 63 2.30 -10.26 0.07
CA MET A 63 1.18 -9.46 0.52
C MET A 63 0.89 -9.70 2.01
N GLU A 64 0.68 -10.97 2.33
CA GLU A 64 0.40 -11.36 3.71
C GLU A 64 1.61 -11.08 4.59
N TYR A 65 2.77 -11.44 4.08
CA TYR A 65 4.01 -11.24 4.82
C TYR A 65 4.11 -9.81 5.36
N ALA A 66 4.06 -8.86 4.44
CA ALA A 66 4.14 -7.46 4.80
C ALA A 66 2.95 -7.11 5.71
N LEU A 67 1.81 -7.67 5.37
CA LEU A 67 0.60 -7.43 6.14
C LEU A 67 0.88 -7.70 7.62
N ARG A 68 1.36 -8.91 7.89
CA ARG A 68 1.68 -9.30 9.25
C ARG A 68 2.95 -8.58 9.73
N LYS A 69 4.06 -8.95 9.12
CA LYS A 69 5.34 -8.35 9.48
C LYS A 69 5.13 -6.88 9.81
N LEU A 70 4.66 -6.13 8.83
CA LEU A 70 4.41 -4.71 9.01
C LEU A 70 3.31 -4.53 10.05
N ASP A 71 2.13 -5.03 9.72
CA ASP A 71 0.99 -4.92 10.61
C ASP A 71 1.27 -3.84 11.66
N ASP A 72 1.24 -2.60 11.19
CA ASP A 72 1.48 -1.46 12.07
C ASP A 72 2.99 -1.29 12.25
N THR A 73 3.51 -0.22 11.64
CA THR A 73 4.93 0.06 11.73
C THR A 73 5.16 1.57 11.84
N LYS A 74 6.41 1.94 12.07
CA LYS A 74 6.77 3.34 12.19
C LYS A 74 7.28 3.86 10.85
N PHE A 75 6.43 4.61 10.17
CA PHE A 75 6.78 5.17 8.87
C PHE A 75 7.34 6.58 9.02
N ARG A 76 8.56 6.75 8.56
CA ARG A 76 9.22 8.05 8.63
C ARG A 76 9.10 8.78 7.29
N SER A 77 8.39 9.89 7.32
CA SER A 77 8.21 10.69 6.12
C SER A 77 9.53 11.33 5.70
N HIS A 78 9.51 11.91 4.51
CA HIS A 78 10.70 12.56 3.98
C HIS A 78 10.98 13.83 4.77
N GLU A 79 9.99 14.25 5.53
CA GLU A 79 10.12 15.45 6.34
C GLU A 79 10.63 15.09 7.74
N GLY A 80 10.93 13.81 7.92
CA GLY A 80 11.43 13.33 9.20
C GLY A 80 10.27 12.88 10.09
N GLU A 81 9.12 13.49 9.87
CA GLU A 81 7.94 13.16 10.64
C GLU A 81 7.66 11.65 10.59
N THR A 82 7.32 11.10 11.74
CA THR A 82 7.04 9.68 11.83
C THR A 82 5.57 9.46 12.24
N SER A 83 5.02 8.36 11.76
CA SER A 83 3.64 8.02 12.07
C SER A 83 3.46 6.50 12.06
N TYR A 84 2.34 6.07 12.62
CA TYR A 84 2.03 4.65 12.69
C TYR A 84 0.99 4.27 11.64
N ILE A 85 1.43 3.50 10.65
CA ILE A 85 0.55 3.06 9.59
C ILE A 85 0.28 1.56 9.75
N ARG A 86 -1.00 1.21 9.70
CA ARG A 86 -1.40 -0.18 9.84
C ARG A 86 -1.48 -0.84 8.46
N VAL A 87 -1.12 -2.11 8.44
CA VAL A 87 -1.15 -2.87 7.19
C VAL A 87 -2.25 -3.92 7.26
N TYR A 88 -3.25 -3.75 6.40
CA TYR A 88 -4.37 -4.67 6.36
C TYR A 88 -4.86 -4.87 4.92
N PRO A 89 -5.61 -5.99 4.73
CA PRO A 89 -6.15 -6.30 3.41
C PRO A 89 -7.33 -5.39 3.05
N GLU A 90 -8.04 -5.77 2.01
CA GLU A 90 -9.18 -5.00 1.56
C GLU A 90 -10.47 -5.58 2.15
N ARG A 91 -11.46 -4.70 2.28
CA ARG A 91 -12.75 -5.10 2.83
C ARG A 91 -13.69 -5.57 1.72
N SER A 92 -13.87 -6.87 1.65
CA SER A 92 -14.74 -7.46 0.64
C SER A 92 -14.14 -7.24 -0.76
N SER A 93 -14.38 -8.20 -1.63
CA SER A 93 -13.86 -8.12 -2.99
C SER A 93 -14.82 -8.84 -3.94
N GLY A 94 -14.58 -8.65 -5.23
CA GLY A 94 -15.40 -9.27 -6.25
C GLY A 94 -15.37 -8.47 -7.54
N PRO A 95 -14.24 -8.60 -8.29
CA PRO A 95 -14.07 -7.89 -9.54
C PRO A 95 -14.90 -8.53 -10.65
N SER A 96 -14.90 -9.86 -10.67
CA SER A 96 -15.64 -10.60 -11.66
C SER A 96 -17.13 -10.26 -11.57
N SER A 97 -17.79 -10.30 -12.72
CA SER A 97 -19.20 -9.99 -12.78
C SER A 97 -19.45 -8.57 -12.26
N GLY A 98 -19.67 -7.66 -13.20
CA GLY A 98 -19.91 -6.27 -12.86
C GLY A 98 -19.11 -5.33 -13.76
N GLY A 1 7.83 17.16 -23.10
CA GLY A 1 7.51 18.23 -22.17
C GLY A 1 8.35 18.11 -20.89
N SER A 2 7.86 18.74 -19.84
CA SER A 2 8.55 18.71 -18.55
C SER A 2 7.76 17.88 -17.55
N SER A 3 8.41 16.84 -17.05
CA SER A 3 7.77 15.96 -16.08
C SER A 3 6.36 15.60 -16.54
N GLY A 4 6.29 14.57 -17.37
CA GLY A 4 5.01 14.12 -17.89
C GLY A 4 4.85 12.61 -17.71
N SER A 5 3.71 12.10 -18.16
CA SER A 5 3.41 10.69 -18.05
C SER A 5 4.48 9.88 -18.80
N SER A 6 5.25 9.12 -18.03
CA SER A 6 6.30 8.31 -18.60
C SER A 6 5.72 7.40 -19.70
N GLY A 7 6.50 7.23 -20.75
CA GLY A 7 6.08 6.40 -21.87
C GLY A 7 6.01 4.93 -21.46
N GLY A 8 5.97 4.07 -22.47
CA GLY A 8 5.92 2.64 -22.22
C GLY A 8 4.48 2.19 -21.98
N PRO A 9 4.35 0.99 -21.34
CA PRO A 9 3.04 0.44 -21.03
C PRO A 9 2.39 1.18 -19.86
N PRO A 10 1.03 1.15 -19.85
CA PRO A 10 0.28 1.81 -18.79
C PRO A 10 0.34 1.01 -17.50
N THR A 11 1.54 0.93 -16.94
CA THR A 11 1.75 0.20 -15.70
C THR A 11 1.23 -1.23 -15.83
N ARG A 12 1.64 -2.07 -14.90
CA ARG A 12 1.23 -3.46 -14.89
C ARG A 12 1.34 -4.05 -13.49
N ARG A 13 0.18 -4.29 -12.89
CA ARG A 13 0.14 -4.86 -11.55
C ARG A 13 -0.68 -6.15 -11.54
N SER A 14 -0.75 -6.76 -10.37
CA SER A 14 -1.49 -8.00 -10.21
C SER A 14 -2.82 -7.73 -9.53
N ASP A 15 -2.81 -7.79 -8.20
CA ASP A 15 -4.01 -7.56 -7.42
C ASP A 15 -3.63 -7.45 -5.94
N PHE A 16 -3.02 -8.52 -5.44
CA PHE A 16 -2.60 -8.56 -4.05
C PHE A 16 -2.01 -7.22 -3.62
N ARG A 17 -2.75 -6.51 -2.78
CA ARG A 17 -2.31 -5.21 -2.28
C ARG A 17 -2.58 -5.10 -0.79
N VAL A 18 -1.92 -4.13 -0.17
CA VAL A 18 -2.09 -3.89 1.25
C VAL A 18 -2.59 -2.48 1.48
N LEU A 19 -3.70 -2.38 2.20
CA LEU A 19 -4.30 -1.09 2.50
C LEU A 19 -3.57 -0.46 3.69
N VAL A 20 -2.98 0.70 3.43
CA VAL A 20 -2.25 1.41 4.47
C VAL A 20 -3.06 2.63 4.90
N SER A 21 -3.15 2.82 6.21
CA SER A 21 -3.88 3.94 6.76
C SER A 21 -3.14 4.52 7.98
N GLY A 22 -3.23 5.82 8.13
CA GLY A 22 -2.58 6.49 9.24
C GLY A 22 -1.24 7.08 8.81
N LEU A 23 -1.16 7.44 7.53
CA LEU A 23 0.06 8.01 6.99
C LEU A 23 0.17 9.48 7.42
N PRO A 24 1.43 9.99 7.40
CA PRO A 24 1.68 11.38 7.77
C PRO A 24 1.23 12.33 6.67
N PRO A 25 1.30 13.65 7.00
CA PRO A 25 0.90 14.68 6.05
C PRO A 25 1.97 14.87 4.96
N SER A 26 3.16 14.40 5.27
CA SER A 26 4.28 14.50 4.34
C SER A 26 4.60 13.13 3.76
N GLY A 27 4.02 12.11 4.37
CA GLY A 27 4.24 10.75 3.92
C GLY A 27 4.07 10.63 2.41
N SER A 28 5.11 10.13 1.77
CA SER A 28 5.09 9.97 0.31
C SER A 28 5.07 8.48 -0.04
N TRP A 29 4.67 8.21 -1.27
CA TRP A 29 4.60 6.84 -1.75
C TRP A 29 6.03 6.29 -1.82
N GLN A 30 6.91 7.12 -2.35
CA GLN A 30 8.31 6.74 -2.49
C GLN A 30 8.80 6.05 -1.21
N ASP A 31 9.01 6.87 -0.18
CA ASP A 31 9.48 6.37 1.10
C ASP A 31 8.60 5.18 1.52
N LEU A 32 7.29 5.37 1.39
CA LEU A 32 6.35 4.33 1.75
C LEU A 32 6.78 3.01 1.11
N LYS A 33 6.91 3.05 -0.21
CA LYS A 33 7.31 1.86 -0.94
C LYS A 33 8.58 1.27 -0.32
N ASP A 34 9.63 2.08 -0.32
CA ASP A 34 10.90 1.65 0.24
C ASP A 34 10.64 0.89 1.55
N HIS A 35 9.55 1.25 2.20
CA HIS A 35 9.18 0.61 3.45
C HIS A 35 8.38 -0.65 3.17
N MET A 36 7.27 -0.47 2.46
CA MET A 36 6.41 -1.59 2.12
C MET A 36 7.20 -2.70 1.44
N ARG A 37 8.12 -2.28 0.57
CA ARG A 37 8.95 -3.23 -0.15
C ARG A 37 9.38 -4.37 0.76
N GLU A 38 9.44 -4.06 2.05
CA GLU A 38 9.83 -5.04 3.04
C GLU A 38 9.40 -6.45 2.61
N ALA A 39 8.19 -6.51 2.06
CA ALA A 39 7.65 -7.77 1.59
C ALA A 39 8.55 -8.35 0.50
N GLY A 40 8.45 -7.76 -0.68
CA GLY A 40 9.24 -8.20 -1.81
C GLY A 40 9.46 -7.07 -2.81
N ASP A 41 8.79 -7.19 -3.95
CA ASP A 41 8.90 -6.18 -4.99
C ASP A 41 7.54 -5.49 -5.17
N VAL A 42 7.59 -4.17 -5.17
CA VAL A 42 6.37 -3.38 -5.33
C VAL A 42 6.24 -2.94 -6.79
N CYS A 43 5.13 -3.34 -7.39
CA CYS A 43 4.88 -2.99 -8.79
C CYS A 43 4.17 -1.63 -8.82
N TYR A 44 3.38 -1.38 -7.79
CA TYR A 44 2.65 -0.13 -7.69
C TYR A 44 2.68 0.41 -6.26
N ALA A 45 2.74 1.73 -6.17
CA ALA A 45 2.77 2.38 -4.87
C ALA A 45 2.13 3.77 -4.99
N ASP A 46 0.99 3.91 -4.33
CA ASP A 46 0.27 5.17 -4.34
C ASP A 46 -0.14 5.55 -2.92
N VAL A 47 -0.50 6.81 -2.76
CA VAL A 47 -0.91 7.31 -1.45
C VAL A 47 -2.06 8.31 -1.63
N GLN A 48 -2.97 8.29 -0.66
CA GLN A 48 -4.11 9.17 -0.70
C GLN A 48 -4.04 10.17 0.46
N LYS A 49 -4.93 11.16 0.40
CA LYS A 49 -4.99 12.17 1.43
C LYS A 49 -5.40 11.53 2.76
N ASP A 50 -5.52 12.38 3.78
CA ASP A 50 -5.91 11.90 5.09
C ASP A 50 -4.75 11.13 5.73
N GLY A 51 -4.34 10.08 5.03
CA GLY A 51 -3.24 9.26 5.51
C GLY A 51 -3.43 7.80 5.08
N MET A 52 -3.83 7.63 3.82
CA MET A 52 -4.05 6.30 3.28
C MET A 52 -2.96 5.94 2.27
N GLY A 53 -2.80 4.63 2.05
CA GLY A 53 -1.81 4.15 1.11
C GLY A 53 -2.28 2.85 0.44
N MET A 54 -1.64 2.54 -0.68
CA MET A 54 -1.98 1.34 -1.42
C MET A 54 -0.78 0.82 -2.22
N VAL A 55 -0.38 -0.40 -1.90
CA VAL A 55 0.76 -1.02 -2.58
C VAL A 55 0.35 -2.40 -3.07
N GLU A 56 0.82 -2.73 -4.27
CA GLU A 56 0.53 -4.01 -4.87
C GLU A 56 1.79 -4.88 -4.94
N TYR A 57 1.61 -6.16 -4.65
CA TYR A 57 2.72 -7.10 -4.68
C TYR A 57 2.56 -8.11 -5.81
N LEU A 58 3.70 -8.56 -6.32
CA LEU A 58 3.70 -9.53 -7.40
C LEU A 58 3.60 -10.95 -6.82
N ARG A 59 3.47 -11.01 -5.50
CA ARG A 59 3.37 -12.28 -4.82
C ARG A 59 2.32 -12.21 -3.71
N LYS A 60 1.41 -13.16 -3.74
CA LYS A 60 0.34 -13.22 -2.75
C LYS A 60 0.96 -13.31 -1.35
N GLU A 61 1.84 -14.27 -1.19
CA GLU A 61 2.50 -14.47 0.08
C GLU A 61 3.15 -13.18 0.55
N ASP A 62 3.86 -12.53 -0.35
CA ASP A 62 4.53 -11.28 -0.05
C ASP A 62 3.51 -10.30 0.54
N MET A 63 2.29 -10.39 0.04
CA MET A 63 1.22 -9.52 0.50
C MET A 63 0.96 -9.73 2.01
N GLU A 64 0.68 -10.97 2.35
CA GLU A 64 0.41 -11.32 3.73
C GLU A 64 1.65 -11.05 4.60
N TYR A 65 2.81 -11.35 4.04
CA TYR A 65 4.06 -11.15 4.74
C TYR A 65 4.14 -9.74 5.30
N ALA A 66 4.19 -8.77 4.39
CA ALA A 66 4.27 -7.37 4.78
C ALA A 66 3.10 -7.03 5.69
N LEU A 67 1.94 -7.60 5.35
CA LEU A 67 0.74 -7.36 6.12
C LEU A 67 1.02 -7.62 7.60
N ARG A 68 1.45 -8.84 7.88
CA ARG A 68 1.75 -9.24 9.25
C ARG A 68 3.04 -8.54 9.72
N LYS A 69 4.14 -8.92 9.08
CA LYS A 69 5.43 -8.35 9.43
C LYS A 69 5.25 -6.87 9.77
N LEU A 70 4.81 -6.10 8.79
CA LEU A 70 4.59 -4.69 8.98
C LEU A 70 3.50 -4.48 10.03
N ASP A 71 2.30 -4.94 9.70
CA ASP A 71 1.18 -4.81 10.60
C ASP A 71 1.48 -3.73 11.64
N ASP A 72 1.08 -2.51 11.32
CA ASP A 72 1.31 -1.39 12.21
C ASP A 72 2.80 -1.17 12.39
N THR A 73 3.33 -0.20 11.66
CA THR A 73 4.75 0.11 11.73
C THR A 73 4.95 1.63 11.87
N LYS A 74 6.20 2.00 12.06
CA LYS A 74 6.55 3.41 12.20
C LYS A 74 7.15 3.93 10.90
N PHE A 75 6.30 4.59 10.12
CA PHE A 75 6.74 5.13 8.84
C PHE A 75 7.25 6.57 9.00
N ARG A 76 8.43 6.81 8.47
CA ARG A 76 9.03 8.13 8.54
C ARG A 76 9.10 8.77 7.15
N SER A 77 8.46 9.92 7.03
CA SER A 77 8.44 10.63 5.77
C SER A 77 9.78 11.36 5.56
N HIS A 78 9.88 12.03 4.42
CA HIS A 78 11.08 12.76 4.09
C HIS A 78 11.16 14.05 4.91
N GLU A 79 10.10 14.26 5.70
CA GLU A 79 10.04 15.44 6.55
C GLU A 79 10.44 15.08 7.99
N GLY A 80 11.08 13.94 8.12
CA GLY A 80 11.51 13.47 9.42
C GLY A 80 10.32 13.18 10.34
N GLU A 81 9.15 13.21 9.74
CA GLU A 81 7.93 12.97 10.48
C GLU A 81 7.63 11.46 10.53
N THR A 82 7.23 11.02 11.72
CA THR A 82 6.93 9.62 11.92
C THR A 82 5.46 9.44 12.33
N SER A 83 4.89 8.31 11.90
CA SER A 83 3.51 8.02 12.21
C SER A 83 3.25 6.52 12.09
N TYR A 84 2.33 6.04 12.91
CA TYR A 84 1.98 4.62 12.91
C TYR A 84 0.97 4.31 11.80
N ILE A 85 1.39 3.45 10.88
CA ILE A 85 0.54 3.06 9.78
C ILE A 85 0.24 1.57 9.87
N ARG A 86 -1.03 1.24 9.75
CA ARG A 86 -1.46 -0.15 9.82
C ARG A 86 -1.46 -0.77 8.43
N VAL A 87 -1.27 -2.09 8.39
CA VAL A 87 -1.24 -2.82 7.13
C VAL A 87 -2.33 -3.88 7.15
N TYR A 88 -3.31 -3.71 6.27
CA TYR A 88 -4.41 -4.66 6.17
C TYR A 88 -4.83 -4.87 4.72
N PRO A 89 -5.49 -6.03 4.47
CA PRO A 89 -5.94 -6.36 3.12
C PRO A 89 -7.19 -5.54 2.76
N GLU A 90 -7.67 -5.77 1.55
CA GLU A 90 -8.84 -5.07 1.07
C GLU A 90 -10.11 -5.88 1.37
N ARG A 91 -11.24 -5.25 1.15
CA ARG A 91 -12.53 -5.89 1.39
C ARG A 91 -13.25 -6.14 0.07
N SER A 92 -13.60 -7.41 -0.13
CA SER A 92 -14.30 -7.81 -1.35
C SER A 92 -14.99 -9.15 -1.14
N SER A 93 -15.89 -9.47 -2.06
CA SER A 93 -16.62 -10.73 -1.99
C SER A 93 -16.73 -11.35 -3.38
N GLY A 94 -17.40 -10.61 -4.27
CA GLY A 94 -17.59 -11.08 -5.63
C GLY A 94 -19.08 -11.22 -5.97
N PRO A 95 -19.61 -10.17 -6.65
CA PRO A 95 -21.01 -10.17 -7.03
C PRO A 95 -21.26 -11.11 -8.22
N SER A 96 -22.35 -11.85 -8.12
CA SER A 96 -22.71 -12.80 -9.17
C SER A 96 -24.06 -12.41 -9.77
N SER A 97 -24.23 -12.77 -11.03
CA SER A 97 -25.48 -12.46 -11.74
C SER A 97 -25.80 -13.59 -12.72
N GLY A 98 -27.06 -13.99 -12.71
CA GLY A 98 -27.52 -15.05 -13.59
C GLY A 98 -26.92 -16.39 -13.19
N GLY A 1 -24.27 1.97 -11.65
CA GLY A 1 -23.53 2.03 -10.40
C GLY A 1 -22.72 3.32 -10.30
N SER A 2 -21.56 3.22 -9.67
CA SER A 2 -20.70 4.37 -9.51
C SER A 2 -20.21 4.86 -10.87
N SER A 3 -19.61 6.04 -10.86
CA SER A 3 -19.09 6.63 -12.08
C SER A 3 -17.97 7.62 -11.76
N GLY A 4 -16.75 7.13 -11.84
CA GLY A 4 -15.59 7.97 -11.55
C GLY A 4 -15.05 8.61 -12.84
N SER A 5 -13.73 8.57 -12.95
CA SER A 5 -13.07 9.13 -14.13
C SER A 5 -11.76 8.40 -14.39
N SER A 6 -10.95 8.30 -13.34
CA SER A 6 -9.66 7.63 -13.44
C SER A 6 -9.19 7.19 -12.05
N GLY A 7 -9.34 5.91 -11.78
CA GLY A 7 -8.93 5.36 -10.50
C GLY A 7 -8.07 4.10 -10.70
N GLY A 8 -6.77 4.31 -10.77
CA GLY A 8 -5.84 3.21 -10.95
C GLY A 8 -5.93 2.64 -12.36
N PRO A 9 -4.76 2.20 -12.88
CA PRO A 9 -4.70 1.63 -14.22
C PRO A 9 -5.27 0.22 -14.24
N PRO A 10 -5.72 -0.20 -15.45
CA PRO A 10 -6.30 -1.53 -15.62
C PRO A 10 -5.20 -2.61 -15.60
N THR A 11 -4.75 -2.93 -14.40
CA THR A 11 -3.71 -3.94 -14.23
C THR A 11 -4.30 -5.20 -13.60
N ARG A 12 -4.25 -6.28 -14.37
CA ARG A 12 -4.78 -7.55 -13.91
C ARG A 12 -3.67 -8.62 -13.94
N ARG A 13 -2.62 -8.36 -13.19
CA ARG A 13 -1.49 -9.28 -13.13
C ARG A 13 -1.50 -10.04 -11.80
N SER A 14 -2.33 -9.55 -10.88
CA SER A 14 -2.44 -10.16 -9.57
C SER A 14 -3.45 -9.41 -8.71
N ASP A 15 -3.65 -9.91 -7.50
CA ASP A 15 -4.59 -9.28 -6.59
C ASP A 15 -4.05 -9.40 -5.15
N PHE A 16 -2.86 -8.84 -4.95
CA PHE A 16 -2.23 -8.87 -3.66
C PHE A 16 -1.80 -7.47 -3.22
N ARG A 17 -2.79 -6.67 -2.88
CA ARG A 17 -2.54 -5.30 -2.44
C ARG A 17 -2.57 -5.23 -0.91
N VAL A 18 -2.08 -4.10 -0.40
CA VAL A 18 -2.04 -3.89 1.04
C VAL A 18 -2.49 -2.45 1.34
N LEU A 19 -3.60 -2.36 2.07
CA LEU A 19 -4.14 -1.07 2.44
C LEU A 19 -3.39 -0.53 3.67
N VAL A 20 -2.99 0.73 3.58
CA VAL A 20 -2.28 1.36 4.68
C VAL A 20 -2.99 2.66 5.07
N SER A 21 -3.16 2.83 6.37
CA SER A 21 -3.83 4.02 6.88
C SER A 21 -3.06 4.57 8.09
N GLY A 22 -3.22 5.86 8.31
CA GLY A 22 -2.56 6.51 9.43
C GLY A 22 -1.21 7.11 9.00
N LEU A 23 -1.19 7.58 7.76
CA LEU A 23 0.03 8.17 7.21
C LEU A 23 0.07 9.66 7.58
N PRO A 24 1.31 10.21 7.55
CA PRO A 24 1.51 11.62 7.88
C PRO A 24 1.05 12.52 6.73
N PRO A 25 1.00 13.84 7.02
CA PRO A 25 0.58 14.81 6.02
C PRO A 25 1.69 15.04 4.98
N SER A 26 2.90 14.66 5.36
CA SER A 26 4.04 14.83 4.47
C SER A 26 4.44 13.47 3.88
N GLY A 27 3.73 12.43 4.34
CA GLY A 27 4.01 11.09 3.86
C GLY A 27 3.91 11.02 2.34
N SER A 28 4.73 10.14 1.77
CA SER A 28 4.74 9.95 0.33
C SER A 28 4.58 8.48 -0.02
N TRP A 29 4.55 8.19 -1.31
CA TRP A 29 4.40 6.83 -1.79
C TRP A 29 5.79 6.20 -1.88
N GLN A 30 6.71 6.95 -2.45
CA GLN A 30 8.08 6.49 -2.60
C GLN A 30 8.59 5.90 -1.29
N ASP A 31 8.70 6.76 -0.30
CA ASP A 31 9.18 6.34 1.02
C ASP A 31 8.30 5.19 1.53
N LEU A 32 7.00 5.33 1.28
CA LEU A 32 6.05 4.32 1.70
C LEU A 32 6.44 2.98 1.09
N LYS A 33 6.69 2.99 -0.21
CA LYS A 33 7.07 1.79 -0.92
C LYS A 33 8.32 1.19 -0.26
N ASP A 34 9.36 2.01 -0.20
CA ASP A 34 10.62 1.57 0.38
C ASP A 34 10.33 0.84 1.70
N HIS A 35 9.20 1.19 2.30
CA HIS A 35 8.80 0.58 3.55
C HIS A 35 8.01 -0.70 3.27
N MET A 36 7.00 -0.56 2.42
CA MET A 36 6.17 -1.69 2.06
C MET A 36 7.00 -2.81 1.41
N ARG A 37 7.92 -2.39 0.55
CA ARG A 37 8.77 -3.34 -0.14
C ARG A 37 9.23 -4.45 0.82
N GLU A 38 9.27 -4.09 2.10
CA GLU A 38 9.67 -5.05 3.12
C GLU A 38 9.27 -6.48 2.71
N ALA A 39 8.08 -6.57 2.14
CA ALA A 39 7.57 -7.86 1.71
C ALA A 39 8.46 -8.41 0.58
N GLY A 40 8.20 -7.91 -0.62
CA GLY A 40 8.96 -8.34 -1.78
C GLY A 40 9.19 -7.17 -2.75
N ASP A 41 8.69 -7.35 -3.97
CA ASP A 41 8.84 -6.32 -4.99
C ASP A 41 7.50 -5.61 -5.16
N VAL A 42 7.59 -4.29 -5.34
CA VAL A 42 6.40 -3.48 -5.51
C VAL A 42 6.37 -2.94 -6.95
N CYS A 43 5.24 -3.18 -7.60
CA CYS A 43 5.06 -2.73 -8.97
C CYS A 43 4.24 -1.43 -8.95
N TYR A 44 3.43 -1.31 -7.92
CA TYR A 44 2.59 -0.13 -7.77
C TYR A 44 2.71 0.46 -6.36
N ALA A 45 2.68 1.78 -6.30
CA ALA A 45 2.79 2.47 -5.02
C ALA A 45 2.09 3.82 -5.13
N ASP A 46 1.02 3.96 -4.34
CA ASP A 46 0.24 5.19 -4.34
C ASP A 46 -0.04 5.60 -2.89
N VAL A 47 -0.40 6.86 -2.73
CA VAL A 47 -0.70 7.39 -1.40
C VAL A 47 -1.91 8.33 -1.50
N GLN A 48 -2.78 8.22 -0.52
CA GLN A 48 -3.98 9.06 -0.48
C GLN A 48 -3.86 10.09 0.65
N LYS A 49 -4.66 11.13 0.53
CA LYS A 49 -4.66 12.19 1.53
C LYS A 49 -5.15 11.63 2.86
N ASP A 50 -5.21 12.50 3.86
CA ASP A 50 -5.65 12.10 5.18
C ASP A 50 -4.56 11.29 5.86
N GLY A 51 -4.19 10.19 5.21
CA GLY A 51 -3.15 9.32 5.74
C GLY A 51 -3.35 7.88 5.27
N MET A 52 -3.65 7.75 3.99
CA MET A 52 -3.87 6.44 3.39
C MET A 52 -2.74 6.08 2.43
N GLY A 53 -2.61 4.78 2.19
CA GLY A 53 -1.58 4.29 1.29
C GLY A 53 -2.00 2.98 0.63
N MET A 54 -1.36 2.68 -0.50
CA MET A 54 -1.67 1.48 -1.24
C MET A 54 -0.43 0.96 -1.98
N VAL A 55 -0.36 -0.35 -2.12
CA VAL A 55 0.75 -0.98 -2.80
C VAL A 55 0.31 -2.31 -3.40
N GLU A 56 1.03 -2.75 -4.42
CA GLU A 56 0.71 -4.01 -5.07
C GLU A 56 1.92 -4.94 -5.04
N TYR A 57 1.65 -6.23 -4.85
CA TYR A 57 2.69 -7.22 -4.79
C TYR A 57 2.54 -8.25 -5.92
N LEU A 58 3.68 -8.70 -6.42
CA LEU A 58 3.69 -9.67 -7.50
C LEU A 58 3.65 -11.08 -6.91
N ARG A 59 3.41 -11.14 -5.61
CA ARG A 59 3.33 -12.41 -4.91
C ARG A 59 2.33 -12.33 -3.76
N LYS A 60 1.47 -13.34 -3.70
CA LYS A 60 0.46 -13.40 -2.66
C LYS A 60 1.14 -13.46 -1.30
N GLU A 61 1.97 -14.48 -1.12
CA GLU A 61 2.68 -14.66 0.12
C GLU A 61 3.35 -13.35 0.54
N ASP A 62 4.17 -12.83 -0.35
CA ASP A 62 4.88 -11.59 -0.09
C ASP A 62 3.90 -10.56 0.49
N MET A 63 2.65 -10.70 0.07
CA MET A 63 1.61 -9.79 0.53
C MET A 63 1.33 -9.97 2.03
N GLU A 64 0.77 -11.13 2.35
CA GLU A 64 0.46 -11.44 3.74
C GLU A 64 1.65 -11.11 4.64
N TYR A 65 2.84 -11.43 4.14
CA TYR A 65 4.05 -11.18 4.89
C TYR A 65 4.10 -9.73 5.40
N ALA A 66 4.15 -8.81 4.46
CA ALA A 66 4.19 -7.39 4.80
C ALA A 66 2.96 -7.05 5.64
N LEU A 67 1.83 -7.62 5.27
CA LEU A 67 0.59 -7.38 5.97
C LEU A 67 0.82 -7.59 7.48
N ARG A 68 1.27 -8.79 7.81
CA ARG A 68 1.53 -9.12 9.20
C ARG A 68 2.79 -8.41 9.69
N LYS A 69 3.92 -8.83 9.14
CA LYS A 69 5.20 -8.23 9.51
C LYS A 69 5.00 -6.75 9.81
N LEU A 70 4.55 -6.03 8.79
CA LEU A 70 4.32 -4.60 8.94
C LEU A 70 3.21 -4.37 9.95
N ASP A 71 2.04 -4.93 9.64
CA ASP A 71 0.89 -4.79 10.51
C ASP A 71 1.20 -3.77 11.61
N ASP A 72 1.14 -2.50 11.23
CA ASP A 72 1.42 -1.42 12.16
C ASP A 72 2.93 -1.23 12.28
N THR A 73 3.42 -0.19 11.62
CA THR A 73 4.83 0.11 11.64
C THR A 73 5.06 1.61 11.83
N LYS A 74 6.31 1.97 12.02
CA LYS A 74 6.68 3.37 12.21
C LYS A 74 7.23 3.93 10.90
N PHE A 75 6.37 4.66 10.20
CA PHE A 75 6.74 5.25 8.93
C PHE A 75 7.34 6.65 9.14
N ARG A 76 8.38 6.94 8.38
CA ARG A 76 9.04 8.23 8.47
C ARG A 76 8.80 9.05 7.21
N SER A 77 8.04 10.12 7.37
CA SER A 77 7.71 10.99 6.25
C SER A 77 8.98 11.64 5.72
N HIS A 78 8.89 12.15 4.50
CA HIS A 78 10.02 12.80 3.87
C HIS A 78 10.37 14.08 4.62
N GLU A 79 9.46 14.48 5.50
CA GLU A 79 9.66 15.68 6.29
C GLU A 79 10.28 15.33 7.64
N GLY A 80 10.41 14.03 7.88
CA GLY A 80 10.99 13.55 9.12
C GLY A 80 9.90 13.07 10.08
N GLU A 81 8.74 13.70 9.98
CA GLU A 81 7.62 13.36 10.83
C GLU A 81 7.36 11.85 10.80
N THR A 82 7.18 11.28 11.97
CA THR A 82 6.92 9.86 12.08
C THR A 82 5.48 9.60 12.53
N SER A 83 4.95 8.47 12.08
CA SER A 83 3.59 8.10 12.43
C SER A 83 3.40 6.59 12.26
N TYR A 84 2.44 6.06 13.01
CA TYR A 84 2.15 4.64 12.96
C TYR A 84 1.11 4.33 11.87
N ILE A 85 1.52 3.50 10.92
CA ILE A 85 0.64 3.12 9.82
C ILE A 85 0.34 1.63 9.92
N ARG A 86 -0.95 1.31 9.82
CA ARG A 86 -1.38 -0.08 9.88
C ARG A 86 -1.42 -0.69 8.49
N VAL A 87 -1.22 -2.00 8.43
CA VAL A 87 -1.24 -2.71 7.17
C VAL A 87 -2.36 -3.76 7.18
N TYR A 88 -3.26 -3.62 6.23
CA TYR A 88 -4.39 -4.53 6.13
C TYR A 88 -4.79 -4.75 4.66
N PRO A 89 -5.48 -5.89 4.43
CA PRO A 89 -5.93 -6.23 3.08
C PRO A 89 -7.12 -5.37 2.67
N GLU A 90 -7.56 -5.59 1.43
CA GLU A 90 -8.69 -4.85 0.91
C GLU A 90 -9.98 -5.65 1.08
N ARG A 91 -10.88 -5.09 1.87
CA ARG A 91 -12.16 -5.74 2.13
C ARG A 91 -13.17 -5.39 1.03
N SER A 92 -13.84 -6.42 0.54
CA SER A 92 -14.83 -6.25 -0.50
C SER A 92 -16.24 -6.31 0.09
N SER A 93 -17.19 -5.74 -0.65
CA SER A 93 -18.57 -5.72 -0.21
C SER A 93 -19.50 -5.71 -1.42
N GLY A 94 -20.65 -6.37 -1.26
CA GLY A 94 -21.63 -6.45 -2.33
C GLY A 94 -21.16 -7.39 -3.44
N PRO A 95 -21.32 -8.71 -3.19
CA PRO A 95 -20.92 -9.72 -4.16
C PRO A 95 -21.90 -9.77 -5.33
N SER A 96 -21.76 -8.80 -6.23
CA SER A 96 -22.62 -8.74 -7.39
C SER A 96 -21.79 -8.87 -8.67
N SER A 97 -22.47 -9.22 -9.75
CA SER A 97 -21.81 -9.38 -11.04
C SER A 97 -22.62 -8.69 -12.13
N GLY A 98 -22.46 -7.37 -12.21
CA GLY A 98 -23.17 -6.59 -13.20
C GLY A 98 -24.53 -6.14 -12.68
N GLY A 1 1.39 12.54 -7.38
CA GLY A 1 0.16 13.31 -7.43
C GLY A 1 -0.58 13.08 -8.76
N SER A 2 -1.89 12.94 -8.66
CA SER A 2 -2.71 12.71 -9.83
C SER A 2 -2.27 11.43 -10.54
N SER A 3 -2.99 10.35 -10.22
CA SER A 3 -2.69 9.06 -10.81
C SER A 3 -3.42 8.91 -12.14
N GLY A 4 -2.68 9.14 -13.23
CA GLY A 4 -3.25 9.04 -14.56
C GLY A 4 -2.99 7.65 -15.15
N SER A 5 -3.82 7.29 -16.13
CA SER A 5 -3.69 6.00 -16.78
C SER A 5 -4.67 5.92 -17.95
N SER A 6 -4.12 5.96 -19.16
CA SER A 6 -4.93 5.88 -20.35
C SER A 6 -5.81 4.63 -20.32
N GLY A 7 -7.08 4.83 -20.65
CA GLY A 7 -8.03 3.73 -20.65
C GLY A 7 -9.03 3.88 -19.51
N GLY A 8 -8.71 3.24 -18.39
CA GLY A 8 -9.56 3.30 -17.23
C GLY A 8 -8.80 2.86 -15.97
N PRO A 9 -8.96 1.55 -15.63
CA PRO A 9 -8.29 1.00 -14.46
C PRO A 9 -6.81 0.79 -14.72
N PRO A 10 -6.01 0.83 -13.62
CA PRO A 10 -4.58 0.65 -13.73
C PRO A 10 -4.22 -0.82 -13.95
N THR A 11 -3.03 -1.03 -14.48
CA THR A 11 -2.56 -2.38 -14.75
C THR A 11 -2.85 -3.30 -13.56
N ARG A 12 -3.14 -4.55 -13.88
CA ARG A 12 -3.44 -5.54 -12.85
C ARG A 12 -2.91 -6.91 -13.26
N ARG A 13 -1.65 -7.15 -12.94
CA ARG A 13 -1.02 -8.41 -13.28
C ARG A 13 -1.37 -9.47 -12.23
N SER A 14 -1.65 -9.00 -11.02
CA SER A 14 -2.01 -9.88 -9.94
C SER A 14 -3.18 -9.31 -9.14
N ASP A 15 -3.46 -9.94 -8.01
CA ASP A 15 -4.54 -9.49 -7.16
C ASP A 15 -4.12 -9.61 -5.69
N PHE A 16 -3.16 -8.77 -5.31
CA PHE A 16 -2.65 -8.77 -3.95
C PHE A 16 -2.07 -7.41 -3.59
N ARG A 17 -2.82 -6.67 -2.77
CA ARG A 17 -2.40 -5.36 -2.34
C ARG A 17 -2.68 -5.17 -0.85
N VAL A 18 -2.04 -4.16 -0.28
CA VAL A 18 -2.21 -3.87 1.13
C VAL A 18 -2.70 -2.42 1.29
N LEU A 19 -3.68 -2.26 2.16
CA LEU A 19 -4.25 -0.95 2.41
C LEU A 19 -3.56 -0.32 3.62
N VAL A 20 -2.84 0.75 3.37
CA VAL A 20 -2.13 1.45 4.42
C VAL A 20 -2.99 2.60 4.94
N SER A 21 -3.06 2.69 6.26
CA SER A 21 -3.85 3.74 6.90
C SER A 21 -3.09 4.31 8.09
N GLY A 22 -3.21 5.62 8.26
CA GLY A 22 -2.54 6.30 9.37
C GLY A 22 -1.22 6.91 8.91
N LEU A 23 -1.22 7.38 7.67
CA LEU A 23 -0.02 7.98 7.10
C LEU A 23 0.06 9.45 7.56
N PRO A 24 1.31 9.99 7.54
CA PRO A 24 1.54 11.36 7.94
C PRO A 24 1.07 12.33 6.86
N PRO A 25 1.08 13.64 7.22
CA PRO A 25 0.66 14.68 6.30
C PRO A 25 1.72 14.94 5.22
N SER A 26 2.92 14.48 5.52
CA SER A 26 4.03 14.65 4.59
C SER A 26 4.38 13.32 3.94
N GLY A 27 3.95 12.24 4.60
CA GLY A 27 4.21 10.90 4.09
C GLY A 27 4.09 10.85 2.58
N SER A 28 4.96 10.07 1.96
CA SER A 28 4.95 9.94 0.51
C SER A 28 4.88 8.46 0.13
N TRP A 29 4.69 8.22 -1.17
CA TRP A 29 4.60 6.86 -1.67
C TRP A 29 6.02 6.29 -1.74
N GLN A 30 6.91 7.07 -2.33
CA GLN A 30 8.30 6.66 -2.46
C GLN A 30 8.80 6.06 -1.15
N ASP A 31 8.78 6.88 -0.12
CA ASP A 31 9.24 6.44 1.19
C ASP A 31 8.43 5.23 1.63
N LEU A 32 7.12 5.33 1.43
CA LEU A 32 6.22 4.24 1.80
C LEU A 32 6.70 2.95 1.13
N LYS A 33 6.88 3.03 -0.18
CA LYS A 33 7.33 1.87 -0.95
C LYS A 33 8.59 1.30 -0.30
N ASP A 34 9.64 2.11 -0.30
CA ASP A 34 10.91 1.70 0.27
C ASP A 34 10.64 0.94 1.58
N HIS A 35 9.54 1.29 2.21
CA HIS A 35 9.16 0.66 3.47
C HIS A 35 8.37 -0.62 3.18
N MET A 36 7.32 -0.45 2.39
CA MET A 36 6.47 -1.58 2.04
C MET A 36 7.29 -2.69 1.37
N ARG A 37 8.21 -2.26 0.51
CA ARG A 37 9.06 -3.20 -0.20
C ARG A 37 9.48 -4.34 0.73
N GLU A 38 9.54 -4.02 2.01
CA GLU A 38 9.94 -5.00 3.02
C GLU A 38 9.47 -6.40 2.60
N ALA A 39 8.27 -6.44 2.05
CA ALA A 39 7.68 -7.70 1.61
C ALA A 39 8.56 -8.30 0.52
N GLY A 40 8.46 -7.71 -0.66
CA GLY A 40 9.24 -8.17 -1.80
C GLY A 40 9.39 -7.08 -2.86
N ASP A 41 8.79 -7.33 -4.02
CA ASP A 41 8.83 -6.38 -5.11
C ASP A 41 7.51 -5.63 -5.20
N VAL A 42 7.61 -4.32 -5.28
CA VAL A 42 6.43 -3.47 -5.36
C VAL A 42 6.31 -2.91 -6.78
N CYS A 43 5.18 -3.18 -7.40
CA CYS A 43 4.93 -2.70 -8.74
C CYS A 43 3.98 -1.50 -8.66
N TYR A 44 3.16 -1.51 -7.62
CA TYR A 44 2.21 -0.43 -7.42
C TYR A 44 2.46 0.28 -6.09
N ALA A 45 2.45 1.61 -6.15
CA ALA A 45 2.67 2.41 -4.95
C ALA A 45 1.97 3.76 -5.11
N ASP A 46 0.94 3.94 -4.29
CA ASP A 46 0.17 5.18 -4.32
C ASP A 46 -0.21 5.58 -2.90
N VAL A 47 -0.35 6.87 -2.69
CA VAL A 47 -0.71 7.39 -1.38
C VAL A 47 -1.68 8.57 -1.56
N GLN A 48 -2.66 8.62 -0.67
CA GLN A 48 -3.65 9.68 -0.71
C GLN A 48 -3.61 10.50 0.58
N LYS A 49 -4.33 11.62 0.55
CA LYS A 49 -4.37 12.49 1.72
C LYS A 49 -5.00 11.74 2.89
N ASP A 50 -5.26 12.48 3.95
CA ASP A 50 -5.84 11.90 5.15
C ASP A 50 -4.79 11.05 5.87
N GLY A 51 -4.29 10.06 5.15
CA GLY A 51 -3.28 9.17 5.72
C GLY A 51 -3.53 7.73 5.27
N MET A 52 -3.82 7.57 3.99
CA MET A 52 -4.07 6.26 3.44
C MET A 52 -3.11 5.95 2.28
N GLY A 53 -2.66 4.71 2.24
CA GLY A 53 -1.74 4.28 1.21
C GLY A 53 -2.19 2.95 0.59
N MET A 54 -1.59 2.64 -0.55
CA MET A 54 -1.92 1.40 -1.25
C MET A 54 -0.73 0.90 -2.06
N VAL A 55 -0.43 -0.38 -1.88
CA VAL A 55 0.68 -1.00 -2.59
C VAL A 55 0.26 -2.38 -3.07
N GLU A 56 0.81 -2.76 -4.22
CA GLU A 56 0.50 -4.06 -4.80
C GLU A 56 1.77 -4.90 -4.94
N TYR A 57 1.60 -6.20 -4.78
CA TYR A 57 2.73 -7.12 -4.88
C TYR A 57 2.49 -8.16 -5.97
N LEU A 58 3.59 -8.70 -6.48
CA LEU A 58 3.51 -9.71 -7.52
C LEU A 58 3.54 -11.11 -6.88
N ARG A 59 3.28 -11.13 -5.58
CA ARG A 59 3.26 -12.38 -4.84
C ARG A 59 2.23 -12.31 -3.71
N LYS A 60 1.50 -13.42 -3.56
CA LYS A 60 0.48 -13.50 -2.52
C LYS A 60 1.15 -13.45 -1.15
N GLU A 61 2.05 -14.39 -0.93
CA GLU A 61 2.78 -14.45 0.33
C GLU A 61 3.32 -13.08 0.71
N ASP A 62 3.94 -12.44 -0.27
CA ASP A 62 4.52 -11.13 -0.06
C ASP A 62 3.47 -10.21 0.60
N MET A 63 2.25 -10.30 0.08
CA MET A 63 1.16 -9.49 0.60
C MET A 63 0.94 -9.77 2.09
N GLU A 64 0.67 -11.03 2.39
CA GLU A 64 0.43 -11.44 3.76
C GLU A 64 1.66 -11.12 4.62
N TYR A 65 2.82 -11.40 4.06
CA TYR A 65 4.07 -11.16 4.77
C TYR A 65 4.12 -9.73 5.32
N ALA A 66 4.17 -8.77 4.40
CA ALA A 66 4.21 -7.36 4.77
C ALA A 66 3.02 -7.05 5.67
N LEU A 67 1.87 -7.61 5.31
CA LEU A 67 0.66 -7.39 6.07
C LEU A 67 0.94 -7.64 7.55
N ARG A 68 1.37 -8.85 7.84
CA ARG A 68 1.67 -9.22 9.22
C ARG A 68 2.96 -8.52 9.69
N LYS A 69 4.06 -8.92 9.08
CA LYS A 69 5.35 -8.34 9.43
C LYS A 69 5.16 -6.86 9.77
N LEU A 70 4.74 -6.11 8.77
CA LEU A 70 4.51 -4.68 8.95
C LEU A 70 3.40 -4.47 9.99
N ASP A 71 2.21 -4.96 9.65
CA ASP A 71 1.07 -4.83 10.54
C ASP A 71 1.37 -3.76 11.60
N ASP A 72 1.04 -2.52 11.26
CA ASP A 72 1.26 -1.41 12.16
C ASP A 72 2.78 -1.19 12.33
N THR A 73 3.27 -0.19 11.62
CA THR A 73 4.69 0.13 11.67
C THR A 73 4.88 1.65 11.80
N LYS A 74 6.11 2.02 12.10
CA LYS A 74 6.45 3.43 12.25
C LYS A 74 7.06 3.95 10.96
N PHE A 75 6.21 4.60 10.17
CA PHE A 75 6.66 5.15 8.90
C PHE A 75 7.18 6.58 9.07
N ARG A 76 8.34 6.81 8.49
CA ARG A 76 8.97 8.13 8.56
C ARG A 76 8.76 8.89 7.26
N SER A 77 8.04 9.99 7.35
CA SER A 77 7.76 10.82 6.20
C SER A 77 9.04 11.48 5.71
N HIS A 78 8.96 12.06 4.52
CA HIS A 78 10.10 12.72 3.92
C HIS A 78 10.44 13.98 4.74
N GLU A 79 9.52 14.35 5.60
CA GLU A 79 9.70 15.52 6.45
C GLU A 79 10.23 15.11 7.82
N GLY A 80 10.53 13.83 7.95
CA GLY A 80 11.04 13.30 9.20
C GLY A 80 9.90 12.83 10.11
N GLU A 81 8.81 13.58 10.07
CA GLU A 81 7.64 13.26 10.87
C GLU A 81 7.28 11.78 10.72
N THR A 82 7.26 11.08 11.85
CA THR A 82 6.94 9.67 11.84
C THR A 82 5.48 9.46 12.23
N SER A 83 4.93 8.33 11.80
CA SER A 83 3.55 8.00 12.11
C SER A 83 3.35 6.48 12.04
N TYR A 84 2.29 6.03 12.70
CA TYR A 84 1.97 4.61 12.72
C TYR A 84 1.03 4.23 11.58
N ILE A 85 1.56 3.44 10.67
CA ILE A 85 0.78 2.99 9.52
C ILE A 85 0.44 1.52 9.69
N ARG A 86 -0.83 1.20 9.46
CA ARG A 86 -1.30 -0.17 9.57
C ARG A 86 -1.34 -0.83 8.20
N VAL A 87 -1.23 -2.15 8.21
CA VAL A 87 -1.26 -2.92 6.97
C VAL A 87 -2.34 -3.99 7.07
N TYR A 88 -3.26 -3.94 6.10
CA TYR A 88 -4.35 -4.90 6.08
C TYR A 88 -4.86 -5.10 4.64
N PRO A 89 -5.49 -6.28 4.42
CA PRO A 89 -6.02 -6.60 3.11
C PRO A 89 -7.32 -5.83 2.83
N GLU A 90 -7.81 -5.97 1.61
CA GLU A 90 -9.02 -5.29 1.21
C GLU A 90 -10.23 -6.21 1.39
N ARG A 91 -11.39 -5.59 1.57
CA ARG A 91 -12.62 -6.33 1.75
C ARG A 91 -13.60 -6.01 0.63
N SER A 92 -14.22 -7.07 0.11
CA SER A 92 -15.18 -6.92 -0.97
C SER A 92 -15.88 -8.26 -1.25
N SER A 93 -16.78 -8.23 -2.20
CA SER A 93 -17.52 -9.43 -2.58
C SER A 93 -18.21 -9.22 -3.92
N GLY A 94 -18.68 -10.32 -4.49
CA GLY A 94 -19.37 -10.28 -5.76
C GLY A 94 -19.45 -11.68 -6.39
N PRO A 95 -20.70 -12.21 -6.43
CA PRO A 95 -20.94 -13.53 -6.99
C PRO A 95 -20.87 -13.49 -8.51
N SER A 96 -21.57 -12.52 -9.09
CA SER A 96 -21.60 -12.37 -10.53
C SER A 96 -22.09 -13.66 -11.19
N SER A 97 -23.36 -13.62 -11.61
CA SER A 97 -23.96 -14.77 -12.25
C SER A 97 -24.69 -14.34 -13.53
N GLY A 98 -24.82 -15.29 -14.45
CA GLY A 98 -25.49 -15.02 -15.70
C GLY A 98 -25.08 -16.03 -16.78
N GLY A 1 10.54 -2.38 -11.38
CA GLY A 1 11.09 -1.54 -12.44
C GLY A 1 10.05 -1.31 -13.55
N SER A 2 9.12 -0.42 -13.26
CA SER A 2 8.07 -0.10 -14.22
C SER A 2 7.50 1.29 -13.94
N SER A 3 7.81 2.21 -14.83
CA SER A 3 7.34 3.58 -14.68
C SER A 3 6.16 3.83 -15.64
N GLY A 4 6.43 3.64 -16.92
CA GLY A 4 5.41 3.84 -17.94
C GLY A 4 5.84 3.20 -19.27
N SER A 5 5.57 1.92 -19.38
CA SER A 5 5.91 1.18 -20.58
C SER A 5 4.96 1.57 -21.72
N SER A 6 3.67 1.36 -21.48
CA SER A 6 2.66 1.68 -22.46
C SER A 6 1.28 1.71 -21.81
N GLY A 7 0.44 2.61 -22.30
CA GLY A 7 -0.90 2.76 -21.78
C GLY A 7 -1.95 2.37 -22.83
N GLY A 8 -3.15 2.10 -22.36
CA GLY A 8 -4.25 1.73 -23.23
C GLY A 8 -5.16 0.71 -22.56
N PRO A 9 -4.73 -0.58 -22.58
CA PRO A 9 -5.50 -1.65 -21.99
C PRO A 9 -5.39 -1.61 -20.45
N PRO A 10 -6.27 -2.41 -19.80
CA PRO A 10 -6.29 -2.47 -18.35
C PRO A 10 -5.11 -3.29 -17.82
N THR A 11 -4.45 -2.72 -16.82
CA THR A 11 -3.30 -3.38 -16.22
C THR A 11 -3.64 -4.83 -15.86
N ARG A 12 -2.72 -5.72 -16.20
CA ARG A 12 -2.92 -7.14 -15.92
C ARG A 12 -1.80 -7.66 -15.02
N ARG A 13 -2.03 -7.53 -13.72
CA ARG A 13 -1.05 -7.98 -12.75
C ARG A 13 -1.76 -8.71 -11.59
N SER A 14 -0.96 -9.08 -10.60
CA SER A 14 -1.49 -9.77 -9.44
C SER A 14 -2.59 -8.94 -8.79
N ASP A 15 -3.50 -9.65 -8.13
CA ASP A 15 -4.62 -8.98 -7.47
C ASP A 15 -4.41 -9.04 -5.94
N PHE A 16 -3.16 -8.83 -5.54
CA PHE A 16 -2.80 -8.86 -4.13
C PHE A 16 -2.13 -7.55 -3.71
N ARG A 17 -2.83 -6.79 -2.90
CA ARG A 17 -2.32 -5.52 -2.41
C ARG A 17 -2.60 -5.37 -0.92
N VAL A 18 -1.94 -4.38 -0.33
CA VAL A 18 -2.11 -4.12 1.09
C VAL A 18 -2.63 -2.69 1.28
N LEU A 19 -3.69 -2.57 2.06
CA LEU A 19 -4.29 -1.27 2.33
C LEU A 19 -3.61 -0.65 3.55
N VAL A 20 -3.07 0.54 3.34
CA VAL A 20 -2.38 1.26 4.40
C VAL A 20 -3.17 2.53 4.75
N SER A 21 -3.34 2.75 6.04
CA SER A 21 -4.06 3.91 6.51
C SER A 21 -3.42 4.45 7.79
N GLY A 22 -3.09 5.73 7.75
CA GLY A 22 -2.47 6.38 8.90
C GLY A 22 -1.31 7.26 8.46
N LEU A 23 -0.99 7.19 7.17
CA LEU A 23 0.10 7.97 6.62
C LEU A 23 0.08 9.37 7.24
N PRO A 24 1.29 9.97 7.30
CA PRO A 24 1.42 11.31 7.87
C PRO A 24 0.90 12.37 6.89
N PRO A 25 0.87 13.64 7.38
CA PRO A 25 0.41 14.75 6.57
C PRO A 25 1.45 15.14 5.52
N SER A 26 2.67 14.67 5.74
CA SER A 26 3.76 14.97 4.84
C SER A 26 4.34 13.66 4.27
N GLY A 27 3.64 12.57 4.56
CA GLY A 27 4.07 11.26 4.09
C GLY A 27 4.09 11.21 2.56
N SER A 28 4.77 10.20 2.04
CA SER A 28 4.88 10.03 0.60
C SER A 28 4.84 8.54 0.25
N TRP A 29 4.58 8.27 -1.02
CA TRP A 29 4.52 6.90 -1.50
C TRP A 29 5.95 6.36 -1.60
N GLN A 30 6.81 7.17 -2.20
CA GLN A 30 8.19 6.78 -2.36
C GLN A 30 8.70 6.06 -1.11
N ASP A 31 8.85 6.84 -0.05
CA ASP A 31 9.32 6.29 1.21
C ASP A 31 8.47 5.09 1.59
N LEU A 32 7.15 5.28 1.52
CA LEU A 32 6.22 4.21 1.85
C LEU A 32 6.64 2.93 1.14
N LYS A 33 6.83 3.04 -0.17
CA LYS A 33 7.23 1.90 -0.97
C LYS A 33 8.49 1.28 -0.37
N ASP A 34 9.57 2.05 -0.42
CA ASP A 34 10.84 1.59 0.12
C ASP A 34 10.61 0.82 1.41
N HIS A 35 9.55 1.21 2.11
CA HIS A 35 9.20 0.56 3.36
C HIS A 35 8.38 -0.70 3.08
N MET A 36 7.23 -0.48 2.46
CA MET A 36 6.34 -1.59 2.11
C MET A 36 7.10 -2.70 1.40
N ARG A 37 8.02 -2.30 0.54
CA ARG A 37 8.82 -3.25 -0.21
C ARG A 37 9.27 -4.39 0.70
N GLU A 38 9.35 -4.09 1.98
CA GLU A 38 9.76 -5.07 2.96
C GLU A 38 9.32 -6.47 2.53
N ALA A 39 8.10 -6.53 2.01
CA ALA A 39 7.55 -7.80 1.54
C ALA A 39 8.43 -8.36 0.43
N GLY A 40 8.21 -7.85 -0.77
CA GLY A 40 8.99 -8.31 -1.92
C GLY A 40 9.20 -7.16 -2.92
N ASP A 41 8.56 -7.30 -4.07
CA ASP A 41 8.67 -6.29 -5.10
C ASP A 41 7.36 -5.52 -5.21
N VAL A 42 7.46 -4.20 -5.17
CA VAL A 42 6.29 -3.35 -5.26
C VAL A 42 6.20 -2.76 -6.68
N CYS A 43 5.13 -3.13 -7.36
CA CYS A 43 4.91 -2.64 -8.71
C CYS A 43 4.01 -1.42 -8.65
N TYR A 44 3.23 -1.35 -7.57
CA TYR A 44 2.32 -0.24 -7.38
C TYR A 44 2.50 0.39 -6.00
N ALA A 45 2.59 1.70 -5.98
CA ALA A 45 2.76 2.44 -4.74
C ALA A 45 2.18 3.84 -4.88
N ASP A 46 1.16 4.11 -4.10
CA ASP A 46 0.50 5.41 -4.13
C ASP A 46 0.04 5.77 -2.72
N VAL A 47 -0.27 7.05 -2.55
CA VAL A 47 -0.73 7.55 -1.25
C VAL A 47 -1.80 8.60 -1.47
N GLN A 48 -2.80 8.58 -0.59
CA GLN A 48 -3.89 9.52 -0.67
C GLN A 48 -3.86 10.48 0.52
N LYS A 49 -4.50 11.63 0.34
CA LYS A 49 -4.56 12.63 1.40
C LYS A 49 -5.07 11.98 2.69
N ASP A 50 -5.18 12.79 3.72
CA ASP A 50 -5.65 12.32 5.01
C ASP A 50 -4.56 11.44 5.64
N GLY A 51 -4.19 10.39 4.92
CA GLY A 51 -3.17 9.47 5.41
C GLY A 51 -3.47 8.04 4.96
N MET A 52 -3.63 7.89 3.66
CA MET A 52 -3.92 6.58 3.09
C MET A 52 -2.81 6.14 2.12
N GLY A 53 -2.74 4.83 1.91
CA GLY A 53 -1.74 4.29 1.01
C GLY A 53 -2.23 2.99 0.37
N MET A 54 -1.60 2.63 -0.73
CA MET A 54 -1.96 1.42 -1.45
C MET A 54 -0.78 0.89 -2.25
N VAL A 55 -0.35 -0.32 -1.88
CA VAL A 55 0.76 -0.96 -2.56
C VAL A 55 0.35 -2.35 -3.03
N GLU A 56 0.79 -2.69 -4.24
CA GLU A 56 0.46 -3.98 -4.82
C GLU A 56 1.69 -4.90 -4.77
N TYR A 57 1.41 -6.20 -4.73
CA TYR A 57 2.48 -7.18 -4.69
C TYR A 57 2.29 -8.23 -5.79
N LEU A 58 3.41 -8.63 -6.38
CA LEU A 58 3.39 -9.61 -7.45
C LEU A 58 3.43 -11.01 -6.83
N ARG A 59 3.27 -11.06 -5.52
CA ARG A 59 3.29 -12.33 -4.81
C ARG A 59 2.28 -12.29 -3.65
N LYS A 60 1.54 -13.38 -3.52
CA LYS A 60 0.54 -13.49 -2.47
C LYS A 60 1.24 -13.42 -1.10
N GLU A 61 2.18 -14.33 -0.90
CA GLU A 61 2.92 -14.38 0.35
C GLU A 61 3.39 -12.99 0.73
N ASP A 62 4.04 -12.33 -0.22
CA ASP A 62 4.54 -10.98 0.02
C ASP A 62 3.46 -10.14 0.69
N MET A 63 2.27 -10.17 0.10
CA MET A 63 1.16 -9.43 0.64
C MET A 63 0.95 -9.72 2.12
N GLU A 64 0.67 -10.99 2.41
CA GLU A 64 0.45 -11.41 3.78
C GLU A 64 1.69 -11.12 4.63
N TYR A 65 2.84 -11.44 4.07
CA TYR A 65 4.10 -11.22 4.75
C TYR A 65 4.19 -9.79 5.30
N ALA A 66 4.19 -8.84 4.38
CA ALA A 66 4.26 -7.44 4.75
C ALA A 66 3.08 -7.09 5.64
N LEU A 67 1.93 -7.67 5.31
CA LEU A 67 0.73 -7.42 6.09
C LEU A 67 1.01 -7.66 7.57
N ARG A 68 1.48 -8.87 7.87
CA ARG A 68 1.80 -9.23 9.24
C ARG A 68 3.08 -8.53 9.68
N LYS A 69 4.18 -8.94 9.06
CA LYS A 69 5.48 -8.37 9.38
C LYS A 69 5.30 -6.88 9.73
N LEU A 70 4.79 -6.14 8.76
CA LEU A 70 4.57 -4.72 8.95
C LEU A 70 3.47 -4.51 9.99
N ASP A 71 2.29 -4.98 9.66
CA ASP A 71 1.16 -4.86 10.56
C ASP A 71 1.45 -3.78 11.61
N ASP A 72 1.12 -2.56 11.25
CA ASP A 72 1.34 -1.42 12.14
C ASP A 72 2.84 -1.24 12.35
N THR A 73 3.37 -0.20 11.71
CA THR A 73 4.79 0.11 11.82
C THR A 73 5.01 1.61 11.91
N LYS A 74 6.26 1.98 12.10
CA LYS A 74 6.62 3.38 12.20
C LYS A 74 7.18 3.87 10.87
N PHE A 75 6.32 4.52 10.10
CA PHE A 75 6.71 5.03 8.80
C PHE A 75 7.35 6.42 8.93
N ARG A 76 8.47 6.59 8.25
CA ARG A 76 9.18 7.86 8.28
C ARG A 76 9.03 8.59 6.95
N SER A 77 8.33 9.71 6.99
CA SER A 77 8.11 10.51 5.79
C SER A 77 9.42 11.14 5.34
N HIS A 78 9.34 11.85 4.22
CA HIS A 78 10.52 12.50 3.66
C HIS A 78 10.83 13.76 4.47
N GLU A 79 9.86 14.17 5.26
CA GLU A 79 10.02 15.36 6.10
C GLU A 79 10.59 14.97 7.46
N GLY A 80 10.80 13.67 7.64
CA GLY A 80 11.34 13.17 8.89
C GLY A 80 10.22 12.72 9.82
N GLU A 81 9.09 13.40 9.71
CA GLU A 81 7.94 13.09 10.54
C GLU A 81 7.64 11.58 10.50
N THR A 82 7.35 11.03 11.66
CA THR A 82 7.05 9.62 11.76
C THR A 82 5.63 9.41 12.31
N SER A 83 4.95 8.41 11.76
CA SER A 83 3.60 8.09 12.18
C SER A 83 3.39 6.58 12.19
N TYR A 84 2.21 6.18 12.65
CA TYR A 84 1.87 4.77 12.71
C TYR A 84 0.86 4.40 11.63
N ILE A 85 1.28 3.50 10.75
CA ILE A 85 0.42 3.06 9.66
C ILE A 85 0.20 1.55 9.78
N ARG A 86 -1.06 1.15 9.63
CA ARG A 86 -1.41 -0.26 9.71
C ARG A 86 -1.41 -0.89 8.32
N VAL A 87 -1.28 -2.21 8.30
CA VAL A 87 -1.27 -2.93 7.05
C VAL A 87 -2.37 -4.00 7.07
N TYR A 88 -3.36 -3.78 6.21
CA TYR A 88 -4.48 -4.71 6.12
C TYR A 88 -4.87 -4.95 4.66
N PRO A 89 -5.57 -6.10 4.44
CA PRO A 89 -6.00 -6.45 3.10
C PRO A 89 -7.20 -5.61 2.67
N GLU A 90 -7.67 -5.88 1.46
CA GLU A 90 -8.81 -5.15 0.91
C GLU A 90 -10.12 -5.82 1.35
N ARG A 91 -11.12 -4.98 1.58
CA ARG A 91 -12.42 -5.47 2.01
C ARG A 91 -13.28 -5.80 0.78
N SER A 92 -13.49 -7.09 0.57
CA SER A 92 -14.29 -7.55 -0.55
C SER A 92 -15.57 -8.21 -0.04
N SER A 93 -16.64 -8.01 -0.79
CA SER A 93 -17.92 -8.58 -0.42
C SER A 93 -18.97 -8.23 -1.48
N GLY A 94 -19.64 -9.26 -1.98
CA GLY A 94 -20.66 -9.07 -2.99
C GLY A 94 -21.13 -10.41 -3.56
N PRO A 95 -22.44 -10.46 -3.92
CA PRO A 95 -23.02 -11.67 -4.48
C PRO A 95 -22.58 -11.87 -5.93
N SER A 96 -21.94 -13.00 -6.17
CA SER A 96 -21.47 -13.32 -7.52
C SER A 96 -22.66 -13.56 -8.44
N SER A 97 -23.49 -14.52 -8.06
CA SER A 97 -24.66 -14.85 -8.85
C SER A 97 -24.25 -15.20 -10.28
N GLY A 98 -23.81 -16.45 -10.45
CA GLY A 98 -23.38 -16.91 -11.76
C GLY A 98 -24.20 -18.12 -12.20
#